data_8WWD
#
_entry.id   8WWD
#
_cell.length_a   42.183
_cell.length_b   290.538
_cell.length_c   54.277
_cell.angle_alpha   90.00
_cell.angle_beta   98.38
_cell.angle_gamma   90.00
#
_symmetry.space_group_name_H-M   'P 1 21 1'
#
loop_
_entity.id
_entity.type
_entity.pdbx_description
1 polymer 'Zinc-containing alcohol dehydrogenase'
2 non-polymer 'ZINC ION'
3 water water
#
_entity_poly.entity_id   1
_entity_poly.type   'polypeptide(L)'
_entity_poly.pdbx_seq_one_letter_code
;HHHHHHSSGGMKALVYTGVAQLAFRDVPEPVPAAGDHLIRIDSVGICGSDMHAYLGHDDRRPAPLILGHEGAGVIIGGPR
DGERVTINPLVTCGTCPACVSGRDNLCATRQIISMPPRDGAFAQYVAMPARNLVTVPDDVPLEKAALAEPVAVSWHAVRL
GLASMADARRDSALVIGGGAIGVAAAISLQAQGVADVTLVEPNAMRREYLARDANYTIATPEQVAGRVFDITVDGVGYDA
TRAAASAATRPGGLLLHIGLGGGSAGLDIRRITLQEITVIGTYTYTAQDFRDTCAAMFDGRLGGLDWTESRPLSAGADAF
ADIRAGRVPAPKIILKP
;
_entity_poly.pdbx_strand_id   A,B,C,D
#
loop_
_chem_comp.id
_chem_comp.type
_chem_comp.name
_chem_comp.formula
ZN non-polymer 'ZINC ION' 'Zn 2'
#
# COMPACT_ATOMS: atom_id res chain seq x y z
N HIS A 1 9.73 14.06 -50.40
CA HIS A 1 8.93 12.81 -50.18
C HIS A 1 7.67 13.15 -49.38
N HIS A 2 6.53 13.39 -50.04
CA HIS A 2 5.22 13.63 -49.37
C HIS A 2 4.57 12.30 -49.03
N HIS A 3 4.05 12.17 -47.81
CA HIS A 3 3.16 11.04 -47.41
C HIS A 3 2.01 10.96 -48.44
N HIS A 4 1.61 9.74 -48.78
CA HIS A 4 0.43 9.47 -49.67
C HIS A 4 -0.42 8.32 -49.15
N HIS A 5 -1.71 8.36 -49.51
CA HIS A 5 -2.68 7.25 -49.51
C HIS A 5 -2.88 6.77 -50.96
N HIS A 6 -1.91 6.05 -51.53
CA HIS A 6 -1.97 5.47 -52.90
C HIS A 6 -2.85 4.20 -52.88
N SER A 7 -2.85 3.52 -51.74
CA SER A 7 -3.73 2.38 -51.41
C SER A 7 -4.59 2.76 -50.19
N SER A 8 -5.77 2.19 -50.09
CA SER A 8 -6.74 2.50 -49.00
C SER A 8 -7.52 1.24 -48.66
N GLY A 9 -7.85 1.08 -47.39
CA GLY A 9 -8.86 0.14 -46.94
C GLY A 9 -10.12 0.89 -46.55
N GLY A 10 -10.48 0.77 -45.27
CA GLY A 10 -11.68 1.37 -44.70
C GLY A 10 -11.37 2.46 -43.69
N MET A 11 -12.43 3.18 -43.31
CA MET A 11 -12.45 4.15 -42.21
C MET A 11 -13.73 3.93 -41.41
N LYS A 12 -13.78 4.49 -40.22
CA LYS A 12 -15.02 4.53 -39.40
C LYS A 12 -15.89 5.68 -39.91
N ALA A 13 -17.17 5.39 -40.06
CA ALA A 13 -18.21 6.39 -40.29
C ALA A 13 -19.45 6.02 -39.48
N LEU A 14 -20.20 7.02 -39.06
CA LEU A 14 -21.54 6.88 -38.46
C LEU A 14 -22.54 6.98 -39.59
N VAL A 15 -23.13 5.85 -40.00
N VAL A 15 -23.16 5.86 -39.94
CA VAL A 15 -24.00 5.79 -41.20
CA VAL A 15 -24.01 5.72 -41.18
C VAL A 15 -25.46 5.79 -40.78
C VAL A 15 -25.48 5.77 -40.78
N TYR A 16 -26.26 6.65 -41.41
CA TYR A 16 -27.72 6.57 -41.39
C TYR A 16 -28.13 5.35 -42.23
N THR A 17 -28.61 4.28 -41.59
CA THR A 17 -28.98 3.02 -42.29
C THR A 17 -30.51 2.89 -42.40
N GLY A 18 -31.27 3.71 -41.69
CA GLY A 18 -32.73 3.59 -41.66
C GLY A 18 -33.26 4.50 -40.58
N VAL A 19 -34.57 4.67 -40.47
CA VAL A 19 -35.19 5.71 -39.61
C VAL A 19 -34.61 5.54 -38.21
N ALA A 20 -34.01 6.60 -37.65
CA ALA A 20 -33.49 6.62 -36.26
C ALA A 20 -32.43 5.53 -36.06
N GLN A 21 -31.80 5.05 -37.13
CA GLN A 21 -30.73 4.02 -37.06
C GLN A 21 -29.38 4.64 -37.45
N LEU A 22 -28.45 4.74 -36.50
CA LEU A 22 -27.07 5.21 -36.80
C LEU A 22 -26.08 4.09 -36.44
N ALA A 23 -25.35 3.59 -37.43
CA ALA A 23 -24.45 2.43 -37.30
C ALA A 23 -23.01 2.91 -37.52
N PHE A 24 -22.22 2.90 -36.44
CA PHE A 24 -20.77 3.14 -36.44
C PHE A 24 -20.09 1.93 -37.07
N ARG A 25 -19.64 2.05 -38.32
N ARG A 25 -19.65 2.06 -38.32
CA ARG A 25 -19.09 0.87 -39.02
CA ARG A 25 -19.15 0.89 -39.11
C ARG A 25 -17.98 1.26 -40.02
C ARG A 25 -17.97 1.28 -40.01
N ASP A 26 -17.34 0.25 -40.58
CA ASP A 26 -16.29 0.40 -41.60
C ASP A 26 -16.94 0.77 -42.91
N VAL A 27 -16.43 1.78 -43.57
CA VAL A 27 -16.84 2.14 -44.94
C VAL A 27 -15.56 2.42 -45.70
N PRO A 28 -15.61 2.44 -47.03
CA PRO A 28 -14.43 2.81 -47.82
C PRO A 28 -13.92 4.22 -47.49
N GLU A 29 -12.60 4.35 -47.48
CA GLU A 29 -11.91 5.64 -47.41
C GLU A 29 -12.26 6.39 -48.70
N PRO A 30 -12.46 7.71 -48.65
CA PRO A 30 -12.70 8.46 -49.88
C PRO A 30 -11.35 8.67 -50.60
N VAL A 31 -11.38 8.57 -51.91
CA VAL A 31 -10.22 8.82 -52.79
C VAL A 31 -10.48 10.20 -53.38
N PRO A 32 -9.65 11.21 -53.05
CA PRO A 32 -9.89 12.57 -53.53
C PRO A 32 -9.77 12.63 -55.05
N ALA A 33 -10.67 13.38 -55.68
CA ALA A 33 -10.59 13.76 -57.11
C ALA A 33 -9.43 14.72 -57.29
N ALA A 34 -9.11 14.98 -58.56
CA ALA A 34 -7.89 15.69 -59.04
C ALA A 34 -7.45 16.80 -58.07
N GLY A 35 -8.19 17.90 -57.97
CA GLY A 35 -7.72 19.09 -57.20
C GLY A 35 -8.29 19.13 -55.79
N ASP A 36 -8.34 17.97 -55.11
CA ASP A 36 -9.02 17.81 -53.80
C ASP A 36 -8.02 17.33 -52.76
N HIS A 37 -8.33 17.54 -51.49
CA HIS A 37 -7.51 17.07 -50.36
C HIS A 37 -8.27 15.98 -49.63
N LEU A 38 -7.52 15.03 -49.06
CA LEU A 38 -8.02 14.12 -48.02
C LEU A 38 -7.94 14.88 -46.69
N ILE A 39 -9.02 14.88 -45.92
CA ILE A 39 -9.07 15.51 -44.58
C ILE A 39 -9.39 14.42 -43.57
N ARG A 40 -8.56 14.28 -42.56
CA ARG A 40 -8.91 13.46 -41.39
C ARG A 40 -9.66 14.36 -40.43
N ILE A 41 -10.92 14.02 -40.19
CA ILE A 41 -11.87 14.85 -39.42
C ILE A 41 -11.56 14.75 -37.94
N ASP A 42 -11.29 15.92 -37.34
CA ASP A 42 -11.05 16.06 -35.88
C ASP A 42 -12.40 16.20 -35.15
N SER A 43 -13.25 17.08 -35.67
CA SER A 43 -14.47 17.57 -35.01
C SER A 43 -15.56 17.76 -36.06
N VAL A 44 -16.77 17.21 -35.84
CA VAL A 44 -17.91 17.45 -36.75
C VAL A 44 -19.18 17.72 -35.90
N GLY A 45 -19.80 18.86 -36.11
CA GLY A 45 -21.04 19.24 -35.42
C GLY A 45 -22.24 18.48 -35.97
N ILE A 46 -23.19 18.18 -35.08
CA ILE A 46 -24.56 17.68 -35.40
C ILE A 46 -25.49 18.88 -35.61
N CYS A 47 -26.12 18.96 -36.78
CA CYS A 47 -27.07 20.04 -37.20
C CYS A 47 -28.53 19.54 -37.15
N GLY A 48 -29.47 20.49 -37.29
CA GLY A 48 -30.90 20.19 -37.46
C GLY A 48 -31.16 19.37 -38.71
N SER A 49 -30.44 19.62 -39.80
CA SER A 49 -30.62 18.83 -41.04
C SER A 49 -30.23 17.36 -40.81
N ASP A 50 -29.24 17.08 -39.97
CA ASP A 50 -28.88 15.69 -39.61
C ASP A 50 -30.04 15.03 -38.86
N MET A 51 -30.64 15.72 -37.89
CA MET A 51 -31.73 15.15 -37.06
C MET A 51 -32.97 14.93 -37.94
N HIS A 52 -33.28 15.90 -38.79
CA HIS A 52 -34.37 15.80 -39.81
C HIS A 52 -34.15 14.52 -40.63
N ALA A 53 -32.95 14.28 -41.15
CA ALA A 53 -32.66 13.08 -41.97
C ALA A 53 -32.78 11.84 -41.11
N TYR A 54 -32.26 11.87 -39.89
CA TYR A 54 -32.28 10.71 -38.95
C TYR A 54 -33.74 10.31 -38.67
N LEU A 55 -34.64 11.29 -38.56
CA LEU A 55 -36.07 11.00 -38.25
C LEU A 55 -36.82 10.50 -39.50
N GLY A 56 -36.18 10.44 -40.66
CA GLY A 56 -36.79 9.94 -41.90
C GLY A 56 -37.58 11.02 -42.63
N HIS A 57 -37.42 12.30 -42.28
CA HIS A 57 -38.21 13.42 -42.85
C HIS A 57 -37.60 13.97 -44.14
N ASP A 58 -36.43 13.52 -44.59
CA ASP A 58 -35.71 14.17 -45.72
C ASP A 58 -35.76 13.23 -46.93
N ASP A 59 -36.45 13.64 -47.98
CA ASP A 59 -36.69 12.85 -49.21
C ASP A 59 -35.40 12.71 -50.01
N ARG A 60 -34.52 13.72 -49.93
CA ARG A 60 -33.23 13.77 -50.67
C ARG A 60 -32.15 12.94 -49.97
N ARG A 61 -32.41 12.42 -48.76
CA ARG A 61 -31.43 11.69 -47.91
C ARG A 61 -31.94 10.32 -47.47
N PRO A 62 -32.14 9.34 -48.38
CA PRO A 62 -32.49 7.99 -47.95
C PRO A 62 -31.26 7.06 -47.85
N ALA A 63 -31.54 5.75 -47.85
CA ALA A 63 -30.61 4.62 -48.16
C ALA A 63 -29.57 4.61 -47.05
N PRO A 64 -28.43 3.89 -47.18
CA PRO A 64 -27.20 4.25 -46.47
C PRO A 64 -26.71 5.68 -46.79
N LEU A 65 -26.42 6.47 -45.78
CA LEU A 65 -25.90 7.84 -45.96
C LEU A 65 -25.08 8.24 -44.75
N ILE A 66 -23.99 8.94 -45.02
CA ILE A 66 -23.14 9.54 -43.97
C ILE A 66 -23.59 10.99 -43.89
N LEU A 67 -24.09 11.41 -42.74
CA LEU A 67 -24.61 12.77 -42.50
C LEU A 67 -23.44 13.63 -42.02
N GLY A 68 -23.73 14.85 -41.57
CA GLY A 68 -22.74 15.78 -40.99
C GLY A 68 -22.16 16.71 -42.06
N HIS A 69 -22.09 18.01 -41.81
CA HIS A 69 -21.56 18.99 -42.78
C HIS A 69 -20.83 20.15 -42.10
N GLU A 70 -20.45 19.97 -40.84
CA GLU A 70 -19.90 21.00 -39.93
C GLU A 70 -18.55 20.49 -39.41
N GLY A 71 -17.58 20.31 -40.30
CA GLY A 71 -16.34 19.58 -39.98
C GLY A 71 -15.12 20.50 -39.95
N ALA A 72 -14.13 20.12 -39.12
CA ALA A 72 -12.76 20.66 -39.09
C ALA A 72 -11.80 19.49 -38.89
N GLY A 73 -10.56 19.66 -39.33
CA GLY A 73 -9.63 18.54 -39.27
C GLY A 73 -8.27 18.87 -39.87
N VAL A 74 -7.60 17.83 -40.33
N VAL A 74 -7.61 17.84 -40.36
CA VAL A 74 -6.19 17.90 -40.79
CA VAL A 74 -6.19 17.90 -40.78
C VAL A 74 -6.12 17.41 -42.24
C VAL A 74 -6.08 17.39 -42.22
N ILE A 75 -5.45 18.17 -43.11
CA ILE A 75 -5.10 17.67 -44.46
C ILE A 75 -4.16 16.47 -44.29
N ILE A 76 -4.42 15.38 -44.99
CA ILE A 76 -3.58 14.15 -44.97
C ILE A 76 -2.97 14.00 -46.36
N GLY A 77 -1.66 13.85 -46.40
CA GLY A 77 -0.92 13.60 -47.65
C GLY A 77 -0.61 14.88 -48.40
N GLY A 78 0.33 14.77 -49.34
CA GLY A 78 0.73 15.86 -50.23
C GLY A 78 1.50 16.95 -49.48
N PRO A 79 1.79 18.06 -50.17
CA PRO A 79 2.55 19.15 -49.57
C PRO A 79 1.86 19.84 -48.37
N ARG A 80 0.56 19.67 -48.17
CA ARG A 80 -0.15 20.35 -47.04
C ARG A 80 -0.43 19.34 -45.90
N ASP A 81 0.20 18.17 -45.93
CA ASP A 81 0.00 17.11 -44.91
C ASP A 81 0.06 17.79 -43.54
N GLY A 82 -0.94 17.54 -42.67
CA GLY A 82 -0.91 18.03 -41.28
C GLY A 82 -1.55 19.40 -41.12
N GLU A 83 -1.92 20.07 -42.21
CA GLU A 83 -2.47 21.44 -42.08
C GLU A 83 -3.88 21.35 -41.47
N ARG A 84 -4.10 22.07 -40.38
CA ARG A 84 -5.41 22.26 -39.70
C ARG A 84 -6.33 23.13 -40.56
N VAL A 85 -7.51 22.61 -40.90
CA VAL A 85 -8.48 23.30 -41.78
C VAL A 85 -9.88 23.11 -41.20
N THR A 86 -10.75 24.06 -41.48
CA THR A 86 -12.20 24.00 -41.23
C THR A 86 -12.85 24.08 -42.60
N ILE A 87 -13.95 23.33 -42.77
CA ILE A 87 -14.46 22.91 -44.09
C ILE A 87 -15.72 23.68 -44.38
N ASN A 88 -15.70 24.42 -45.49
CA ASN A 88 -16.90 24.92 -46.17
C ASN A 88 -17.46 23.74 -46.95
N PRO A 89 -18.63 23.19 -46.53
CA PRO A 89 -19.16 22.00 -47.17
C PRO A 89 -19.88 22.26 -48.50
N LEU A 90 -20.12 23.53 -48.88
CA LEU A 90 -20.91 23.87 -50.09
C LEU A 90 -19.96 24.06 -51.28
N VAL A 91 -20.01 23.13 -52.23
CA VAL A 91 -19.15 23.19 -53.43
C VAL A 91 -19.91 23.86 -54.56
N THR A 92 -19.34 24.93 -55.10
CA THR A 92 -19.99 25.83 -56.09
C THR A 92 -19.17 25.83 -57.38
N CYS A 93 -19.80 26.13 -58.52
CA CYS A 93 -19.18 25.95 -59.85
C CYS A 93 -18.23 27.13 -60.17
N GLY A 94 -18.48 28.31 -59.62
CA GLY A 94 -17.67 29.52 -59.88
C GLY A 94 -17.96 30.24 -61.21
N THR A 95 -18.80 29.70 -62.11
CA THR A 95 -19.01 30.30 -63.47
C THR A 95 -20.49 30.51 -63.85
N CYS A 96 -21.46 30.15 -63.01
CA CYS A 96 -22.90 30.38 -63.27
C CYS A 96 -23.24 31.83 -62.94
N PRO A 97 -24.42 32.35 -63.36
CA PRO A 97 -24.80 33.73 -63.03
C PRO A 97 -24.79 34.05 -61.53
N ALA A 98 -25.25 33.13 -60.70
CA ALA A 98 -25.24 33.38 -59.24
C ALA A 98 -23.78 33.53 -58.78
N CYS A 99 -22.88 32.65 -59.24
CA CYS A 99 -21.46 32.64 -58.80
C CYS A 99 -20.80 33.92 -59.30
N VAL A 100 -20.99 34.27 -60.58
CA VAL A 100 -20.38 35.47 -61.21
C VAL A 100 -20.86 36.72 -60.44
N SER A 101 -22.12 36.71 -60.00
CA SER A 101 -22.79 37.74 -59.17
C SER A 101 -22.17 37.85 -57.75
N GLY A 102 -21.39 36.88 -57.29
CA GLY A 102 -20.85 36.86 -55.91
C GLY A 102 -21.77 36.14 -54.93
N ARG A 103 -22.85 35.53 -55.41
CA ARG A 103 -23.88 34.84 -54.59
C ARG A 103 -23.74 33.33 -54.83
N ASP A 104 -22.52 32.81 -54.71
CA ASP A 104 -22.18 31.40 -55.01
C ASP A 104 -22.97 30.45 -54.10
N ASN A 105 -23.50 30.92 -52.95
CA ASN A 105 -24.47 30.14 -52.11
C ASN A 105 -25.70 29.74 -52.94
N LEU A 106 -25.99 30.45 -54.04
CA LEU A 106 -27.14 30.18 -54.95
C LEU A 106 -26.67 29.56 -56.25
N CYS A 107 -25.46 29.01 -56.30
CA CYS A 107 -24.91 28.30 -57.47
C CYS A 107 -25.92 27.29 -57.99
N ALA A 108 -26.18 27.30 -59.30
CA ALA A 108 -27.20 26.44 -59.94
C ALA A 108 -26.81 24.96 -59.81
N THR A 109 -25.52 24.61 -59.63
CA THR A 109 -25.11 23.18 -59.46
C THR A 109 -24.46 22.97 -58.09
N ARG A 110 -24.86 23.76 -57.08
CA ARG A 110 -24.27 23.66 -55.73
C ARG A 110 -24.48 22.24 -55.19
N GLN A 111 -23.44 21.70 -54.58
CA GLN A 111 -23.54 20.44 -53.81
C GLN A 111 -23.09 20.71 -52.38
N ILE A 112 -23.73 20.05 -51.42
CA ILE A 112 -23.28 20.12 -50.01
C ILE A 112 -22.90 18.71 -49.53
N ILE A 113 -21.82 18.64 -48.74
CA ILE A 113 -21.44 17.40 -47.99
C ILE A 113 -22.65 16.96 -47.16
N SER A 114 -22.99 15.67 -47.22
CA SER A 114 -24.11 14.96 -46.52
C SER A 114 -25.40 14.94 -47.39
N MET A 115 -25.33 15.49 -48.61
CA MET A 115 -26.41 15.44 -49.62
C MET A 115 -25.87 14.70 -50.83
N PRO A 116 -26.44 13.53 -51.19
CA PRO A 116 -25.92 12.75 -52.32
C PRO A 116 -25.83 13.67 -53.53
N PRO A 117 -24.78 13.56 -54.38
CA PRO A 117 -23.81 12.46 -54.32
C PRO A 117 -22.61 12.65 -53.37
N ARG A 118 -22.64 13.60 -52.43
CA ARG A 118 -21.47 13.89 -51.56
C ARG A 118 -21.67 13.36 -50.14
N ASP A 119 -20.89 12.35 -49.77
CA ASP A 119 -20.95 11.79 -48.39
C ASP A 119 -20.62 12.88 -47.38
N GLY A 120 -21.17 12.74 -46.18
CA GLY A 120 -21.00 13.68 -45.09
C GLY A 120 -19.69 13.50 -44.35
N ALA A 121 -19.52 14.29 -43.31
CA ALA A 121 -18.30 14.41 -42.49
C ALA A 121 -18.44 13.67 -41.17
N PHE A 122 -19.54 12.97 -40.90
CA PHE A 122 -19.63 12.02 -39.76
C PHE A 122 -18.74 10.79 -40.04
N ALA A 123 -17.44 11.01 -40.18
CA ALA A 123 -16.48 9.97 -40.61
C ALA A 123 -15.08 10.48 -40.34
N GLN A 124 -14.16 9.53 -40.33
CA GLN A 124 -12.75 9.82 -40.01
C GLN A 124 -12.18 10.68 -41.11
N TYR A 125 -12.64 10.53 -42.34
CA TYR A 125 -12.09 11.27 -43.49
C TYR A 125 -13.19 11.78 -44.41
N VAL A 126 -12.92 12.91 -45.03
N VAL A 126 -12.90 12.89 -45.06
CA VAL A 126 -13.69 13.46 -46.19
CA VAL A 126 -13.69 13.49 -46.17
C VAL A 126 -12.70 13.89 -47.26
C VAL A 126 -12.70 13.93 -47.26
N ALA A 127 -13.14 14.00 -48.51
CA ALA A 127 -12.38 14.57 -49.64
C ALA A 127 -13.04 15.88 -50.03
N MET A 128 -12.29 16.97 -50.07
CA MET A 128 -12.88 18.31 -50.36
C MET A 128 -11.93 19.05 -51.26
N PRO A 129 -12.46 19.92 -52.15
CA PRO A 129 -11.62 20.81 -52.94
C PRO A 129 -10.90 21.82 -52.03
N ALA A 130 -9.70 22.21 -52.46
CA ALA A 130 -8.80 23.14 -51.74
C ALA A 130 -9.51 24.46 -51.48
N ARG A 131 -10.30 24.97 -52.45
CA ARG A 131 -11.01 26.27 -52.34
C ARG A 131 -12.09 26.21 -51.24
N ASN A 132 -12.37 25.04 -50.68
CA ASN A 132 -13.43 24.88 -49.64
C ASN A 132 -12.81 24.76 -48.26
N LEU A 133 -11.53 25.09 -48.14
CA LEU A 133 -10.79 24.83 -46.89
C LEU A 133 -10.24 26.15 -46.36
N VAL A 134 -10.42 26.40 -45.07
CA VAL A 134 -9.85 27.60 -44.44
C VAL A 134 -8.89 27.13 -43.37
N THR A 135 -7.65 27.63 -43.43
CA THR A 135 -6.57 27.25 -42.49
C THR A 135 -6.94 27.75 -41.10
N VAL A 136 -6.72 26.93 -40.07
CA VAL A 136 -7.04 27.26 -38.65
C VAL A 136 -5.73 27.53 -37.92
N PRO A 137 -5.54 28.72 -37.32
CA PRO A 137 -4.29 29.01 -36.62
C PRO A 137 -4.24 28.19 -35.33
N ASP A 138 -3.05 27.91 -34.84
CA ASP A 138 -2.85 26.95 -33.73
C ASP A 138 -3.57 27.43 -32.46
N ASP A 139 -3.77 28.73 -32.28
CA ASP A 139 -4.44 29.30 -31.08
C ASP A 139 -5.97 29.16 -31.17
N VAL A 140 -6.49 28.51 -32.20
CA VAL A 140 -7.94 28.19 -32.30
C VAL A 140 -8.10 26.68 -32.32
N PRO A 141 -8.66 26.08 -31.24
CA PRO A 141 -8.99 24.66 -31.21
C PRO A 141 -9.89 24.25 -32.38
N LEU A 142 -9.66 23.03 -32.89
CA LEU A 142 -10.43 22.48 -34.04
C LEU A 142 -11.90 22.34 -33.62
N GLU A 143 -12.14 22.11 -32.33
CA GLU A 143 -13.49 22.02 -31.72
C GLU A 143 -14.21 23.37 -31.84
N LYS A 144 -13.51 24.50 -31.73
CA LYS A 144 -14.12 25.84 -31.96
C LYS A 144 -14.24 26.13 -33.47
N ALA A 145 -13.24 25.74 -34.27
CA ALA A 145 -13.21 25.98 -35.73
C ALA A 145 -14.32 25.16 -36.41
N ALA A 146 -14.73 24.05 -35.82
CA ALA A 146 -15.82 23.23 -36.38
C ALA A 146 -17.16 23.99 -36.23
N LEU A 147 -17.19 25.12 -35.53
CA LEU A 147 -18.41 25.96 -35.49
C LEU A 147 -18.52 26.88 -36.71
N ALA A 148 -17.54 26.90 -37.61
CA ALA A 148 -17.46 27.91 -38.68
C ALA A 148 -18.73 27.87 -39.53
N GLU A 149 -19.16 26.67 -39.91
N GLU A 149 -19.17 26.66 -39.89
CA GLU A 149 -20.31 26.49 -40.85
CA GLU A 149 -20.29 26.45 -40.84
C GLU A 149 -21.61 27.01 -40.22
C GLU A 149 -21.60 26.97 -40.24
N PRO A 150 -22.03 26.53 -39.03
CA PRO A 150 -23.24 27.09 -38.39
C PRO A 150 -23.08 28.58 -38.08
N VAL A 151 -21.88 29.08 -37.78
CA VAL A 151 -21.78 30.54 -37.50
C VAL A 151 -21.86 31.28 -38.84
N ALA A 152 -21.40 30.68 -39.93
CA ALA A 152 -21.38 31.37 -41.24
C ALA A 152 -22.81 31.49 -41.74
N VAL A 153 -23.68 30.51 -41.40
CA VAL A 153 -25.11 30.56 -41.81
C VAL A 153 -25.70 31.86 -41.27
N SER A 154 -25.59 32.09 -39.98
CA SER A 154 -26.21 33.30 -39.38
C SER A 154 -25.41 34.55 -39.73
N TRP A 155 -24.08 34.46 -39.83
CA TRP A 155 -23.28 35.64 -40.21
C TRP A 155 -23.76 36.12 -41.58
N HIS A 156 -23.95 35.21 -42.52
CA HIS A 156 -24.39 35.51 -43.90
C HIS A 156 -25.77 36.20 -43.86
N ALA A 157 -26.72 35.62 -43.13
CA ALA A 157 -28.11 36.13 -43.01
C ALA A 157 -28.04 37.56 -42.48
N VAL A 158 -27.23 37.77 -41.46
CA VAL A 158 -27.16 39.09 -40.80
C VAL A 158 -26.64 40.11 -41.80
N ARG A 159 -25.52 39.81 -42.49
N ARG A 159 -25.54 39.82 -42.52
CA ARG A 159 -24.88 40.73 -43.45
CA ARG A 159 -24.91 40.81 -43.43
C ARG A 159 -25.84 41.03 -44.61
C ARG A 159 -25.79 41.04 -44.66
N LEU A 160 -26.48 40.01 -45.15
CA LEU A 160 -27.46 40.16 -46.26
C LEU A 160 -28.64 41.03 -45.83
N GLY A 161 -29.21 40.74 -44.66
CA GLY A 161 -30.33 41.48 -44.07
C GLY A 161 -29.97 42.93 -43.84
N LEU A 162 -28.88 43.20 -43.12
CA LEU A 162 -28.45 44.60 -42.82
C LEU A 162 -28.26 45.39 -44.12
N ALA A 163 -27.60 44.80 -45.12
CA ALA A 163 -27.34 45.44 -46.43
C ALA A 163 -28.65 45.73 -47.18
N SER A 164 -29.70 44.92 -46.95
CA SER A 164 -30.98 44.93 -47.70
C SER A 164 -32.02 45.85 -47.03
N MET A 165 -31.78 46.29 -45.79
CA MET A 165 -32.75 47.13 -45.02
C MET A 165 -32.97 48.47 -45.74
N ALA A 166 -34.20 48.98 -45.65
CA ALA A 166 -34.69 50.15 -46.43
C ALA A 166 -34.39 51.46 -45.68
N ASP A 167 -33.80 51.39 -44.48
CA ASP A 167 -33.43 52.55 -43.63
C ASP A 167 -32.24 52.15 -42.76
N ALA A 168 -31.57 53.12 -42.13
CA ALA A 168 -30.29 52.92 -41.39
C ALA A 168 -30.55 52.79 -39.88
N ARG A 169 -31.77 52.43 -39.48
CA ARG A 169 -32.16 52.16 -38.07
C ARG A 169 -31.94 50.68 -37.72
N ARG A 170 -30.79 50.37 -37.10
CA ARG A 170 -30.37 49.02 -36.61
C ARG A 170 -30.24 49.00 -35.10
N ASP A 171 -31.06 49.69 -34.33
CA ASP A 171 -30.76 49.77 -32.88
C ASP A 171 -31.00 48.39 -32.27
N SER A 172 -32.16 47.75 -32.51
CA SER A 172 -32.55 46.58 -31.70
C SER A 172 -32.92 45.35 -32.56
N ALA A 173 -32.63 44.17 -32.02
CA ALA A 173 -32.80 42.88 -32.72
C ALA A 173 -33.32 41.87 -31.72
N LEU A 174 -34.27 41.06 -32.21
CA LEU A 174 -34.75 39.84 -31.53
C LEU A 174 -34.32 38.60 -32.34
N VAL A 175 -33.70 37.66 -31.65
CA VAL A 175 -33.37 36.33 -32.21
C VAL A 175 -34.29 35.36 -31.53
N ILE A 176 -35.09 34.62 -32.31
CA ILE A 176 -36.00 33.56 -31.81
C ILE A 176 -35.29 32.22 -32.00
N GLY A 177 -34.90 31.58 -30.88
CA GLY A 177 -34.25 30.27 -30.89
C GLY A 177 -32.91 30.32 -30.17
N GLY A 178 -32.71 29.47 -29.17
CA GLY A 178 -31.41 29.28 -28.51
C GLY A 178 -30.68 28.05 -29.00
N GLY A 179 -30.92 27.63 -30.25
CA GLY A 179 -30.07 26.65 -30.93
C GLY A 179 -28.80 27.32 -31.47
N ALA A 180 -27.96 26.55 -32.16
CA ALA A 180 -26.72 27.04 -32.80
C ALA A 180 -27.04 28.18 -33.77
N ILE A 181 -28.13 28.08 -34.54
CA ILE A 181 -28.45 29.13 -35.54
C ILE A 181 -28.80 30.44 -34.82
N GLY A 182 -29.51 30.36 -33.69
CA GLY A 182 -29.85 31.54 -32.86
C GLY A 182 -28.63 32.17 -32.22
N VAL A 183 -27.82 31.38 -31.51
CA VAL A 183 -26.60 31.92 -30.85
C VAL A 183 -25.73 32.56 -31.92
N ALA A 184 -25.63 31.92 -33.09
CA ALA A 184 -24.80 32.43 -34.22
C ALA A 184 -25.37 33.76 -34.69
N ALA A 185 -26.68 33.90 -34.79
CA ALA A 185 -27.32 35.17 -35.19
C ALA A 185 -27.00 36.25 -34.15
N ALA A 186 -27.11 35.95 -32.86
CA ALA A 186 -26.91 36.98 -31.81
C ALA A 186 -25.48 37.50 -31.87
N ILE A 187 -24.49 36.61 -31.84
CA ILE A 187 -23.05 37.01 -31.90
C ILE A 187 -22.77 37.73 -33.22
N SER A 188 -23.32 37.26 -34.35
CA SER A 188 -23.07 37.88 -35.67
C SER A 188 -23.68 39.29 -35.69
N LEU A 189 -24.85 39.47 -35.07
CA LEU A 189 -25.47 40.82 -35.02
C LEU A 189 -24.54 41.77 -34.26
N GLN A 190 -23.97 41.33 -33.13
CA GLN A 190 -23.15 42.22 -32.27
C GLN A 190 -21.84 42.54 -33.01
N ALA A 191 -21.22 41.54 -33.64
CA ALA A 191 -19.97 41.74 -34.37
C ALA A 191 -20.23 42.65 -35.58
N GLN A 192 -21.44 42.71 -36.10
CA GLN A 192 -21.72 43.57 -37.30
C GLN A 192 -22.37 44.90 -36.89
N GLY A 193 -22.39 45.22 -35.60
CA GLY A 193 -22.62 46.59 -35.11
C GLY A 193 -24.03 46.83 -34.60
N VAL A 194 -24.88 45.81 -34.53
CA VAL A 194 -26.16 45.85 -33.76
C VAL A 194 -25.83 45.36 -32.36
N ALA A 195 -25.68 46.27 -31.41
CA ALA A 195 -25.15 45.97 -30.06
C ALA A 195 -26.26 45.39 -29.21
N ASP A 196 -27.48 45.91 -29.38
CA ASP A 196 -28.66 45.63 -28.53
C ASP A 196 -29.39 44.41 -29.09
N VAL A 197 -29.02 43.22 -28.64
CA VAL A 197 -29.55 41.94 -29.19
C VAL A 197 -30.17 41.19 -28.03
N THR A 198 -31.39 40.68 -28.24
CA THR A 198 -32.12 39.84 -27.26
C THR A 198 -32.40 38.49 -27.93
N LEU A 199 -31.95 37.40 -27.31
CA LEU A 199 -32.25 36.03 -27.78
C LEU A 199 -33.32 35.43 -26.89
N VAL A 200 -34.29 34.79 -27.51
CA VAL A 200 -35.46 34.23 -26.78
C VAL A 200 -35.54 32.72 -26.95
N GLU A 201 -35.66 32.02 -25.82
CA GLU A 201 -35.62 30.55 -25.78
C GLU A 201 -36.52 30.05 -24.64
N PRO A 202 -37.53 29.20 -24.92
CA PRO A 202 -38.42 28.72 -23.86
C PRO A 202 -37.73 27.76 -22.86
N ASN A 203 -36.72 27.01 -23.32
CA ASN A 203 -36.06 25.97 -22.50
C ASN A 203 -35.11 26.61 -21.50
N ALA A 204 -35.36 26.43 -20.19
CA ALA A 204 -34.58 27.05 -19.09
C ALA A 204 -33.17 26.48 -19.07
N MET A 205 -33.02 25.17 -19.23
CA MET A 205 -31.70 24.52 -19.23
C MET A 205 -30.81 25.18 -20.32
N ARG A 206 -31.36 25.43 -21.51
CA ARG A 206 -30.59 26.00 -22.65
C ARG A 206 -30.22 27.46 -22.33
N ARG A 207 -31.18 28.27 -21.83
CA ARG A 207 -30.96 29.69 -21.43
C ARG A 207 -29.80 29.76 -20.44
N GLU A 208 -29.82 28.90 -19.42
CA GLU A 208 -28.76 28.86 -18.38
C GLU A 208 -27.42 28.52 -19.02
N TYR A 209 -27.38 27.51 -19.87
CA TYR A 209 -26.13 27.15 -20.58
C TYR A 209 -25.65 28.38 -21.37
N LEU A 210 -26.54 29.04 -22.13
CA LEU A 210 -26.16 30.20 -22.99
C LEU A 210 -25.65 31.38 -22.13
N ALA A 211 -26.11 31.52 -20.88
CA ALA A 211 -25.76 32.63 -19.95
C ALA A 211 -24.29 32.52 -19.48
N ARG A 212 -23.66 31.36 -19.60
CA ARG A 212 -22.23 31.18 -19.29
C ARG A 212 -21.40 32.26 -20.00
N ASP A 213 -21.61 32.49 -21.31
CA ASP A 213 -20.75 33.39 -22.15
C ASP A 213 -21.64 34.31 -23.03
N ALA A 214 -22.87 34.64 -22.62
CA ALA A 214 -23.74 35.56 -23.39
C ALA A 214 -23.34 37.02 -23.11
N ASN A 215 -22.97 37.73 -24.18
CA ASN A 215 -22.70 39.20 -24.21
C ASN A 215 -23.98 39.93 -24.69
N TYR A 216 -24.98 39.16 -25.08
CA TYR A 216 -26.34 39.61 -25.51
C TYR A 216 -27.32 39.23 -24.40
N THR A 217 -28.54 39.76 -24.44
CA THR A 217 -29.59 39.44 -23.43
C THR A 217 -30.20 38.12 -23.83
N ILE A 218 -30.35 37.21 -22.87
CA ILE A 218 -31.06 35.89 -22.98
C ILE A 218 -32.44 36.05 -22.30
N ALA A 219 -33.53 35.66 -22.93
CA ALA A 219 -34.86 35.85 -22.31
C ALA A 219 -35.89 34.83 -22.79
N THR A 220 -37.03 34.80 -22.09
CA THR A 220 -38.21 33.99 -22.44
C THR A 220 -39.03 34.77 -23.46
N PRO A 221 -39.84 34.08 -24.30
CA PRO A 221 -40.75 34.78 -25.21
C PRO A 221 -41.68 35.76 -24.48
N GLU A 222 -42.08 35.42 -23.24
CA GLU A 222 -43.08 36.17 -22.45
C GLU A 222 -42.45 37.49 -21.98
N GLN A 223 -41.14 37.48 -21.68
CA GLN A 223 -40.39 38.67 -21.22
C GLN A 223 -40.33 39.77 -22.28
N VAL A 224 -40.54 39.44 -23.57
N VAL A 224 -40.54 39.44 -23.57
CA VAL A 224 -40.49 40.40 -24.70
CA VAL A 224 -40.48 40.39 -24.71
C VAL A 224 -41.85 40.53 -25.40
C VAL A 224 -41.86 40.53 -25.40
N ALA A 225 -42.90 39.85 -24.92
CA ALA A 225 -44.25 39.86 -25.54
C ALA A 225 -44.78 41.29 -25.76
N GLY A 226 -45.20 41.63 -26.99
CA GLY A 226 -45.74 42.95 -27.39
C GLY A 226 -44.68 43.92 -27.92
N ARG A 227 -43.38 43.64 -27.71
N ARG A 227 -43.39 43.63 -27.73
CA ARG A 227 -42.29 44.53 -28.18
CA ARG A 227 -42.32 44.55 -28.20
C ARG A 227 -42.06 44.34 -29.68
C ARG A 227 -42.04 44.33 -29.69
N VAL A 228 -41.56 45.38 -30.34
CA VAL A 228 -41.15 45.33 -31.75
C VAL A 228 -39.66 45.66 -31.76
N PHE A 229 -38.96 45.07 -32.72
CA PHE A 229 -37.49 45.21 -32.90
C PHE A 229 -37.26 45.64 -34.35
N ASP A 230 -36.20 46.41 -34.59
CA ASP A 230 -35.76 46.72 -35.98
C ASP A 230 -35.64 45.41 -36.77
N ILE A 231 -35.17 44.35 -36.11
CA ILE A 231 -34.65 43.13 -36.78
C ILE A 231 -35.12 41.95 -35.97
N THR A 232 -35.77 41.02 -36.63
CA THR A 232 -36.13 39.71 -36.07
C THR A 232 -35.41 38.64 -36.89
N VAL A 233 -35.01 37.57 -36.23
CA VAL A 233 -34.31 36.43 -36.86
C VAL A 233 -35.02 35.19 -36.36
N ASP A 234 -35.69 34.51 -37.27
CA ASP A 234 -36.37 33.23 -36.94
C ASP A 234 -35.33 32.14 -37.18
N GLY A 235 -34.69 31.69 -36.10
CA GLY A 235 -33.68 30.62 -36.14
C GLY A 235 -34.29 29.26 -35.88
N VAL A 236 -35.61 29.11 -36.02
CA VAL A 236 -36.37 27.89 -35.67
C VAL A 236 -37.20 27.51 -36.89
N GLY A 237 -38.06 28.42 -37.35
CA GLY A 237 -38.72 28.31 -38.67
C GLY A 237 -39.89 27.35 -38.60
N TYR A 238 -40.71 27.47 -37.56
CA TYR A 238 -42.08 26.90 -37.56
C TYR A 238 -43.05 28.05 -37.82
N ASP A 239 -44.31 27.71 -38.07
CA ASP A 239 -45.43 28.67 -38.22
C ASP A 239 -45.46 29.60 -36.99
N ALA A 240 -45.39 29.05 -35.77
CA ALA A 240 -45.47 29.82 -34.50
C ALA A 240 -44.34 30.87 -34.43
N THR A 241 -43.10 30.47 -34.75
CA THR A 241 -41.93 31.40 -34.75
C THR A 241 -42.10 32.43 -35.87
N ARG A 242 -42.63 32.06 -37.03
CA ARG A 242 -42.84 33.02 -38.15
C ARG A 242 -43.85 34.08 -37.74
N ALA A 243 -44.92 33.65 -37.08
CA ALA A 243 -45.97 34.55 -36.51
C ALA A 243 -45.32 35.48 -35.48
N ALA A 244 -44.55 34.92 -34.54
CA ALA A 244 -43.94 35.71 -33.45
C ALA A 244 -42.98 36.73 -34.05
N ALA A 245 -42.19 36.34 -35.06
CA ALA A 245 -41.27 37.26 -35.76
C ALA A 245 -42.06 38.34 -36.55
N SER A 246 -43.14 37.99 -37.24
CA SER A 246 -44.03 38.97 -37.90
C SER A 246 -44.46 40.04 -36.90
N ALA A 247 -45.09 39.64 -35.80
CA ALA A 247 -45.61 40.54 -34.75
C ALA A 247 -44.49 41.44 -34.20
N ALA A 248 -43.28 40.90 -34.02
CA ALA A 248 -42.18 41.57 -33.27
C ALA A 248 -41.33 42.43 -34.20
N THR A 249 -41.63 42.48 -35.50
CA THR A 249 -40.86 43.31 -36.46
C THR A 249 -41.55 44.67 -36.55
N ARG A 250 -40.79 45.76 -36.47
CA ARG A 250 -41.29 47.14 -36.51
C ARG A 250 -41.58 47.48 -37.97
N PRO A 251 -42.51 48.42 -38.24
CA PRO A 251 -42.83 48.85 -39.60
C PRO A 251 -41.57 49.24 -40.38
N GLY A 252 -41.40 48.66 -41.56
CA GLY A 252 -40.22 48.90 -42.41
C GLY A 252 -39.01 48.10 -41.96
N GLY A 253 -39.13 47.28 -40.90
CA GLY A 253 -37.97 46.54 -40.36
C GLY A 253 -37.64 45.29 -41.17
N LEU A 254 -36.83 44.41 -40.59
CA LEU A 254 -36.27 43.23 -41.29
C LEU A 254 -36.62 41.99 -40.48
N LEU A 255 -37.18 41.00 -41.18
CA LEU A 255 -37.46 39.65 -40.65
C LEU A 255 -36.60 38.67 -41.46
N LEU A 256 -35.54 38.16 -40.85
CA LEU A 256 -34.67 37.13 -41.47
C LEU A 256 -35.23 35.78 -41.08
N HIS A 257 -35.44 34.90 -42.04
CA HIS A 257 -35.99 33.53 -41.80
C HIS A 257 -34.91 32.49 -42.14
N ILE A 258 -34.30 31.86 -41.13
CA ILE A 258 -33.18 30.90 -41.32
C ILE A 258 -33.67 29.48 -41.03
N GLY A 259 -34.44 29.28 -39.96
CA GLY A 259 -34.88 27.96 -39.49
C GLY A 259 -35.62 27.14 -40.56
N LEU A 260 -35.52 25.81 -40.47
CA LEU A 260 -36.17 24.87 -41.42
C LEU A 260 -37.01 23.85 -40.64
N GLY A 261 -37.65 24.29 -39.55
CA GLY A 261 -38.56 23.47 -38.73
C GLY A 261 -39.59 22.77 -39.60
N GLY A 262 -40.48 23.53 -40.24
CA GLY A 262 -41.59 23.00 -41.06
C GLY A 262 -42.76 23.99 -41.14
N GLY A 263 -43.76 23.67 -41.94
CA GLY A 263 -44.98 24.48 -42.16
C GLY A 263 -44.73 25.45 -43.28
N SER A 264 -45.78 25.99 -43.91
CA SER A 264 -45.64 26.96 -45.02
C SER A 264 -46.52 28.18 -44.79
N ALA A 265 -46.87 28.44 -43.54
CA ALA A 265 -47.68 29.61 -43.14
C ALA A 265 -47.01 30.27 -41.93
N GLY A 266 -47.77 30.96 -41.08
CA GLY A 266 -47.26 31.60 -39.86
C GLY A 266 -46.98 33.08 -40.07
N LEU A 267 -46.40 33.43 -41.22
CA LEU A 267 -46.10 34.85 -41.56
C LEU A 267 -47.44 35.58 -41.65
N ASP A 268 -47.57 36.69 -40.91
CA ASP A 268 -48.72 37.60 -40.97
C ASP A 268 -48.56 38.44 -42.23
N ILE A 269 -49.09 37.92 -43.33
CA ILE A 269 -48.92 38.55 -44.68
C ILE A 269 -49.55 39.94 -44.69
N ARG A 270 -50.62 40.18 -43.94
CA ARG A 270 -51.27 41.50 -44.17
C ARG A 270 -50.51 42.57 -43.40
N ARG A 271 -49.84 42.20 -42.30
CA ARG A 271 -48.96 43.12 -41.55
C ARG A 271 -47.67 43.36 -42.35
N ILE A 272 -47.08 42.31 -42.92
CA ILE A 272 -45.88 42.47 -43.78
C ILE A 272 -46.22 43.51 -44.86
N THR A 273 -47.46 43.52 -45.31
CA THR A 273 -47.93 44.41 -46.40
C THR A 273 -48.13 45.82 -45.84
N LEU A 274 -49.05 45.96 -44.88
CA LEU A 274 -49.48 47.27 -44.34
C LEU A 274 -48.27 47.96 -43.68
N GLN A 275 -47.40 47.21 -42.98
CA GLN A 275 -46.24 47.77 -42.23
C GLN A 275 -44.93 47.63 -43.03
N GLU A 276 -45.00 47.21 -44.29
CA GLU A 276 -43.85 47.19 -45.23
C GLU A 276 -42.66 46.50 -44.56
N ILE A 277 -42.82 45.25 -44.14
CA ILE A 277 -41.69 44.45 -43.59
C ILE A 277 -40.91 43.80 -44.75
N THR A 278 -39.58 43.98 -44.77
CA THR A 278 -38.66 43.21 -45.63
C THR A 278 -38.44 41.82 -45.02
N VAL A 279 -38.91 40.77 -45.69
CA VAL A 279 -38.78 39.36 -45.25
C VAL A 279 -37.77 38.67 -46.16
N ILE A 280 -36.66 38.15 -45.60
CA ILE A 280 -35.61 37.45 -46.41
C ILE A 280 -35.36 36.07 -45.81
N GLY A 281 -35.69 35.03 -46.60
CA GLY A 281 -35.18 33.67 -46.34
C GLY A 281 -33.72 33.59 -46.77
N THR A 282 -32.89 32.83 -46.06
CA THR A 282 -31.43 32.79 -46.33
C THR A 282 -30.97 31.35 -46.45
N TYR A 283 -30.01 31.11 -47.35
CA TYR A 283 -29.36 29.79 -47.55
C TYR A 283 -27.84 29.93 -47.37
N THR A 284 -27.32 29.15 -46.44
CA THR A 284 -25.88 28.97 -46.18
C THR A 284 -25.20 30.34 -46.18
N TYR A 285 -24.25 30.54 -47.09
CA TYR A 285 -23.23 31.62 -47.01
C TYR A 285 -22.52 31.68 -48.36
N THR A 286 -22.05 32.86 -48.74
CA THR A 286 -21.08 32.96 -49.86
C THR A 286 -19.75 32.36 -49.36
N ALA A 287 -18.94 31.83 -50.28
CA ALA A 287 -17.55 31.42 -49.96
C ALA A 287 -16.88 32.59 -49.22
N GLN A 288 -17.15 33.83 -49.61
CA GLN A 288 -16.50 35.00 -48.96
C GLN A 288 -17.03 35.15 -47.53
N ASP A 289 -18.34 34.95 -47.32
CA ASP A 289 -18.96 35.00 -45.97
C ASP A 289 -18.27 33.95 -45.09
N PHE A 290 -18.06 32.73 -45.59
CA PHE A 290 -17.45 31.67 -44.77
C PHE A 290 -16.05 32.13 -44.33
N ARG A 291 -15.24 32.66 -45.26
CA ARG A 291 -13.89 33.18 -44.96
C ARG A 291 -13.99 34.32 -43.95
N ASP A 292 -14.91 35.25 -44.17
CA ASP A 292 -15.14 36.39 -43.27
C ASP A 292 -15.51 35.86 -41.88
N THR A 293 -16.35 34.83 -41.81
CA THR A 293 -16.80 34.25 -40.53
C THR A 293 -15.56 33.71 -39.78
N CYS A 294 -14.78 32.86 -40.45
CA CYS A 294 -13.54 32.28 -39.88
C CYS A 294 -12.64 33.41 -39.35
N ALA A 295 -12.40 34.46 -40.16
CA ALA A 295 -11.51 35.57 -39.75
C ALA A 295 -12.03 36.17 -38.43
N ALA A 296 -13.34 36.43 -38.33
CA ALA A 296 -13.92 37.07 -37.12
C ALA A 296 -13.87 36.09 -35.95
N MET A 297 -13.98 34.79 -36.23
CA MET A 297 -13.91 33.77 -35.15
C MET A 297 -12.51 33.81 -34.56
N PHE A 298 -11.51 33.82 -35.43
CA PHE A 298 -10.09 33.64 -35.06
C PHE A 298 -9.57 34.89 -34.34
N ASP A 299 -10.06 36.08 -34.66
CA ASP A 299 -9.66 37.31 -33.92
C ASP A 299 -10.65 37.66 -32.78
N GLY A 300 -11.56 36.78 -32.40
CA GLY A 300 -12.28 36.93 -31.12
C GLY A 300 -13.47 37.90 -31.19
N ARG A 301 -13.92 38.26 -32.40
CA ARG A 301 -15.08 39.16 -32.59
C ARG A 301 -16.39 38.38 -32.35
N LEU A 302 -16.37 37.05 -32.34
CA LEU A 302 -17.60 36.22 -32.22
C LEU A 302 -17.59 35.45 -30.92
N GLY A 303 -16.97 36.01 -29.88
CA GLY A 303 -17.05 35.50 -28.50
C GLY A 303 -16.17 34.28 -28.32
N GLY A 304 -16.37 33.54 -27.22
CA GLY A 304 -15.51 32.43 -26.80
C GLY A 304 -15.74 31.15 -27.60
N LEU A 305 -16.88 31.03 -28.31
CA LEU A 305 -17.19 29.88 -29.20
C LEU A 305 -16.96 28.55 -28.44
N ASP A 306 -17.29 28.50 -27.14
CA ASP A 306 -17.09 27.35 -26.25
C ASP A 306 -18.43 26.63 -26.01
N TRP A 307 -19.49 27.02 -26.74
CA TRP A 307 -20.86 26.53 -26.49
C TRP A 307 -21.11 25.17 -27.17
N THR A 308 -20.21 24.23 -26.94
CA THR A 308 -20.24 22.86 -27.51
C THR A 308 -19.96 21.89 -26.37
N GLU A 309 -20.45 20.65 -26.52
N GLU A 309 -20.44 20.65 -26.53
CA GLU A 309 -19.94 19.46 -25.76
CA GLU A 309 -19.93 19.47 -25.79
C GLU A 309 -19.57 18.42 -26.81
C GLU A 309 -19.53 18.44 -26.83
N SER A 310 -18.59 17.58 -26.52
CA SER A 310 -18.03 16.65 -27.53
C SER A 310 -18.35 15.22 -27.13
N ARG A 311 -18.57 14.37 -28.13
CA ARG A 311 -18.72 12.92 -27.92
C ARG A 311 -17.91 12.21 -28.98
N PRO A 312 -17.32 11.05 -28.63
CA PRO A 312 -16.63 10.27 -29.63
C PRO A 312 -17.65 9.89 -30.71
N LEU A 313 -17.18 9.82 -31.95
CA LEU A 313 -18.01 9.37 -33.10
C LEU A 313 -18.65 7.99 -32.81
N SER A 314 -17.95 7.09 -32.12
CA SER A 314 -18.43 5.73 -31.76
C SER A 314 -19.75 5.77 -30.95
N ALA A 315 -20.06 6.89 -30.30
CA ALA A 315 -21.25 7.06 -29.45
C ALA A 315 -22.26 7.96 -30.13
N GLY A 316 -22.12 8.20 -31.43
CA GLY A 316 -23.03 9.08 -32.19
C GLY A 316 -24.52 8.74 -31.95
N ALA A 317 -24.85 7.46 -31.93
CA ALA A 317 -26.23 6.98 -31.74
C ALA A 317 -26.75 7.42 -30.36
N ASP A 318 -25.92 7.31 -29.34
CA ASP A 318 -26.31 7.82 -28.00
C ASP A 318 -26.46 9.34 -28.08
N ALA A 319 -25.56 10.05 -28.75
CA ALA A 319 -25.65 11.52 -28.88
C ALA A 319 -26.99 11.90 -29.54
N PHE A 320 -27.39 11.22 -30.60
CA PHE A 320 -28.68 11.50 -31.29
C PHE A 320 -29.84 11.23 -30.33
N ALA A 321 -29.78 10.15 -29.59
CA ALA A 321 -30.78 9.83 -28.56
C ALA A 321 -30.89 11.00 -27.58
N ASP A 322 -29.75 11.49 -27.10
CA ASP A 322 -29.72 12.61 -26.13
C ASP A 322 -30.40 13.84 -26.73
N ILE A 323 -30.11 14.16 -27.98
CA ILE A 323 -30.66 15.39 -28.60
C ILE A 323 -32.18 15.21 -28.66
N ARG A 324 -32.62 14.09 -29.23
CA ARG A 324 -34.05 13.78 -29.45
C ARG A 324 -34.78 13.91 -28.12
N ALA A 325 -34.23 13.36 -27.02
CA ALA A 325 -34.84 13.34 -25.67
C ALA A 325 -34.78 14.73 -24.99
N GLY A 326 -34.37 15.80 -25.70
CA GLY A 326 -34.27 17.15 -25.11
C GLY A 326 -33.37 17.16 -23.89
N ARG A 327 -32.33 16.33 -23.96
CA ARG A 327 -31.40 16.00 -22.86
C ARG A 327 -30.12 16.83 -22.91
N VAL A 328 -30.00 17.79 -23.85
CA VAL A 328 -28.68 18.42 -24.18
C VAL A 328 -28.71 19.92 -23.91
N PRO A 329 -28.15 20.36 -22.77
CA PRO A 329 -28.04 21.78 -22.45
C PRO A 329 -27.27 22.63 -23.48
N ALA A 330 -26.17 22.10 -24.04
CA ALA A 330 -25.37 22.83 -25.04
C ALA A 330 -26.15 22.91 -26.34
N PRO A 331 -26.03 24.03 -27.08
CA PRO A 331 -26.65 24.15 -28.38
C PRO A 331 -25.92 23.44 -29.54
N LYS A 332 -24.81 22.77 -29.26
CA LYS A 332 -24.04 22.10 -30.34
C LYS A 332 -23.28 20.93 -29.72
N ILE A 333 -23.52 19.73 -30.24
CA ILE A 333 -22.65 18.56 -29.98
C ILE A 333 -21.65 18.43 -31.15
N ILE A 334 -20.39 18.28 -30.80
CA ILE A 334 -19.26 18.03 -31.74
C ILE A 334 -18.91 16.54 -31.61
N LEU A 335 -19.04 15.78 -32.69
CA LEU A 335 -18.57 14.36 -32.72
C LEU A 335 -17.04 14.34 -33.06
N LYS A 336 -16.33 13.40 -32.46
CA LYS A 336 -14.86 13.25 -32.49
C LYS A 336 -14.48 11.92 -33.17
N PRO A 337 -14.30 11.89 -34.51
N PRO A 337 -14.31 11.89 -34.52
CA PRO A 337 -13.85 10.67 -35.18
CA PRO A 337 -13.89 10.66 -35.19
C PRO A 337 -12.46 10.19 -34.72
C PRO A 337 -12.53 10.10 -34.76
N HIS B 2 20.58 35.64 -21.17
CA HIS B 2 19.92 34.34 -21.50
C HIS B 2 18.43 34.56 -21.72
N HIS B 3 17.87 33.94 -22.76
CA HIS B 3 16.41 33.71 -22.93
C HIS B 3 15.88 32.94 -21.71
N HIS B 4 14.89 33.47 -21.00
CA HIS B 4 14.06 32.67 -20.07
C HIS B 4 12.75 32.45 -20.80
N HIS B 5 12.30 31.21 -20.83
CA HIS B 5 11.09 30.86 -21.56
C HIS B 5 9.93 31.16 -20.63
N HIS B 6 8.94 31.89 -21.13
CA HIS B 6 7.79 32.40 -20.35
C HIS B 6 6.61 31.43 -20.50
N SER B 7 5.62 31.56 -19.60
CA SER B 7 4.35 30.80 -19.58
C SER B 7 4.62 29.35 -19.13
N SER B 8 3.91 28.89 -18.10
CA SER B 8 3.94 27.49 -17.57
C SER B 8 2.85 26.63 -18.24
N GLY B 9 2.07 27.25 -19.14
CA GLY B 9 0.98 26.63 -19.94
C GLY B 9 0.93 27.20 -21.36
N GLY B 10 0.89 26.33 -22.37
CA GLY B 10 0.56 26.71 -23.76
C GLY B 10 1.38 25.95 -24.77
N MET B 11 1.04 24.69 -25.04
CA MET B 11 1.79 23.85 -26.03
C MET B 11 0.87 22.85 -26.68
N LYS B 12 1.21 22.41 -27.89
CA LYS B 12 0.48 21.36 -28.59
C LYS B 12 0.99 20.01 -28.08
N ALA B 13 0.05 19.06 -27.89
CA ALA B 13 0.35 17.66 -27.57
C ALA B 13 -0.64 16.74 -28.29
N LEU B 14 -0.14 15.58 -28.67
CA LEU B 14 -0.99 14.47 -29.16
C LEU B 14 -1.33 13.64 -27.93
N VAL B 15 -2.58 13.73 -27.46
N VAL B 15 -2.59 13.71 -27.51
CA VAL B 15 -3.03 13.12 -26.19
CA VAL B 15 -3.06 13.13 -26.22
C VAL B 15 -3.84 11.86 -26.48
C VAL B 15 -3.85 11.85 -26.49
N TYR B 16 -3.47 10.75 -25.84
CA TYR B 16 -4.30 9.52 -25.72
C TYR B 16 -5.51 9.84 -24.83
N THR B 17 -6.74 9.92 -25.36
CA THR B 17 -7.92 10.37 -24.56
C THR B 17 -8.86 9.20 -24.27
N GLY B 18 -8.65 8.07 -24.91
CA GLY B 18 -9.49 6.88 -24.76
C GLY B 18 -9.05 5.88 -25.79
N VAL B 19 -9.60 4.67 -25.76
CA VAL B 19 -9.12 3.56 -26.62
C VAL B 19 -9.15 4.05 -28.07
N ALA B 20 -7.99 3.97 -28.73
CA ALA B 20 -7.81 4.31 -30.16
C ALA B 20 -8.12 5.79 -30.40
N GLN B 21 -8.05 6.63 -29.35
CA GLN B 21 -8.39 8.07 -29.48
C GLN B 21 -7.11 8.90 -29.32
N LEU B 22 -6.70 9.58 -30.38
CA LEU B 22 -5.61 10.59 -30.27
C LEU B 22 -6.17 11.96 -30.61
N ALA B 23 -5.90 12.93 -29.75
CA ALA B 23 -6.39 14.32 -29.86
C ALA B 23 -5.19 15.26 -29.91
N PHE B 24 -5.08 16.00 -31.01
CA PHE B 24 -4.11 17.10 -31.15
C PHE B 24 -4.73 18.29 -30.44
N ARG B 25 -4.21 18.67 -29.28
N ARG B 25 -4.20 18.65 -29.28
CA ARG B 25 -4.85 19.74 -28.49
CA ARG B 25 -4.85 19.66 -28.41
C ARG B 25 -3.82 20.49 -27.63
C ARG B 25 -3.81 20.49 -27.63
N ASP B 26 -4.26 21.63 -27.07
CA ASP B 26 -3.45 22.51 -26.19
C ASP B 26 -3.41 21.89 -24.81
N VAL B 27 -2.22 21.80 -24.23
CA VAL B 27 -2.01 21.32 -22.83
C VAL B 27 -1.01 22.29 -22.25
N PRO B 28 -0.89 22.34 -20.90
CA PRO B 28 0.17 23.10 -20.25
C PRO B 28 1.58 22.62 -20.65
N GLU B 29 2.43 23.59 -20.94
CA GLU B 29 3.88 23.39 -21.10
C GLU B 29 4.39 22.85 -19.77
N PRO B 30 5.29 21.85 -19.76
CA PRO B 30 5.85 21.37 -18.50
C PRO B 30 6.80 22.43 -17.92
N VAL B 31 6.87 22.51 -16.60
CA VAL B 31 7.85 23.39 -15.89
C VAL B 31 8.96 22.47 -15.41
N PRO B 32 10.21 22.77 -15.84
CA PRO B 32 11.35 21.97 -15.43
C PRO B 32 11.51 22.07 -13.91
N ALA B 33 11.75 20.93 -13.26
CA ALA B 33 12.24 20.88 -11.87
C ALA B 33 13.63 21.52 -11.82
N ALA B 34 14.19 21.65 -10.61
CA ALA B 34 15.47 22.34 -10.29
C ALA B 34 16.58 21.98 -11.30
N GLY B 35 16.94 20.71 -11.43
CA GLY B 35 18.12 20.29 -12.24
C GLY B 35 17.79 19.94 -13.69
N ASP B 36 16.80 20.63 -14.31
CA ASP B 36 16.17 20.15 -15.57
C ASP B 36 16.26 21.23 -16.65
N HIS B 37 16.30 20.80 -17.91
CA HIS B 37 16.17 21.67 -19.10
C HIS B 37 14.75 21.55 -19.65
N LEU B 38 14.25 22.62 -20.26
CA LEU B 38 13.10 22.59 -21.20
C LEU B 38 13.62 22.20 -22.60
N ILE B 39 13.02 21.19 -23.25
CA ILE B 39 13.34 20.75 -24.64
C ILE B 39 12.13 20.97 -25.55
N ARG B 40 12.29 21.74 -26.62
CA ARG B 40 11.31 21.76 -27.72
C ARG B 40 11.63 20.57 -28.63
N ILE B 41 10.68 19.64 -28.75
CA ILE B 41 10.81 18.37 -29.52
C ILE B 41 10.75 18.66 -31.01
N ASP B 42 11.77 18.20 -31.74
CA ASP B 42 11.86 18.32 -33.22
C ASP B 42 11.34 17.02 -33.82
N SER B 43 11.70 15.89 -33.24
CA SER B 43 11.47 14.54 -33.79
C SER B 43 11.14 13.61 -32.62
N VAL B 44 10.01 12.90 -32.67
CA VAL B 44 9.69 11.84 -31.65
C VAL B 44 9.13 10.62 -32.37
N GLY B 45 9.75 9.46 -32.14
CA GLY B 45 9.37 8.21 -32.80
C GLY B 45 8.11 7.61 -32.16
N ILE B 46 7.37 6.82 -32.94
CA ILE B 46 6.22 6.01 -32.43
C ILE B 46 6.75 4.61 -32.11
N CYS B 47 6.69 4.20 -30.85
CA CYS B 47 7.24 2.91 -30.37
C CYS B 47 6.09 1.87 -30.23
N GLY B 48 6.46 0.61 -30.11
CA GLY B 48 5.53 -0.48 -29.77
C GLY B 48 4.74 -0.19 -28.51
N SER B 49 5.40 0.32 -27.47
CA SER B 49 4.72 0.61 -26.18
C SER B 49 3.61 1.68 -26.39
N ASP B 50 3.78 2.60 -27.34
CA ASP B 50 2.77 3.66 -27.63
C ASP B 50 1.53 3.03 -28.28
N MET B 51 1.71 2.15 -29.25
CA MET B 51 0.60 1.43 -29.96
C MET B 51 -0.17 0.56 -28.94
N HIS B 52 0.54 -0.20 -28.11
CA HIS B 52 -0.02 -1.04 -27.03
C HIS B 52 -0.96 -0.19 -26.17
N ALA B 53 -0.51 1.00 -25.75
CA ALA B 53 -1.29 1.92 -24.90
C ALA B 53 -2.49 2.46 -25.67
N TYR B 54 -2.30 2.88 -26.92
CA TYR B 54 -3.38 3.40 -27.82
C TYR B 54 -4.50 2.35 -27.96
N LEU B 55 -4.15 1.05 -28.01
CA LEU B 55 -5.14 -0.05 -28.24
C LEU B 55 -5.87 -0.40 -26.95
N GLY B 56 -5.54 0.26 -25.83
CA GLY B 56 -6.18 0.06 -24.51
C GLY B 56 -5.56 -1.07 -23.72
N HIS B 57 -4.43 -1.64 -24.17
CA HIS B 57 -3.82 -2.88 -23.62
C HIS B 57 -2.97 -2.59 -22.38
N ASP B 58 -2.75 -1.34 -22.00
CA ASP B 58 -1.70 -0.98 -21.00
C ASP B 58 -2.35 -0.45 -19.72
N ASP B 59 -2.26 -1.20 -18.61
CA ASP B 59 -2.95 -0.92 -17.31
C ASP B 59 -2.35 0.33 -16.67
N ARG B 60 -1.06 0.56 -16.92
CA ARG B 60 -0.31 1.68 -16.27
C ARG B 60 -0.55 2.99 -17.05
N ARG B 61 -1.14 2.96 -18.25
CA ARG B 61 -1.25 4.16 -19.14
C ARG B 61 -2.71 4.47 -19.46
N PRO B 62 -3.51 4.94 -18.48
CA PRO B 62 -4.94 5.11 -18.65
C PRO B 62 -5.45 6.43 -19.28
N ALA B 63 -5.69 7.45 -18.46
CA ALA B 63 -6.71 8.50 -18.70
C ALA B 63 -6.19 9.41 -19.80
N PRO B 64 -6.38 10.75 -19.79
CA PRO B 64 -5.52 11.60 -20.63
C PRO B 64 -4.06 11.24 -20.36
N LEU B 65 -3.30 10.95 -21.41
CA LEU B 65 -1.84 10.75 -21.27
C LEU B 65 -1.15 11.16 -22.57
N ILE B 66 -0.06 11.90 -22.46
CA ILE B 66 0.86 12.18 -23.61
C ILE B 66 1.76 10.96 -23.74
N LEU B 67 1.66 10.21 -24.84
CA LEU B 67 2.54 9.03 -25.04
C LEU B 67 3.87 9.52 -25.62
N GLY B 68 4.75 8.60 -26.04
CA GLY B 68 5.97 8.91 -26.80
C GLY B 68 7.19 9.04 -25.89
N HIS B 69 8.31 8.40 -26.27
CA HIS B 69 9.55 8.39 -25.45
C HIS B 69 10.80 8.40 -26.33
N GLU B 70 10.69 8.66 -27.63
CA GLU B 70 11.82 8.56 -28.59
C GLU B 70 12.13 9.94 -29.18
N GLY B 71 12.55 10.87 -28.32
CA GLY B 71 12.56 12.32 -28.59
C GLY B 71 13.95 12.90 -28.85
N ALA B 72 14.01 13.83 -29.80
CA ALA B 72 15.19 14.70 -30.04
C ALA B 72 14.70 16.12 -30.25
N GLY B 73 15.48 17.07 -29.80
CA GLY B 73 15.04 18.47 -29.89
C GLY B 73 16.14 19.44 -29.55
N VAL B 74 15.71 20.58 -29.04
CA VAL B 74 16.57 21.75 -28.79
C VAL B 74 16.34 22.19 -27.36
N ILE B 75 17.42 22.46 -26.66
CA ILE B 75 17.30 23.10 -25.32
C ILE B 75 16.76 24.51 -25.52
N ILE B 76 15.77 24.91 -24.72
CA ILE B 76 15.12 26.26 -24.75
C ILE B 76 15.45 26.97 -23.43
N GLY B 77 15.99 28.17 -23.53
CA GLY B 77 16.27 28.99 -22.34
C GLY B 77 17.58 28.60 -21.66
N GLY B 78 18.09 29.49 -20.83
CA GLY B 78 19.29 29.23 -20.04
C GLY B 78 20.54 29.22 -20.93
N PRO B 79 21.70 28.91 -20.34
CA PRO B 79 22.96 28.99 -21.08
C PRO B 79 23.06 28.02 -22.26
N ARG B 80 22.26 26.94 -22.29
CA ARG B 80 22.35 25.90 -23.36
C ARG B 80 21.26 26.10 -24.42
N ASP B 81 20.63 27.27 -24.44
CA ASP B 81 19.58 27.65 -25.41
C ASP B 81 20.07 27.34 -26.82
N GLY B 82 19.28 26.61 -27.59
CA GLY B 82 19.53 26.26 -28.99
C GLY B 82 20.27 24.95 -29.15
N GLU B 83 20.77 24.36 -28.06
CA GLU B 83 21.62 23.16 -28.16
C GLU B 83 20.76 21.98 -28.62
N ARG B 84 21.21 21.28 -29.66
CA ARG B 84 20.52 20.11 -30.24
C ARG B 84 20.86 18.87 -29.39
N VAL B 85 19.83 18.12 -28.97
CA VAL B 85 19.98 16.98 -28.03
C VAL B 85 19.01 15.86 -28.39
N THR B 86 19.41 14.64 -28.10
CA THR B 86 18.55 13.45 -28.15
C THR B 86 18.41 12.96 -26.71
N ILE B 87 17.23 12.45 -26.40
CA ILE B 87 16.78 12.26 -24.98
C ILE B 87 16.80 10.78 -24.62
N ASN B 88 17.48 10.46 -23.53
CA ASN B 88 17.38 9.15 -22.86
C ASN B 88 16.16 9.29 -21.95
N PRO B 89 15.02 8.63 -22.30
CA PRO B 89 13.80 8.80 -21.52
C PRO B 89 13.78 8.07 -20.16
N LEU B 90 14.78 7.25 -19.84
CA LEU B 90 14.84 6.45 -18.58
C LEU B 90 15.58 7.21 -17.48
N VAL B 91 14.91 7.47 -16.38
CA VAL B 91 15.49 8.13 -15.17
C VAL B 91 15.69 7.04 -14.13
N THR B 92 16.94 6.74 -13.76
CA THR B 92 17.31 5.64 -12.84
C THR B 92 17.71 6.23 -11.47
N CYS B 93 17.68 5.46 -10.38
CA CYS B 93 17.95 5.93 -9.00
C CYS B 93 19.47 5.99 -8.73
N GLY B 94 20.25 5.11 -9.36
CA GLY B 94 21.71 5.13 -9.22
C GLY B 94 22.20 4.56 -7.90
N THR B 95 21.36 4.00 -7.03
CA THR B 95 21.81 3.54 -5.69
C THR B 95 21.38 2.10 -5.41
N CYS B 96 20.37 1.58 -6.13
CA CYS B 96 19.86 0.20 -5.94
C CYS B 96 20.98 -0.78 -6.37
N PRO B 97 20.87 -2.06 -6.02
CA PRO B 97 21.92 -3.02 -6.39
C PRO B 97 22.12 -3.13 -7.91
N ALA B 98 21.06 -3.07 -8.72
CA ALA B 98 21.12 -3.10 -10.20
C ALA B 98 21.89 -1.87 -10.72
N CYS B 99 21.54 -0.67 -10.25
CA CYS B 99 22.21 0.61 -10.62
C CYS B 99 23.71 0.52 -10.29
N VAL B 100 24.05 0.19 -9.04
CA VAL B 100 25.46 0.06 -8.57
C VAL B 100 26.16 -1.05 -9.38
N SER B 101 25.42 -2.08 -9.81
CA SER B 101 25.97 -3.18 -10.66
C SER B 101 26.24 -2.64 -12.07
N GLY B 102 25.84 -1.40 -12.38
CA GLY B 102 25.93 -0.86 -13.74
C GLY B 102 24.89 -1.48 -14.67
N ARG B 103 23.81 -2.05 -14.10
CA ARG B 103 22.68 -2.60 -14.87
C ARG B 103 21.43 -1.78 -14.54
N ASP B 104 21.53 -0.45 -14.69
CA ASP B 104 20.45 0.52 -14.30
C ASP B 104 19.18 0.28 -15.13
N ASN B 105 19.29 -0.41 -16.27
CA ASN B 105 18.14 -0.93 -17.06
C ASN B 105 17.21 -1.77 -16.17
N LEU B 106 17.74 -2.45 -15.16
CA LEU B 106 16.92 -3.20 -14.17
C LEU B 106 16.71 -2.37 -12.88
N CYS B 107 16.92 -1.05 -12.89
CA CYS B 107 16.71 -0.20 -11.70
C CYS B 107 15.35 -0.55 -11.05
N ALA B 108 15.36 -0.74 -9.73
CA ALA B 108 14.18 -1.00 -8.88
C ALA B 108 13.15 0.14 -8.97
N THR B 109 13.55 1.39 -9.21
CA THR B 109 12.63 2.57 -9.19
C THR B 109 12.63 3.30 -10.55
N ARG B 110 12.93 2.59 -11.63
CA ARG B 110 13.07 3.20 -12.98
C ARG B 110 11.75 3.86 -13.38
N GLN B 111 11.84 5.14 -13.77
CA GLN B 111 10.76 5.90 -14.45
C GLN B 111 11.11 6.08 -15.93
N ILE B 112 10.11 6.22 -16.79
CA ILE B 112 10.27 6.56 -18.23
C ILE B 112 9.30 7.70 -18.59
N ILE B 113 9.73 8.53 -19.52
CA ILE B 113 8.85 9.49 -20.27
C ILE B 113 7.72 8.68 -20.92
N SER B 114 6.49 9.15 -20.74
CA SER B 114 5.20 8.52 -21.16
C SER B 114 4.65 7.54 -20.12
N MET B 115 5.34 7.26 -19.02
CA MET B 115 4.77 6.41 -17.93
C MET B 115 4.44 7.30 -16.73
N PRO B 116 3.14 7.42 -16.33
CA PRO B 116 2.76 8.29 -15.21
C PRO B 116 3.64 8.00 -14.00
N PRO B 117 4.12 9.02 -13.26
CA PRO B 117 3.70 10.42 -13.42
C PRO B 117 4.37 11.27 -14.52
N ARG B 118 5.21 10.67 -15.37
N ARG B 118 5.20 10.68 -15.37
CA ARG B 118 6.01 11.39 -16.40
CA ARG B 118 6.01 11.44 -16.38
C ARG B 118 5.28 11.42 -17.74
C ARG B 118 5.31 11.42 -17.74
N ASP B 119 4.95 12.62 -18.24
CA ASP B 119 4.28 12.83 -19.54
C ASP B 119 5.30 12.61 -20.67
N GLY B 120 4.81 12.09 -21.79
CA GLY B 120 5.63 11.69 -22.93
C GLY B 120 6.13 12.86 -23.78
N ALA B 121 6.59 12.52 -24.98
CA ALA B 121 7.33 13.41 -25.89
C ALA B 121 6.52 13.65 -27.18
N PHE B 122 5.33 13.05 -27.32
CA PHE B 122 4.32 13.41 -28.36
C PHE B 122 3.79 14.80 -28.02
N ALA B 123 4.71 15.76 -27.96
CA ALA B 123 4.41 17.16 -27.59
C ALA B 123 5.53 18.05 -28.07
N GLN B 124 5.23 19.33 -28.09
CA GLN B 124 6.15 20.38 -28.55
C GLN B 124 7.28 20.54 -27.55
N TYR B 125 7.01 20.26 -26.26
CA TYR B 125 8.03 20.41 -25.19
C TYR B 125 7.99 19.27 -24.19
N VAL B 126 9.17 18.95 -23.68
N VAL B 126 9.18 18.91 -23.71
CA VAL B 126 9.39 18.04 -22.52
CA VAL B 126 9.40 18.03 -22.53
C VAL B 126 10.38 18.72 -21.56
C VAL B 126 10.35 18.76 -21.55
N ALA B 127 10.31 18.37 -20.28
CA ALA B 127 11.30 18.78 -19.26
C ALA B 127 12.09 17.54 -18.83
N MET B 128 13.42 17.61 -18.88
CA MET B 128 14.29 16.43 -18.66
C MET B 128 15.54 16.88 -17.94
N PRO B 129 16.12 16.02 -17.08
CA PRO B 129 17.38 16.31 -16.41
C PRO B 129 18.54 16.31 -17.42
N ALA B 130 19.52 17.19 -17.22
CA ALA B 130 20.76 17.31 -18.03
C ALA B 130 21.40 15.94 -18.29
N ARG B 131 21.51 15.08 -17.27
CA ARG B 131 22.22 13.79 -17.41
C ARG B 131 21.46 12.86 -18.37
N ASN B 132 20.25 13.19 -18.81
CA ASN B 132 19.51 12.34 -19.79
C ASN B 132 19.66 12.86 -21.23
N LEU B 133 20.46 13.91 -21.43
CA LEU B 133 20.56 14.59 -22.76
C LEU B 133 21.92 14.28 -23.36
N VAL B 134 21.94 13.93 -24.65
CA VAL B 134 23.20 13.77 -25.40
C VAL B 134 23.22 14.79 -26.55
N THR B 135 24.26 15.60 -26.60
CA THR B 135 24.45 16.62 -27.66
C THR B 135 24.56 15.94 -29.02
N VAL B 136 23.85 16.47 -30.01
CA VAL B 136 23.86 15.93 -31.40
C VAL B 136 24.70 16.87 -32.22
N PRO B 137 25.78 16.38 -32.86
CA PRO B 137 26.58 17.24 -33.73
C PRO B 137 25.74 17.67 -34.95
N ASP B 138 26.07 18.81 -35.55
CA ASP B 138 25.24 19.39 -36.64
C ASP B 138 25.16 18.46 -37.84
N ASP B 139 26.16 17.62 -38.08
CA ASP B 139 26.15 16.74 -39.27
C ASP B 139 25.17 15.58 -39.04
N VAL B 140 24.47 15.52 -37.91
CA VAL B 140 23.47 14.43 -37.65
C VAL B 140 22.06 15.02 -37.53
N PRO B 141 21.17 14.79 -38.52
CA PRO B 141 19.79 15.26 -38.43
C PRO B 141 19.11 14.72 -37.17
N LEU B 142 18.28 15.56 -36.55
CA LEU B 142 17.52 15.18 -35.34
C LEU B 142 16.53 14.04 -35.65
N GLU B 143 16.06 13.86 -36.89
CA GLU B 143 15.20 12.69 -37.19
C GLU B 143 16.03 11.40 -37.20
N LYS B 144 17.35 11.45 -37.35
CA LYS B 144 18.25 10.29 -37.11
C LYS B 144 18.53 10.21 -35.61
N ALA B 145 18.90 11.32 -34.98
CA ALA B 145 19.32 11.32 -33.57
C ALA B 145 18.14 10.85 -32.71
N ALA B 146 16.92 11.02 -33.17
CA ALA B 146 15.70 10.52 -32.45
C ALA B 146 15.62 8.99 -32.47
N LEU B 147 16.43 8.29 -33.27
CA LEU B 147 16.45 6.80 -33.27
C LEU B 147 17.26 6.26 -32.10
N ALA B 148 17.86 7.11 -31.25
CA ALA B 148 18.88 6.65 -30.28
C ALA B 148 18.25 5.64 -29.35
N GLU B 149 17.07 5.94 -28.83
CA GLU B 149 16.39 5.04 -27.84
C GLU B 149 16.05 3.70 -28.46
N PRO B 150 15.28 3.60 -29.57
CA PRO B 150 15.00 2.29 -30.17
C PRO B 150 16.28 1.52 -30.54
N VAL B 151 17.31 2.23 -30.99
CA VAL B 151 18.55 1.52 -31.37
C VAL B 151 19.21 1.05 -30.07
N ALA B 152 19.24 1.88 -29.02
CA ALA B 152 19.96 1.52 -27.78
C ALA B 152 19.39 0.21 -27.22
N VAL B 153 18.08 -0.01 -27.35
CA VAL B 153 17.41 -1.25 -26.88
C VAL B 153 18.12 -2.48 -27.46
N SER B 154 18.30 -2.51 -28.77
CA SER B 154 18.93 -3.66 -29.48
C SER B 154 20.43 -3.62 -29.29
N TRP B 155 21.01 -2.42 -29.16
CA TRP B 155 22.47 -2.25 -28.92
C TRP B 155 22.82 -2.98 -27.63
N HIS B 156 22.03 -2.72 -26.59
CA HIS B 156 22.21 -3.30 -25.24
C HIS B 156 22.12 -4.83 -25.33
N ALA B 157 21.05 -5.34 -25.94
CA ALA B 157 20.84 -6.79 -26.12
C ALA B 157 22.09 -7.36 -26.78
N VAL B 158 22.50 -6.76 -27.87
CA VAL B 158 23.66 -7.30 -28.62
C VAL B 158 24.92 -7.28 -27.76
N ARG B 159 25.19 -6.18 -27.05
N ARG B 159 25.22 -6.19 -27.04
CA ARG B 159 26.43 -6.02 -26.25
CA ARG B 159 26.50 -6.10 -26.30
C ARG B 159 26.43 -7.05 -25.12
C ARG B 159 26.46 -7.06 -25.09
N LEU B 160 25.33 -7.15 -24.39
CA LEU B 160 25.14 -8.12 -23.27
C LEU B 160 25.14 -9.57 -23.80
N GLY B 161 24.43 -9.84 -24.89
CA GLY B 161 24.53 -11.14 -25.57
C GLY B 161 25.99 -11.54 -25.80
N LEU B 162 26.74 -10.74 -26.55
CA LEU B 162 28.12 -11.06 -27.01
C LEU B 162 29.04 -11.24 -25.80
N ALA B 163 28.92 -10.38 -24.78
CA ALA B 163 29.69 -10.49 -23.52
C ALA B 163 29.37 -11.82 -22.81
N SER B 164 28.13 -12.33 -22.93
CA SER B 164 27.65 -13.51 -22.17
C SER B 164 28.04 -14.82 -22.87
N MET B 165 28.43 -14.79 -24.15
CA MET B 165 28.69 -16.02 -24.92
C MET B 165 29.87 -16.78 -24.29
N ALA B 166 29.79 -18.11 -24.25
CA ALA B 166 30.76 -19.00 -23.56
C ALA B 166 31.89 -19.42 -24.51
N ASP B 167 31.89 -18.94 -25.76
CA ASP B 167 33.03 -19.06 -26.71
C ASP B 167 33.08 -17.83 -27.63
N ALA B 168 34.16 -17.70 -28.41
CA ALA B 168 34.49 -16.51 -29.21
C ALA B 168 34.13 -16.69 -30.68
N ARG B 169 33.28 -17.67 -31.02
CA ARG B 169 32.81 -17.87 -32.42
C ARG B 169 31.59 -16.96 -32.69
N ARG B 170 31.81 -15.84 -33.37
CA ARG B 170 30.79 -14.79 -33.65
C ARG B 170 30.70 -14.53 -35.15
N ASP B 171 30.68 -15.59 -35.96
CA ASP B 171 30.84 -15.48 -37.43
C ASP B 171 29.54 -14.99 -38.05
N SER B 172 28.39 -15.51 -37.61
CA SER B 172 27.11 -15.32 -38.30
C SER B 172 26.00 -15.09 -37.28
N ALA B 173 25.05 -14.24 -37.66
CA ALA B 173 23.87 -13.88 -36.85
C ALA B 173 22.63 -13.87 -37.73
N LEU B 174 21.52 -14.33 -37.15
CA LEU B 174 20.17 -14.22 -37.73
C LEU B 174 19.36 -13.27 -36.86
N VAL B 175 18.69 -12.30 -37.47
CA VAL B 175 17.72 -11.39 -36.80
C VAL B 175 16.33 -11.71 -37.34
N ILE B 176 15.39 -12.08 -36.48
CA ILE B 176 13.98 -12.38 -36.86
C ILE B 176 13.15 -11.12 -36.61
N GLY B 177 12.65 -10.52 -37.69
CA GLY B 177 11.81 -9.33 -37.62
C GLY B 177 12.40 -8.14 -38.33
N GLY B 178 11.64 -7.56 -39.25
CA GLY B 178 11.99 -6.33 -39.98
C GLY B 178 11.30 -5.13 -39.37
N GLY B 179 10.99 -5.22 -38.08
CA GLY B 179 10.53 -4.07 -37.29
C GLY B 179 11.73 -3.29 -36.81
N ALA B 180 11.49 -2.15 -36.18
CA ALA B 180 12.55 -1.29 -35.63
C ALA B 180 13.46 -2.14 -34.76
N ILE B 181 12.94 -3.02 -33.91
CA ILE B 181 13.80 -3.82 -32.98
C ILE B 181 14.80 -4.68 -33.79
N GLY B 182 14.32 -5.34 -34.82
CA GLY B 182 15.15 -6.22 -35.67
C GLY B 182 16.17 -5.40 -36.44
N VAL B 183 15.73 -4.30 -37.07
CA VAL B 183 16.65 -3.41 -37.83
C VAL B 183 17.75 -2.94 -36.85
N ALA B 184 17.36 -2.63 -35.63
CA ALA B 184 18.27 -2.04 -34.62
C ALA B 184 19.27 -3.13 -34.22
N ALA B 185 18.80 -4.38 -34.15
CA ALA B 185 19.64 -5.54 -33.78
C ALA B 185 20.68 -5.75 -34.88
N ALA B 186 20.26 -5.69 -36.15
CA ALA B 186 21.11 -6.01 -37.31
C ALA B 186 22.26 -4.99 -37.36
N ILE B 187 21.94 -3.71 -37.29
CA ILE B 187 22.97 -2.63 -37.38
C ILE B 187 23.84 -2.69 -36.12
N SER B 188 23.28 -3.00 -34.96
CA SER B 188 24.06 -3.13 -33.73
C SER B 188 25.07 -4.28 -33.88
N LEU B 189 24.64 -5.45 -34.35
CA LEU B 189 25.57 -6.58 -34.57
C LEU B 189 26.73 -6.15 -35.47
N GLN B 190 26.45 -5.46 -36.60
CA GLN B 190 27.48 -5.08 -37.58
C GLN B 190 28.41 -4.05 -36.91
N ALA B 191 27.85 -3.07 -36.19
CA ALA B 191 28.65 -2.06 -35.47
C ALA B 191 29.54 -2.77 -34.45
N GLN B 192 29.07 -3.88 -33.90
CA GLN B 192 29.78 -4.57 -32.78
C GLN B 192 30.53 -5.79 -33.28
N GLY B 193 30.76 -5.87 -34.60
CA GLY B 193 31.88 -6.63 -35.20
C GLY B 193 31.47 -7.98 -35.76
N VAL B 194 30.17 -8.23 -35.86
CA VAL B 194 29.58 -9.40 -36.58
C VAL B 194 29.06 -8.89 -37.93
N ALA B 195 29.85 -9.03 -38.98
CA ALA B 195 29.58 -8.46 -40.32
C ALA B 195 28.53 -9.33 -41.01
N ASP B 196 28.60 -10.65 -40.81
CA ASP B 196 27.65 -11.57 -41.50
C ASP B 196 26.31 -11.59 -40.75
N VAL B 197 25.41 -10.66 -41.07
CA VAL B 197 24.05 -10.61 -40.45
C VAL B 197 22.98 -10.81 -41.51
N THR B 198 22.04 -11.70 -41.24
CA THR B 198 20.83 -11.93 -42.07
C THR B 198 19.61 -11.53 -41.22
N LEU B 199 18.80 -10.59 -41.74
CA LEU B 199 17.51 -10.23 -41.13
C LEU B 199 16.39 -10.91 -41.94
N VAL B 200 15.45 -11.54 -41.25
CA VAL B 200 14.35 -12.28 -41.88
C VAL B 200 12.99 -11.61 -41.57
N GLU B 201 12.13 -11.49 -42.58
CA GLU B 201 10.87 -10.71 -42.53
C GLU B 201 9.91 -11.24 -43.58
N PRO B 202 8.71 -11.75 -43.21
CA PRO B 202 7.78 -12.31 -44.19
C PRO B 202 7.10 -11.23 -45.06
N ASN B 203 7.09 -9.96 -44.63
CA ASN B 203 6.45 -8.81 -45.36
C ASN B 203 7.36 -8.31 -46.49
N ALA B 204 6.92 -8.46 -47.74
CA ALA B 204 7.70 -8.14 -48.95
C ALA B 204 7.99 -6.63 -48.99
N MET B 205 7.01 -5.83 -48.61
CA MET B 205 7.11 -4.35 -48.71
C MET B 205 8.17 -3.86 -47.72
N ARG B 206 8.17 -4.41 -46.50
CA ARG B 206 9.19 -4.08 -45.46
C ARG B 206 10.55 -4.51 -45.99
N ARG B 207 10.69 -5.77 -46.39
CA ARG B 207 11.99 -6.31 -46.91
C ARG B 207 12.51 -5.33 -47.97
N GLU B 208 11.68 -5.03 -48.97
CA GLU B 208 12.08 -4.20 -50.14
C GLU B 208 12.46 -2.80 -49.67
N TYR B 209 11.69 -2.21 -48.75
CA TYR B 209 12.01 -0.89 -48.17
C TYR B 209 13.41 -0.95 -47.55
N LEU B 210 13.69 -1.99 -46.75
CA LEU B 210 14.94 -2.09 -45.93
C LEU B 210 16.13 -2.35 -46.86
N ALA B 211 15.92 -3.14 -47.91
CA ALA B 211 16.97 -3.55 -48.87
C ALA B 211 17.58 -2.34 -49.60
N ARG B 212 16.84 -1.22 -49.72
CA ARG B 212 17.33 0.07 -50.29
C ARG B 212 18.75 0.41 -49.80
N ASP B 213 18.99 0.47 -48.48
CA ASP B 213 20.22 1.05 -47.87
C ASP B 213 20.80 0.17 -46.77
N ALA B 214 20.38 -1.09 -46.66
CA ALA B 214 20.87 -2.01 -45.62
C ALA B 214 22.22 -2.60 -46.05
N ASN B 215 23.19 -2.63 -45.13
CA ASN B 215 24.54 -3.22 -45.33
C ASN B 215 24.55 -4.65 -44.79
N TYR B 216 23.39 -5.16 -44.39
CA TYR B 216 23.21 -6.55 -43.93
C TYR B 216 22.27 -7.24 -44.94
N THR B 217 22.25 -8.57 -44.94
CA THR B 217 21.41 -9.41 -45.84
C THR B 217 19.96 -9.38 -45.33
N ILE B 218 19.02 -9.23 -46.26
CA ILE B 218 17.56 -9.34 -45.99
C ILE B 218 17.03 -10.56 -46.75
N ALA B 219 16.24 -11.39 -46.09
CA ALA B 219 15.67 -12.62 -46.68
C ALA B 219 14.27 -12.91 -46.11
N THR B 220 13.62 -13.91 -46.69
CA THR B 220 12.37 -14.50 -46.16
C THR B 220 12.81 -15.57 -45.17
N PRO B 221 11.94 -15.95 -44.21
CA PRO B 221 12.23 -17.08 -43.32
C PRO B 221 12.60 -18.41 -44.01
N GLU B 222 11.99 -18.71 -45.16
CA GLU B 222 12.20 -20.03 -45.83
C GLU B 222 13.51 -19.94 -46.62
N GLN B 223 14.02 -18.74 -46.87
CA GLN B 223 15.37 -18.61 -47.47
C GLN B 223 16.48 -19.03 -46.50
N VAL B 224 16.21 -19.05 -45.19
N VAL B 224 16.22 -19.05 -45.19
CA VAL B 224 17.23 -19.41 -44.15
CA VAL B 224 17.24 -19.42 -44.16
C VAL B 224 16.90 -20.76 -43.49
C VAL B 224 16.92 -20.79 -43.53
N ALA B 225 15.78 -21.40 -43.85
CA ALA B 225 15.27 -22.61 -43.15
C ALA B 225 16.35 -23.71 -43.18
N GLY B 226 16.54 -24.39 -42.06
CA GLY B 226 17.54 -25.46 -41.93
C GLY B 226 18.95 -24.95 -41.63
N ARG B 227 19.18 -23.63 -41.62
CA ARG B 227 20.54 -23.09 -41.32
C ARG B 227 20.68 -22.73 -39.83
N VAL B 228 21.90 -22.83 -39.33
CA VAL B 228 22.23 -22.49 -37.92
C VAL B 228 23.16 -21.29 -37.94
N PHE B 229 23.04 -20.44 -36.95
CA PHE B 229 23.87 -19.23 -36.77
C PHE B 229 24.46 -19.27 -35.36
N ASP B 230 25.59 -18.60 -35.17
CA ASP B 230 26.24 -18.39 -33.86
C ASP B 230 25.27 -17.63 -32.96
N ILE B 231 24.52 -16.70 -33.53
CA ILE B 231 23.66 -15.75 -32.76
C ILE B 231 22.30 -15.62 -33.44
N THR B 232 21.23 -15.85 -32.71
CA THR B 232 19.87 -15.56 -33.17
C THR B 232 19.30 -14.45 -32.30
N VAL B 233 18.53 -13.56 -32.90
CA VAL B 233 17.86 -12.45 -32.19
C VAL B 233 16.38 -12.47 -32.55
N ASP B 234 15.51 -12.79 -31.60
CA ASP B 234 14.04 -12.73 -31.84
C ASP B 234 13.59 -11.31 -31.50
N GLY B 235 13.34 -10.50 -32.55
CA GLY B 235 12.86 -9.12 -32.45
C GLY B 235 11.36 -9.04 -32.56
N VAL B 236 10.69 -10.20 -32.49
CA VAL B 236 9.22 -10.32 -32.66
C VAL B 236 8.60 -10.90 -31.39
N GLY B 237 8.97 -12.11 -30.99
CA GLY B 237 8.65 -12.63 -29.65
C GLY B 237 7.28 -13.31 -29.61
N TYR B 238 6.98 -14.14 -30.60
CA TYR B 238 5.84 -15.07 -30.61
C TYR B 238 6.38 -16.48 -30.49
N ASP B 239 5.51 -17.43 -30.15
CA ASP B 239 5.83 -18.89 -30.13
C ASP B 239 6.58 -19.25 -31.42
N ALA B 240 6.04 -18.88 -32.58
CA ALA B 240 6.56 -19.28 -33.91
C ALA B 240 8.01 -18.80 -34.08
N THR B 241 8.34 -17.59 -33.62
CA THR B 241 9.67 -16.96 -33.79
C THR B 241 10.64 -17.57 -32.76
N ARG B 242 10.19 -17.76 -31.52
CA ARG B 242 11.01 -18.45 -30.49
C ARG B 242 11.41 -19.82 -31.03
N ALA B 243 10.46 -20.57 -31.60
CA ALA B 243 10.76 -21.91 -32.16
C ALA B 243 11.82 -21.74 -33.27
N ALA B 244 11.62 -20.82 -34.20
CA ALA B 244 12.53 -20.65 -35.37
C ALA B 244 13.92 -20.27 -34.85
N ALA B 245 14.00 -19.37 -33.85
CA ALA B 245 15.29 -18.92 -33.28
C ALA B 245 15.98 -20.10 -32.60
N SER B 246 15.23 -20.93 -31.88
CA SER B 246 15.78 -22.12 -31.17
C SER B 246 16.43 -23.04 -32.21
N ALA B 247 15.66 -23.41 -33.24
CA ALA B 247 16.11 -24.32 -34.32
C ALA B 247 17.33 -23.73 -35.05
N ALA B 248 17.44 -22.40 -35.16
CA ALA B 248 18.48 -21.74 -35.98
C ALA B 248 19.71 -21.37 -35.13
N THR B 249 19.74 -21.66 -33.83
CA THR B 249 20.94 -21.41 -32.99
C THR B 249 21.79 -22.69 -32.97
N ARG B 250 23.09 -22.55 -33.23
CA ARG B 250 24.10 -23.65 -33.26
C ARG B 250 24.43 -24.04 -31.83
N PRO B 251 24.87 -25.28 -31.58
CA PRO B 251 25.24 -25.70 -30.24
C PRO B 251 26.23 -24.73 -29.59
N GLY B 252 25.90 -24.28 -28.38
CA GLY B 252 26.75 -23.40 -27.56
C GLY B 252 26.55 -21.93 -27.91
N GLY B 253 25.58 -21.65 -28.77
CA GLY B 253 25.32 -20.33 -29.33
C GLY B 253 24.44 -19.50 -28.43
N LEU B 254 23.94 -18.39 -28.96
CA LEU B 254 23.25 -17.33 -28.22
C LEU B 254 21.92 -17.09 -28.90
N LEU B 255 20.85 -17.10 -28.11
CA LEU B 255 19.51 -16.68 -28.54
C LEU B 255 19.12 -15.47 -27.69
N LEU B 256 19.05 -14.31 -28.34
CA LEU B 256 18.57 -13.05 -27.70
C LEU B 256 17.08 -12.91 -27.97
N HIS B 257 16.29 -12.73 -26.91
CA HIS B 257 14.82 -12.59 -26.97
C HIS B 257 14.38 -11.18 -26.53
N ILE B 258 14.02 -10.32 -27.48
CA ILE B 258 13.80 -8.87 -27.22
C ILE B 258 12.35 -8.54 -27.49
N GLY B 259 11.75 -9.08 -28.55
CA GLY B 259 10.33 -8.84 -28.84
C GLY B 259 9.44 -9.38 -27.74
N LEU B 260 8.26 -8.80 -27.55
CA LEU B 260 7.18 -9.34 -26.67
C LEU B 260 5.85 -9.37 -27.41
N GLY B 261 5.83 -9.98 -28.60
CA GLY B 261 4.60 -10.24 -29.37
C GLY B 261 3.54 -10.88 -28.47
N GLY B 262 3.82 -12.08 -27.96
CA GLY B 262 2.86 -12.84 -27.13
C GLY B 262 3.15 -14.33 -27.12
N GLY B 263 2.30 -15.09 -26.41
CA GLY B 263 2.50 -16.52 -26.13
C GLY B 263 3.41 -16.69 -24.93
N SER B 264 3.62 -17.92 -24.45
CA SER B 264 4.61 -18.22 -23.37
C SER B 264 5.41 -19.50 -23.62
N ALA B 265 5.39 -20.07 -24.83
CA ALA B 265 6.20 -21.26 -25.20
C ALA B 265 7.05 -20.97 -26.46
N GLY B 266 7.32 -21.98 -27.27
CA GLY B 266 8.00 -21.87 -28.58
C GLY B 266 9.44 -22.29 -28.46
N LEU B 267 10.11 -21.92 -27.36
CA LEU B 267 11.51 -22.35 -27.11
C LEU B 267 11.50 -23.87 -27.10
N ASP B 268 12.41 -24.46 -27.85
CA ASP B 268 12.67 -25.92 -27.87
C ASP B 268 13.60 -26.23 -26.69
N ILE B 269 13.03 -26.59 -25.55
CA ILE B 269 13.81 -26.74 -24.28
C ILE B 269 14.81 -27.89 -24.40
N ARG B 270 14.40 -29.04 -24.92
CA ARG B 270 15.29 -30.21 -25.14
C ARG B 270 16.57 -29.75 -25.86
N ARG B 271 16.42 -29.00 -26.95
CA ARG B 271 17.56 -28.55 -27.79
C ARG B 271 18.39 -27.55 -27.00
N ILE B 272 17.76 -26.57 -26.35
CA ILE B 272 18.49 -25.55 -25.55
C ILE B 272 19.34 -26.30 -24.51
N THR B 273 18.82 -27.40 -23.95
CA THR B 273 19.57 -28.18 -22.93
C THR B 273 20.65 -29.02 -23.62
N LEU B 274 20.28 -29.89 -24.56
CA LEU B 274 21.25 -30.85 -25.16
C LEU B 274 22.30 -30.12 -26.01
N GLN B 275 21.94 -28.98 -26.63
CA GLN B 275 22.90 -28.23 -27.48
C GLN B 275 23.46 -27.03 -26.68
N GLU B 276 23.10 -26.94 -25.41
CA GLU B 276 23.70 -25.94 -24.48
C GLU B 276 23.63 -24.56 -25.12
N ILE B 277 22.41 -24.05 -25.33
CA ILE B 277 22.19 -22.70 -25.91
C ILE B 277 22.07 -21.72 -24.73
N THR B 278 22.74 -20.57 -24.81
CA THR B 278 22.58 -19.43 -23.87
C THR B 278 21.41 -18.59 -24.37
N VAL B 279 20.31 -18.58 -23.62
CA VAL B 279 19.08 -17.80 -23.94
C VAL B 279 18.99 -16.60 -22.99
N ILE B 280 18.90 -15.40 -23.55
CA ILE B 280 18.89 -14.15 -22.74
C ILE B 280 17.73 -13.30 -23.22
N GLY B 281 16.74 -13.09 -22.35
CA GLY B 281 15.71 -12.06 -22.53
C GLY B 281 16.32 -10.74 -22.12
N THR B 282 16.01 -9.65 -22.82
CA THR B 282 16.61 -8.31 -22.56
C THR B 282 15.51 -7.29 -22.30
N TYR B 283 15.83 -6.31 -21.44
CA TYR B 283 14.97 -5.14 -21.12
C TYR B 283 15.75 -3.84 -21.31
N THR B 284 15.23 -2.98 -22.16
CA THR B 284 15.74 -1.61 -22.42
C THR B 284 17.27 -1.66 -22.59
N TYR B 285 17.98 -0.84 -21.81
CA TYR B 285 19.40 -0.50 -22.05
C TYR B 285 19.91 0.28 -20.85
N THR B 286 21.21 0.29 -20.66
CA THR B 286 21.87 1.12 -19.61
C THR B 286 22.14 2.53 -20.16
N ALA B 287 22.32 3.49 -19.25
CA ALA B 287 22.63 4.89 -19.59
C ALA B 287 23.90 4.93 -20.46
N GLN B 288 24.89 4.10 -20.13
CA GLN B 288 26.15 3.98 -20.90
C GLN B 288 25.85 3.42 -22.29
N ASP B 289 24.93 2.44 -22.39
CA ASP B 289 24.52 1.85 -23.70
C ASP B 289 23.92 2.97 -24.57
N PHE B 290 23.18 3.89 -23.97
CA PHE B 290 22.56 5.03 -24.71
C PHE B 290 23.67 5.95 -25.22
N ARG B 291 24.63 6.26 -24.37
CA ARG B 291 25.77 7.14 -24.78
C ARG B 291 26.61 6.44 -25.86
N ASP B 292 26.93 5.14 -25.67
CA ASP B 292 27.69 4.34 -26.67
C ASP B 292 26.91 4.33 -27.99
N THR B 293 25.57 4.18 -27.92
CA THR B 293 24.70 4.06 -29.11
C THR B 293 24.83 5.38 -29.87
N CYS B 294 24.64 6.50 -29.19
CA CYS B 294 24.81 7.87 -29.80
C CYS B 294 26.18 7.98 -30.49
N ALA B 295 27.25 7.58 -29.80
CA ALA B 295 28.62 7.74 -30.29
C ALA B 295 28.73 6.93 -31.59
N ALA B 296 28.19 5.71 -31.63
CA ALA B 296 28.28 4.87 -32.84
C ALA B 296 27.37 5.46 -33.92
N MET B 297 26.23 6.03 -33.55
CA MET B 297 25.32 6.64 -34.56
C MET B 297 26.04 7.83 -35.21
N PHE B 298 26.68 8.67 -34.41
CA PHE B 298 27.28 9.96 -34.86
C PHE B 298 28.54 9.71 -35.67
N ASP B 299 29.28 8.63 -35.42
CA ASP B 299 30.56 8.33 -36.12
C ASP B 299 30.31 7.38 -37.30
N GLY B 300 29.06 7.08 -37.62
CA GLY B 300 28.69 6.40 -38.88
C GLY B 300 28.77 4.90 -38.78
N ARG B 301 29.02 4.34 -37.60
CA ARG B 301 29.12 2.88 -37.39
C ARG B 301 27.76 2.18 -37.45
N LEU B 302 26.64 2.91 -37.35
CA LEU B 302 25.32 2.25 -37.27
C LEU B 302 24.52 2.44 -38.55
N GLY B 303 25.20 2.69 -39.67
CA GLY B 303 24.57 2.76 -41.01
C GLY B 303 23.84 4.08 -41.23
N GLY B 304 23.03 4.15 -42.28
CA GLY B 304 22.39 5.40 -42.74
C GLY B 304 21.35 5.95 -41.77
N LEU B 305 20.69 5.10 -40.98
CA LEU B 305 19.62 5.52 -40.05
C LEU B 305 18.61 6.39 -40.80
N ASP B 306 18.24 5.99 -42.02
CA ASP B 306 17.23 6.63 -42.88
C ASP B 306 15.93 5.82 -42.89
N TRP B 307 15.81 4.75 -42.08
CA TRP B 307 14.67 3.82 -42.16
C TRP B 307 13.46 4.44 -41.41
N THR B 308 13.18 5.72 -41.69
CA THR B 308 12.11 6.54 -41.05
C THR B 308 11.25 7.21 -42.13
N GLU B 309 9.98 7.39 -41.83
CA GLU B 309 9.11 8.35 -42.54
C GLU B 309 8.65 9.34 -41.48
N SER B 310 8.61 10.63 -41.79
CA SER B 310 8.20 11.65 -40.80
C SER B 310 6.80 12.14 -41.12
N ARG B 311 6.04 12.47 -40.08
CA ARG B 311 4.66 13.02 -40.20
C ARG B 311 4.51 14.16 -39.19
N PRO B 312 3.78 15.22 -39.55
CA PRO B 312 3.48 16.27 -38.59
C PRO B 312 2.75 15.67 -37.37
N LEU B 313 3.08 16.16 -36.17
CA LEU B 313 2.35 15.73 -34.93
C LEU B 313 0.83 15.85 -35.13
N SER B 314 0.37 16.92 -35.80
CA SER B 314 -1.06 17.24 -36.02
C SER B 314 -1.76 16.06 -36.69
N ALA B 315 -1.00 15.22 -37.42
CA ALA B 315 -1.51 14.11 -38.23
C ALA B 315 -1.23 12.80 -37.51
N GLY B 316 -0.85 12.84 -36.23
CA GLY B 316 -0.53 11.61 -35.49
C GLY B 316 -1.65 10.57 -35.53
N ALA B 317 -2.93 10.99 -35.49
CA ALA B 317 -4.06 10.02 -35.47
C ALA B 317 -4.04 9.24 -36.78
N ASP B 318 -3.89 9.94 -37.88
CA ASP B 318 -3.73 9.30 -39.21
C ASP B 318 -2.50 8.38 -39.21
N ALA B 319 -1.37 8.76 -38.60
CA ALA B 319 -0.14 7.92 -38.65
C ALA B 319 -0.40 6.60 -37.92
N PHE B 320 -1.05 6.67 -36.76
CA PHE B 320 -1.44 5.47 -35.99
C PHE B 320 -2.40 4.61 -36.80
N ALA B 321 -3.35 5.21 -37.55
CA ALA B 321 -4.23 4.45 -38.48
C ALA B 321 -3.36 3.77 -39.56
N ASP B 322 -2.38 4.48 -40.12
CA ASP B 322 -1.50 3.93 -41.18
C ASP B 322 -0.76 2.71 -40.60
N ILE B 323 -0.28 2.75 -39.37
CA ILE B 323 0.49 1.61 -38.77
C ILE B 323 -0.46 0.44 -38.55
N ARG B 324 -1.54 0.66 -37.78
CA ARG B 324 -2.57 -0.36 -37.46
C ARG B 324 -2.97 -1.09 -38.75
N ALA B 325 -3.17 -0.39 -39.87
CA ALA B 325 -3.59 -0.95 -41.18
C ALA B 325 -2.41 -1.60 -41.95
N GLY B 326 -1.20 -1.65 -41.39
CA GLY B 326 -0.01 -2.20 -42.08
C GLY B 326 0.32 -1.49 -43.40
N ARG B 327 0.10 -0.17 -43.49
CA ARG B 327 0.27 0.68 -44.71
C ARG B 327 1.67 1.31 -44.84
N VAL B 328 2.58 1.05 -43.89
CA VAL B 328 3.82 1.87 -43.68
C VAL B 328 5.08 1.06 -44.06
N PRO B 329 5.71 1.33 -45.23
CA PRO B 329 6.96 0.66 -45.61
C PRO B 329 8.10 0.78 -44.58
N ALA B 330 8.35 1.98 -44.04
CA ALA B 330 9.41 2.22 -43.04
C ALA B 330 9.02 1.57 -41.73
N PRO B 331 9.99 0.99 -40.99
CA PRO B 331 9.73 0.44 -39.66
C PRO B 331 9.57 1.48 -38.56
N LYS B 332 9.68 2.76 -38.88
CA LYS B 332 9.65 3.78 -37.81
C LYS B 332 9.00 5.04 -38.37
N ILE B 333 7.98 5.54 -37.65
CA ILE B 333 7.40 6.87 -37.95
C ILE B 333 7.95 7.84 -36.91
N ILE B 334 8.42 8.98 -37.43
CA ILE B 334 8.89 10.12 -36.60
C ILE B 334 7.83 11.21 -36.68
N LEU B 335 7.25 11.58 -35.55
CA LEU B 335 6.30 12.72 -35.52
C LEU B 335 7.08 14.01 -35.31
N LYS B 336 6.59 15.09 -35.90
CA LYS B 336 7.27 16.40 -35.98
C LYS B 336 6.40 17.46 -35.32
N PRO B 337 6.61 17.79 -34.02
N PRO B 337 6.61 17.76 -34.01
CA PRO B 337 5.86 18.87 -33.37
CA PRO B 337 5.85 18.83 -33.34
C PRO B 337 6.05 20.26 -34.01
C PRO B 337 6.06 20.20 -33.98
N GLY C 9 11.59 -31.12 10.53
CA GLY C 9 10.21 -31.64 10.38
C GLY C 9 9.17 -30.61 10.80
N GLY C 10 8.55 -30.83 11.96
CA GLY C 10 7.37 -30.06 12.42
C GLY C 10 7.68 -29.20 13.62
N MET C 11 6.80 -28.24 13.91
CA MET C 11 6.74 -27.49 15.19
C MET C 11 5.28 -27.33 15.57
N LYS C 12 4.98 -26.91 16.80
CA LYS C 12 3.58 -26.61 17.20
C LYS C 12 3.24 -25.20 16.75
N ALA C 13 2.00 -25.02 16.29
CA ALA C 13 1.43 -23.71 15.94
C ALA C 13 -0.07 -23.75 16.16
N LEU C 14 -0.63 -22.67 16.70
CA LEU C 14 -2.07 -22.38 16.70
C LEU C 14 -2.43 -21.80 15.33
N VAL C 15 -3.33 -22.46 14.59
N VAL C 15 -3.35 -22.45 14.62
CA VAL C 15 -3.70 -22.07 13.20
CA VAL C 15 -3.72 -22.11 13.21
C VAL C 15 -5.19 -21.75 13.18
C VAL C 15 -5.21 -21.75 13.18
N TYR C 16 -5.53 -20.60 12.57
CA TYR C 16 -6.93 -20.14 12.33
C TYR C 16 -7.51 -20.95 11.15
N THR C 17 -8.39 -21.91 11.44
CA THR C 17 -8.86 -22.91 10.43
C THR C 17 -10.27 -22.59 9.96
N GLY C 18 -10.94 -21.62 10.57
CA GLY C 18 -12.29 -21.22 10.15
C GLY C 18 -12.92 -20.32 11.18
N VAL C 19 -14.05 -19.69 10.86
CA VAL C 19 -14.70 -18.70 11.77
C VAL C 19 -14.77 -19.29 13.19
N ALA C 20 -14.08 -18.66 14.15
CA ALA C 20 -14.02 -18.99 15.60
C ALA C 20 -13.32 -20.33 15.82
N GLN C 21 -12.51 -20.78 14.88
CA GLN C 21 -11.85 -22.10 14.95
C GLN C 21 -10.34 -21.87 15.00
N LEU C 22 -9.74 -22.23 16.13
CA LEU C 22 -8.27 -22.29 16.29
C LEU C 22 -7.90 -23.73 16.60
N ALA C 23 -6.95 -24.28 15.84
CA ALA C 23 -6.47 -25.67 15.96
C ALA C 23 -4.99 -25.64 16.35
N PHE C 24 -4.67 -26.22 17.50
CA PHE C 24 -3.26 -26.46 17.93
C PHE C 24 -2.83 -27.74 17.22
N ARG C 25 -1.86 -27.64 16.30
N ARG C 25 -1.87 -27.63 16.30
CA ARG C 25 -1.40 -28.82 15.52
CA ARG C 25 -1.41 -28.78 15.45
C ARG C 25 0.04 -28.62 15.05
C ARG C 25 0.06 -28.62 15.06
N ASP C 26 0.63 -29.69 14.52
CA ASP C 26 1.97 -29.70 13.88
C ASP C 26 1.86 -28.94 12.55
N VAL C 27 2.88 -28.13 12.25
CA VAL C 27 3.05 -27.39 10.95
C VAL C 27 4.54 -27.43 10.62
N PRO C 28 4.93 -27.17 9.36
CA PRO C 28 6.36 -27.18 9.02
C PRO C 28 7.05 -26.02 9.75
N GLU C 29 8.28 -26.25 10.21
CA GLU C 29 9.15 -25.18 10.76
C GLU C 29 9.48 -24.22 9.63
N PRO C 30 9.54 -22.89 9.90
CA PRO C 30 9.95 -21.93 8.88
C PRO C 30 11.48 -22.05 8.76
N VAL C 31 11.99 -21.90 7.53
CA VAL C 31 13.45 -21.88 7.23
C VAL C 31 13.82 -20.42 6.98
N PRO C 32 14.88 -19.90 7.62
CA PRO C 32 15.21 -18.49 7.51
C PRO C 32 15.88 -18.24 6.15
N ALA C 33 15.33 -17.30 5.37
CA ALA C 33 15.93 -16.78 4.12
C ALA C 33 17.36 -16.28 4.43
N ALA C 34 18.09 -15.85 3.39
CA ALA C 34 19.52 -15.44 3.43
C ALA C 34 19.88 -14.68 4.72
N GLY C 35 19.36 -13.46 4.91
CA GLY C 35 19.80 -12.51 5.96
C GLY C 35 18.90 -12.50 7.18
N ASP C 36 18.25 -13.63 7.48
CA ASP C 36 17.20 -13.75 8.53
C ASP C 36 17.73 -14.63 9.67
N HIS C 37 17.08 -14.58 10.83
CA HIS C 37 17.38 -15.43 12.00
C HIS C 37 16.16 -16.31 12.30
N LEU C 38 16.42 -17.53 12.81
CA LEU C 38 15.37 -18.40 13.38
C LEU C 38 15.15 -18.00 14.85
N ILE C 39 13.91 -17.65 15.22
CA ILE C 39 13.54 -17.23 16.60
C ILE C 39 12.67 -18.32 17.25
N ARG C 40 13.18 -19.00 18.29
CA ARG C 40 12.32 -19.82 19.19
C ARG C 40 11.51 -18.84 20.05
N ILE C 41 10.20 -18.79 19.83
CA ILE C 41 9.25 -17.85 20.50
C ILE C 41 9.09 -18.25 21.96
N ASP C 42 9.30 -17.33 22.90
CA ASP C 42 9.00 -17.54 24.34
C ASP C 42 7.58 -17.05 24.65
N SER C 43 7.23 -15.89 24.13
CA SER C 43 6.01 -15.16 24.52
C SER C 43 5.47 -14.45 23.29
N VAL C 44 4.17 -14.59 23.04
CA VAL C 44 3.50 -13.93 21.90
C VAL C 44 2.13 -13.44 22.36
N GLY C 45 1.90 -12.13 22.30
CA GLY C 45 0.63 -11.51 22.70
C GLY C 45 -0.47 -11.72 21.69
N ILE C 46 -1.71 -11.61 22.15
CA ILE C 46 -2.93 -11.62 21.29
C ILE C 46 -3.37 -10.18 21.07
N CYS C 47 -3.41 -9.73 19.80
CA CYS C 47 -3.75 -8.34 19.37
C CYS C 47 -5.20 -8.28 18.89
N GLY C 48 -5.79 -7.09 18.94
CA GLY C 48 -7.18 -6.82 18.51
C GLY C 48 -7.39 -7.27 17.08
N SER C 49 -6.33 -7.28 16.27
CA SER C 49 -6.31 -7.76 14.87
C SER C 49 -6.50 -9.28 14.84
N ASP C 50 -5.79 -10.01 15.71
CA ASP C 50 -5.86 -11.49 15.79
C ASP C 50 -7.32 -11.89 16.09
N MET C 51 -7.99 -11.12 16.96
CA MET C 51 -9.40 -11.33 17.33
C MET C 51 -10.30 -10.93 16.15
N HIS C 52 -9.97 -9.84 15.44
CA HIS C 52 -10.62 -9.45 14.15
C HIS C 52 -10.82 -10.73 13.32
N ALA C 53 -9.70 -11.38 12.99
CA ALA C 53 -9.60 -12.47 11.98
C ALA C 53 -10.23 -13.77 12.51
N TYR C 54 -10.04 -14.07 13.81
CA TYR C 54 -10.69 -15.20 14.51
C TYR C 54 -12.20 -15.11 14.29
N LEU C 55 -12.71 -13.89 14.36
CA LEU C 55 -14.15 -13.54 14.17
C LEU C 55 -14.52 -13.63 12.67
N GLY C 56 -13.54 -13.88 11.79
CA GLY C 56 -13.76 -14.06 10.33
C GLY C 56 -14.02 -12.74 9.62
N HIS C 57 -13.95 -11.61 10.33
CA HIS C 57 -14.34 -10.27 9.82
C HIS C 57 -13.26 -9.69 8.88
N ASP C 58 -12.07 -10.28 8.81
CA ASP C 58 -10.93 -9.75 8.02
C ASP C 58 -10.91 -10.42 6.64
N ASP C 59 -11.03 -9.60 5.59
CA ASP C 59 -11.10 -10.04 4.17
C ASP C 59 -9.71 -10.48 3.67
N ARG C 60 -8.64 -9.96 4.28
CA ARG C 60 -7.23 -10.19 3.86
C ARG C 60 -6.65 -11.45 4.53
N ARG C 61 -7.38 -12.05 5.49
CA ARG C 61 -6.92 -13.24 6.26
C ARG C 61 -7.71 -14.47 5.81
N PRO C 62 -7.08 -15.40 5.05
CA PRO C 62 -7.78 -16.49 4.39
C PRO C 62 -8.27 -17.58 5.36
N ALA C 63 -8.72 -18.72 4.83
CA ALA C 63 -9.21 -19.85 5.63
C ALA C 63 -8.10 -20.35 6.55
N PRO C 64 -6.94 -20.88 6.07
CA PRO C 64 -5.83 -21.30 6.94
C PRO C 64 -4.69 -20.28 7.10
N LEU C 65 -4.35 -19.92 8.35
CA LEU C 65 -3.39 -18.83 8.66
C LEU C 65 -2.90 -18.95 10.11
N ILE C 66 -1.59 -18.77 10.31
CA ILE C 66 -0.99 -18.59 11.66
C ILE C 66 -1.04 -17.10 12.01
N LEU C 67 -1.87 -16.74 12.98
CA LEU C 67 -1.99 -15.33 13.47
C LEU C 67 -0.82 -15.00 14.42
N GLY C 68 -0.85 -13.81 15.01
CA GLY C 68 0.07 -13.39 16.09
C GLY C 68 1.26 -12.63 15.55
N HIS C 69 1.54 -11.44 16.10
CA HIS C 69 2.60 -10.53 15.59
C HIS C 69 3.33 -9.83 16.75
N GLU C 70 3.12 -10.29 17.98
CA GLU C 70 3.64 -9.64 19.21
C GLU C 70 4.56 -10.63 19.94
N GLY C 71 5.75 -10.84 19.37
CA GLY C 71 6.63 -11.96 19.75
C GLY C 71 7.93 -11.48 20.35
N ALA C 72 8.36 -12.18 21.41
CA ALA C 72 9.76 -12.18 21.88
C ALA C 72 10.22 -13.63 22.05
N GLY C 73 11.52 -13.85 21.99
CA GLY C 73 12.09 -15.19 22.10
C GLY C 73 13.59 -15.14 21.99
N VAL C 74 14.17 -16.26 21.54
CA VAL C 74 15.64 -16.46 21.52
C VAL C 74 16.02 -16.85 20.10
N ILE C 75 17.20 -16.40 19.66
CA ILE C 75 17.74 -16.74 18.33
C ILE C 75 18.33 -18.14 18.44
N ILE C 76 17.91 -19.01 17.52
CA ILE C 76 18.37 -20.43 17.40
C ILE C 76 19.32 -20.52 16.18
N GLY C 77 20.50 -21.08 16.39
CA GLY C 77 21.50 -21.31 15.33
C GLY C 77 22.27 -20.04 15.00
N GLY C 78 23.41 -20.19 14.32
CA GLY C 78 24.25 -19.08 13.87
C GLY C 78 25.02 -18.43 15.02
N PRO C 79 25.91 -17.47 14.72
CA PRO C 79 26.69 -16.74 15.73
C PRO C 79 25.89 -16.02 16.83
N ARG C 80 24.62 -15.66 16.59
CA ARG C 80 23.74 -14.96 17.59
C ARG C 80 22.88 -15.98 18.35
N ASP C 81 23.22 -17.28 18.28
CA ASP C 81 22.50 -18.37 18.98
C ASP C 81 22.41 -18.05 20.48
N GLY C 82 21.21 -18.12 21.04
CA GLY C 82 20.97 -17.90 22.48
C GLY C 82 20.66 -16.45 22.83
N GLU C 83 20.88 -15.51 21.92
CA GLU C 83 20.62 -14.07 22.20
C GLU C 83 19.12 -13.88 22.39
N ARG C 84 18.69 -13.24 23.48
CA ARG C 84 17.27 -12.90 23.74
C ARG C 84 16.90 -11.64 22.94
N VAL C 85 15.81 -11.72 22.18
CA VAL C 85 15.37 -10.62 21.27
C VAL C 85 13.86 -10.48 21.38
N THR C 86 13.36 -9.27 21.14
CA THR C 86 11.94 -8.99 20.86
C THR C 86 11.84 -8.60 19.39
N ILE C 87 10.68 -8.83 18.79
CA ILE C 87 10.48 -8.83 17.30
C ILE C 87 9.60 -7.66 16.89
N ASN C 88 10.16 -6.72 16.12
CA ASN C 88 9.41 -5.77 15.26
C ASN C 88 8.86 -6.56 14.08
N PRO C 89 7.53 -6.81 14.00
CA PRO C 89 6.96 -7.65 12.95
C PRO C 89 6.83 -6.95 11.58
N LEU C 90 6.92 -5.61 11.57
CA LEU C 90 6.66 -4.75 10.38
C LEU C 90 7.90 -4.75 9.50
N VAL C 91 7.82 -5.36 8.32
CA VAL C 91 8.99 -5.39 7.36
C VAL C 91 8.77 -4.33 6.27
N THR C 92 9.76 -3.46 6.10
CA THR C 92 9.72 -2.24 5.25
C THR C 92 10.85 -2.25 4.21
N CYS C 93 10.62 -1.62 3.06
CA CYS C 93 11.49 -1.70 1.86
C CYS C 93 12.70 -0.78 2.04
N GLY C 94 12.57 0.34 2.74
CA GLY C 94 13.69 1.25 3.02
C GLY C 94 14.02 2.21 1.87
N THR C 95 13.36 2.14 0.71
CA THR C 95 13.68 3.01 -0.47
C THR C 95 12.45 3.73 -1.05
N CYS C 96 11.22 3.44 -0.61
CA CYS C 96 10.00 4.14 -1.09
C CYS C 96 9.96 5.53 -0.42
N PRO C 97 9.16 6.49 -0.92
CA PRO C 97 9.17 7.85 -0.36
C PRO C 97 8.89 7.85 1.16
N ALA C 98 7.89 7.07 1.59
CA ALA C 98 7.55 6.92 3.02
C ALA C 98 8.81 6.49 3.80
N CYS C 99 9.54 5.47 3.33
CA CYS C 99 10.73 4.89 4.03
C CYS C 99 11.84 5.94 4.11
N VAL C 100 12.16 6.57 2.98
CA VAL C 100 13.24 7.61 2.89
C VAL C 100 12.88 8.82 3.75
N SER C 101 11.59 9.11 3.94
CA SER C 101 11.14 10.26 4.77
C SER C 101 11.33 9.92 6.26
N GLY C 102 11.44 8.63 6.59
CA GLY C 102 11.52 8.13 7.98
C GLY C 102 10.18 7.66 8.48
N ARG C 103 9.19 7.51 7.60
CA ARG C 103 7.81 7.10 7.94
C ARG C 103 7.57 5.70 7.36
N ASP C 104 8.45 4.76 7.74
CA ASP C 104 8.44 3.37 7.20
C ASP C 104 7.18 2.62 7.65
N ASN C 105 6.43 3.11 8.64
CA ASN C 105 5.12 2.53 9.02
C ASN C 105 4.11 2.73 7.88
N LEU C 106 4.40 3.64 6.95
CA LEU C 106 3.54 3.90 5.77
C LEU C 106 4.20 3.34 4.49
N CYS C 107 5.25 2.54 4.63
CA CYS C 107 5.93 1.88 3.49
C CYS C 107 4.88 1.41 2.48
N ALA C 108 5.06 1.76 1.20
CA ALA C 108 4.13 1.41 0.11
C ALA C 108 3.95 -0.13 0.03
N THR C 109 4.98 -0.92 0.34
CA THR C 109 4.97 -2.42 0.27
C THR C 109 5.18 -3.01 1.66
N ARG C 110 4.63 -2.37 2.70
CA ARG C 110 4.83 -2.79 4.11
C ARG C 110 4.21 -4.18 4.29
N GLN C 111 4.98 -5.10 4.87
CA GLN C 111 4.50 -6.47 5.20
C GLN C 111 4.61 -6.67 6.71
N ILE C 112 3.63 -7.33 7.30
CA ILE C 112 3.62 -7.67 8.75
C ILE C 112 3.49 -9.18 8.90
N ILE C 113 4.08 -9.71 9.96
CA ILE C 113 3.88 -11.12 10.40
C ILE C 113 2.41 -11.30 10.75
N SER C 114 1.78 -12.37 10.25
CA SER C 114 0.33 -12.70 10.41
C SER C 114 -0.52 -12.11 9.29
N MET C 115 0.11 -11.44 8.31
CA MET C 115 -0.53 -10.97 7.05
C MET C 115 0.12 -11.71 5.88
N PRO C 116 -0.64 -12.50 5.08
CA PRO C 116 -0.02 -13.32 4.04
C PRO C 116 0.68 -12.37 3.07
N PRO C 117 1.87 -12.68 2.51
CA PRO C 117 2.51 -13.99 2.60
C PRO C 117 3.46 -14.27 3.78
N ARG C 118 3.25 -13.61 4.92
N ARG C 118 3.24 -13.61 4.92
CA ARG C 118 4.06 -13.80 6.15
CA ARG C 118 4.03 -13.76 6.17
C ARG C 118 3.21 -14.49 7.22
C ARG C 118 3.19 -14.49 7.22
N ASP C 119 3.65 -15.66 7.67
CA ASP C 119 2.98 -16.47 8.73
C ASP C 119 3.20 -15.78 10.09
N GLY C 120 2.22 -15.89 10.99
CA GLY C 120 2.22 -15.23 12.31
C GLY C 120 3.17 -15.87 13.31
N ALA C 121 3.06 -15.47 14.57
CA ALA C 121 4.01 -15.82 15.67
C ALA C 121 3.31 -16.66 16.74
N PHE C 122 2.09 -17.15 16.47
CA PHE C 122 1.40 -18.17 17.31
C PHE C 122 2.03 -19.54 17.03
N ALA C 123 3.32 -19.66 17.29
CA ALA C 123 4.09 -20.87 16.93
C ALA C 123 5.41 -20.87 17.68
N GLN C 124 6.03 -22.03 17.76
CA GLN C 124 7.25 -22.23 18.56
C GLN C 124 8.38 -21.50 17.86
N TYR C 125 8.28 -21.33 16.54
CA TYR C 125 9.37 -20.72 15.74
C TYR C 125 8.83 -19.72 14.74
N VAL C 126 9.68 -18.76 14.40
N VAL C 126 9.64 -18.70 14.44
CA VAL C 126 9.45 -17.74 13.33
CA VAL C 126 9.41 -17.73 13.33
C VAL C 126 10.81 -17.40 12.71
C VAL C 126 10.78 -17.39 12.72
N ALA C 127 10.79 -16.99 11.45
CA ALA C 127 11.98 -16.51 10.71
C ALA C 127 11.86 -14.99 10.59
N MET C 128 12.97 -14.24 10.75
CA MET C 128 12.96 -12.75 10.78
C MET C 128 14.28 -12.14 10.31
N PRO C 129 14.22 -11.01 9.57
CA PRO C 129 15.42 -10.27 9.19
C PRO C 129 16.08 -9.69 10.46
N ALA C 130 17.41 -9.60 10.47
CA ALA C 130 18.26 -9.17 11.61
C ALA C 130 17.87 -7.75 12.04
N ARG C 131 17.50 -6.90 11.08
CA ARG C 131 17.18 -5.47 11.31
C ARG C 131 15.83 -5.36 12.04
N ASN C 132 15.05 -6.44 12.13
CA ASN C 132 13.72 -6.44 12.80
C ASN C 132 13.79 -7.00 14.24
N LEU C 133 14.98 -7.20 14.81
CA LEU C 133 15.15 -7.74 16.17
C LEU C 133 15.85 -6.73 17.07
N VAL C 134 15.28 -6.46 18.24
CA VAL C 134 15.95 -5.69 19.32
C VAL C 134 16.44 -6.65 20.41
N THR C 135 17.69 -6.51 20.85
CA THR C 135 18.22 -7.33 21.96
C THR C 135 17.54 -6.93 23.27
N VAL C 136 17.21 -7.93 24.07
CA VAL C 136 16.58 -7.76 25.41
C VAL C 136 17.66 -7.97 26.46
N PRO C 137 17.85 -7.01 27.39
CA PRO C 137 18.77 -7.25 28.51
C PRO C 137 18.27 -8.38 29.42
N ASP C 138 19.18 -8.95 30.19
CA ASP C 138 18.92 -10.13 31.06
C ASP C 138 17.88 -9.79 32.14
N ASP C 139 17.87 -8.55 32.67
CA ASP C 139 16.98 -8.15 33.79
C ASP C 139 15.56 -7.83 33.28
N VAL C 140 15.28 -7.99 31.98
CA VAL C 140 13.90 -7.81 31.42
C VAL C 140 13.37 -9.16 30.99
N PRO C 141 12.31 -9.68 31.65
CA PRO C 141 11.71 -10.96 31.26
C PRO C 141 11.15 -10.90 29.82
N LEU C 142 11.00 -12.06 29.20
CA LEU C 142 10.53 -12.13 27.81
C LEU C 142 9.03 -11.82 27.73
N GLU C 143 8.18 -12.09 28.75
CA GLU C 143 6.75 -11.64 28.75
C GLU C 143 6.70 -10.13 28.58
N LYS C 144 7.57 -9.42 29.30
CA LYS C 144 7.60 -7.94 29.27
C LYS C 144 8.05 -7.54 27.86
N ALA C 145 9.16 -8.10 27.37
CA ALA C 145 9.78 -7.71 26.08
C ALA C 145 8.74 -7.90 24.95
N ALA C 146 7.86 -8.89 25.06
CA ALA C 146 6.81 -9.21 24.06
C ALA C 146 5.69 -8.16 24.08
N LEU C 147 5.75 -7.15 24.96
CA LEU C 147 4.77 -6.02 24.97
C LEU C 147 5.29 -4.91 24.05
N ALA C 148 6.49 -5.04 23.51
CA ALA C 148 7.16 -4.00 22.71
C ALA C 148 6.22 -3.47 21.61
N GLU C 149 5.59 -4.38 20.82
N GLU C 149 5.59 -4.39 20.86
CA GLU C 149 4.77 -4.03 19.63
CA GLU C 149 4.79 -4.08 19.64
C GLU C 149 3.52 -3.25 20.02
C GLU C 149 3.52 -3.29 20.00
N PRO C 150 2.62 -3.79 20.89
CA PRO C 150 1.42 -3.04 21.22
C PRO C 150 1.72 -1.72 21.96
N VAL C 151 2.82 -1.66 22.71
CA VAL C 151 3.26 -0.38 23.35
C VAL C 151 3.80 0.55 22.25
N ALA C 152 4.52 0.02 21.26
CA ALA C 152 5.11 0.80 20.15
C ALA C 152 4.00 1.48 19.33
N VAL C 153 2.82 0.85 19.22
CA VAL C 153 1.63 1.38 18.48
C VAL C 153 1.24 2.72 19.12
N SER C 154 1.03 2.73 20.43
CA SER C 154 0.58 3.96 21.14
C SER C 154 1.76 4.91 21.34
N TRP C 155 2.98 4.41 21.51
CA TRP C 155 4.19 5.26 21.65
C TRP C 155 4.36 6.09 20.39
N HIS C 156 4.27 5.46 19.22
CA HIS C 156 4.36 6.14 17.90
C HIS C 156 3.31 7.25 17.84
N ALA C 157 2.05 6.89 18.08
CA ALA C 157 0.87 7.78 18.06
C ALA C 157 1.10 9.00 18.96
N VAL C 158 1.59 8.78 20.18
CA VAL C 158 1.81 9.86 21.17
C VAL C 158 2.93 10.78 20.68
N ARG C 159 4.05 10.20 20.25
N ARG C 159 4.05 10.22 20.23
CA ARG C 159 5.23 10.97 19.78
CA ARG C 159 5.24 11.00 19.79
C ARG C 159 4.87 11.75 18.50
C ARG C 159 4.92 11.72 18.48
N LEU C 160 4.01 11.18 17.65
CA LEU C 160 3.62 11.82 16.38
C LEU C 160 2.69 12.99 16.71
N GLY C 161 1.66 12.74 17.51
CA GLY C 161 0.68 13.73 17.96
C GLY C 161 1.39 14.91 18.63
N LEU C 162 2.23 14.61 19.61
CA LEU C 162 2.94 15.66 20.38
C LEU C 162 3.73 16.55 19.40
N ALA C 163 4.51 15.97 18.50
CA ALA C 163 5.36 16.72 17.54
C ALA C 163 4.47 17.57 16.61
N SER C 164 3.22 17.17 16.41
CA SER C 164 2.32 17.76 15.38
C SER C 164 1.51 18.91 15.96
N MET C 165 1.52 19.08 17.29
CA MET C 165 0.62 20.04 17.96
C MET C 165 1.07 21.46 17.63
N ALA C 166 0.10 22.37 17.47
CA ALA C 166 0.32 23.77 17.03
C ALA C 166 0.62 24.66 18.24
N ASP C 167 0.71 24.11 19.44
CA ASP C 167 1.21 24.87 20.62
C ASP C 167 1.82 23.88 21.61
N ALA C 168 2.38 24.41 22.69
CA ALA C 168 3.24 23.67 23.64
C ALA C 168 2.48 23.39 24.94
N ARG C 169 1.15 23.55 24.90
CA ARG C 169 0.25 23.27 26.04
C ARG C 169 -0.07 21.77 26.05
N ARG C 170 0.62 21.03 26.93
CA ARG C 170 0.59 19.55 27.07
C ARG C 170 0.21 19.14 28.50
N ASP C 171 -0.69 19.84 29.16
CA ASP C 171 -0.87 19.65 30.63
C ASP C 171 -1.67 18.38 30.89
N SER C 172 -2.74 18.14 30.12
CA SER C 172 -3.72 17.06 30.41
C SER C 172 -4.05 16.24 29.14
N ALA C 173 -4.17 14.93 29.35
CA ALA C 173 -4.56 13.93 28.35
C ALA C 173 -5.66 13.03 28.92
N LEU C 174 -6.63 12.70 28.08
CA LEU C 174 -7.69 11.67 28.32
C LEU C 174 -7.45 10.52 27.33
N VAL C 175 -7.12 9.32 27.83
CA VAL C 175 -7.12 8.08 27.00
C VAL C 175 -8.48 7.39 27.12
N ILE C 176 -9.11 7.06 25.99
CA ILE C 176 -10.42 6.36 25.94
C ILE C 176 -10.18 4.89 25.59
N GLY C 177 -10.30 4.02 26.58
CA GLY C 177 -10.23 2.57 26.40
C GLY C 177 -9.24 1.97 27.36
N GLY C 178 -9.67 0.96 28.10
CA GLY C 178 -8.80 0.17 29.00
C GLY C 178 -8.26 -1.07 28.32
N GLY C 179 -8.40 -1.18 27.00
CA GLY C 179 -7.66 -2.15 26.17
C GLY C 179 -6.17 -1.84 26.19
N ALA C 180 -5.35 -2.77 25.68
CA ALA C 180 -3.87 -2.65 25.62
C ALA C 180 -3.46 -1.34 24.91
N ILE C 181 -4.14 -0.93 23.85
CA ILE C 181 -3.84 0.35 23.14
C ILE C 181 -3.98 1.52 24.13
N GLY C 182 -5.14 1.62 24.80
CA GLY C 182 -5.39 2.62 25.86
C GLY C 182 -4.26 2.66 26.89
N VAL C 183 -3.88 1.52 27.46
CA VAL C 183 -2.89 1.50 28.57
C VAL C 183 -1.55 1.93 27.99
N ALA C 184 -1.22 1.48 26.77
CA ALA C 184 0.07 1.80 26.10
C ALA C 184 0.13 3.31 25.83
N ALA C 185 -1.03 3.92 25.56
CA ALA C 185 -1.15 5.37 25.29
C ALA C 185 -0.88 6.12 26.60
N ALA C 186 -1.56 5.74 27.68
CA ALA C 186 -1.38 6.36 29.02
C ALA C 186 0.10 6.35 29.43
N ILE C 187 0.77 5.19 29.36
CA ILE C 187 2.16 5.02 29.86
C ILE C 187 3.13 5.70 28.90
N SER C 188 2.83 5.70 27.60
CA SER C 188 3.62 6.40 26.56
C SER C 188 3.57 7.92 26.83
N LEU C 189 2.39 8.45 27.15
CA LEU C 189 2.19 9.89 27.45
C LEU C 189 3.09 10.27 28.65
N GLN C 190 2.94 9.55 29.76
CA GLN C 190 3.76 9.79 30.97
C GLN C 190 5.24 9.73 30.62
N ALA C 191 5.68 8.72 29.88
CA ALA C 191 7.11 8.55 29.54
C ALA C 191 7.62 9.69 28.65
N GLN C 192 6.72 10.37 27.92
CA GLN C 192 7.06 11.46 26.96
C GLN C 192 6.68 12.83 27.55
N GLY C 193 6.46 12.92 28.87
CA GLY C 193 6.46 14.19 29.61
C GLY C 193 5.07 14.74 29.91
N VAL C 194 4.00 14.01 29.59
CA VAL C 194 2.63 14.44 29.98
C VAL C 194 2.18 13.63 31.20
N ALA C 195 2.37 14.19 32.41
CA ALA C 195 2.17 13.48 33.69
C ALA C 195 0.68 13.32 33.96
N ASP C 196 -0.14 14.37 33.72
CA ASP C 196 -1.58 14.37 34.06
C ASP C 196 -2.35 13.58 32.99
N VAL C 197 -2.36 12.26 33.10
CA VAL C 197 -3.09 11.34 32.17
C VAL C 197 -4.27 10.70 32.92
N THR C 198 -5.46 10.71 32.31
CA THR C 198 -6.68 10.01 32.79
C THR C 198 -7.17 9.01 31.74
N LEU C 199 -7.16 7.71 32.11
CA LEU C 199 -7.69 6.61 31.27
C LEU C 199 -9.12 6.32 31.68
N VAL C 200 -10.02 6.28 30.71
CA VAL C 200 -11.48 6.11 30.94
C VAL C 200 -11.88 4.74 30.36
N GLU C 201 -12.62 3.95 31.15
CA GLU C 201 -12.98 2.54 30.85
C GLU C 201 -14.26 2.20 31.59
N PRO C 202 -15.37 1.86 30.89
CA PRO C 202 -16.61 1.50 31.56
C PRO C 202 -16.58 0.16 32.34
N ASN C 203 -15.61 -0.72 32.10
CA ASN C 203 -15.55 -2.09 32.68
C ASN C 203 -14.84 -2.07 34.04
N ALA C 204 -15.57 -2.34 35.12
CA ALA C 204 -15.07 -2.28 36.52
C ALA C 204 -13.87 -3.21 36.73
N MET C 205 -13.95 -4.42 36.20
CA MET C 205 -12.90 -5.46 36.38
C MET C 205 -11.61 -4.93 35.76
N ARG C 206 -11.72 -4.34 34.57
CA ARG C 206 -10.54 -3.87 33.81
C ARG C 206 -9.95 -2.68 34.55
N ARG C 207 -10.80 -1.79 35.04
CA ARG C 207 -10.35 -0.60 35.82
C ARG C 207 -9.57 -1.08 37.03
N GLU C 208 -10.18 -2.00 37.78
CA GLU C 208 -9.67 -2.44 39.11
C GLU C 208 -8.33 -3.14 38.91
N TYR C 209 -8.19 -3.94 37.84
CA TYR C 209 -6.91 -4.64 37.50
C TYR C 209 -5.83 -3.62 37.17
N LEU C 210 -6.17 -2.63 36.35
CA LEU C 210 -5.21 -1.60 35.88
C LEU C 210 -4.77 -0.76 37.09
N ALA C 211 -5.68 -0.45 38.02
CA ALA C 211 -5.42 0.35 39.25
C ALA C 211 -4.38 -0.32 40.18
N ARG C 212 -4.10 -1.62 40.02
CA ARG C 212 -3.04 -2.33 40.78
C ARG C 212 -1.72 -1.56 40.76
N ASP C 213 -1.15 -1.28 39.58
CA ASP C 213 0.09 -0.45 39.49
C ASP C 213 -0.10 0.63 38.42
N ALA C 214 -1.35 1.01 38.13
CA ALA C 214 -1.66 2.14 37.23
C ALA C 214 -0.96 3.38 37.79
N ASN C 215 -0.05 3.94 37.00
CA ASN C 215 0.82 5.07 37.41
C ASN C 215 0.08 6.38 37.10
N TYR C 216 -1.10 6.28 36.48
CA TYR C 216 -1.96 7.37 35.96
C TYR C 216 -3.36 7.17 36.56
N THR C 217 -4.23 8.16 36.41
CA THR C 217 -5.61 8.10 36.94
C THR C 217 -6.43 7.16 36.08
N ILE C 218 -7.22 6.29 36.73
CA ILE C 218 -8.29 5.52 36.04
C ILE C 218 -9.63 6.07 36.50
N ALA C 219 -10.49 6.33 35.54
CA ALA C 219 -11.85 6.82 35.77
C ALA C 219 -12.81 6.18 34.76
N THR C 220 -14.09 6.44 34.96
CA THR C 220 -15.21 6.08 34.05
C THR C 220 -15.60 7.31 33.24
N PRO C 221 -16.36 7.15 32.13
CA PRO C 221 -16.72 8.28 31.28
C PRO C 221 -17.54 9.30 32.07
N GLU C 222 -18.29 8.84 33.08
CA GLU C 222 -19.17 9.69 33.91
C GLU C 222 -18.32 10.55 34.86
N GLN C 223 -17.14 10.07 35.27
CA GLN C 223 -16.26 10.76 36.25
C GLN C 223 -15.46 11.91 35.58
N VAL C 224 -15.56 12.04 34.25
N VAL C 224 -15.56 12.05 34.25
CA VAL C 224 -14.82 13.09 33.47
CA VAL C 224 -14.81 13.09 33.48
C VAL C 224 -15.76 13.83 32.51
C VAL C 224 -15.76 13.83 32.52
N ALA C 225 -17.09 13.68 32.67
CA ALA C 225 -18.09 14.25 31.75
C ALA C 225 -18.02 15.77 31.83
N GLY C 226 -17.90 16.41 30.66
CA GLY C 226 -17.87 17.88 30.53
C GLY C 226 -16.47 18.46 30.57
N ARG C 227 -15.46 17.71 31.02
N ARG C 227 -15.46 17.70 30.98
CA ARG C 227 -14.04 18.15 31.03
CA ARG C 227 -14.05 18.16 31.01
C ARG C 227 -13.50 18.16 29.59
C ARG C 227 -13.48 18.14 29.60
N VAL C 228 -12.48 18.99 29.34
CA VAL C 228 -11.71 19.05 28.07
C VAL C 228 -10.26 18.87 28.44
N PHE C 229 -9.47 18.40 27.48
CA PHE C 229 -8.04 18.06 27.67
C PHE C 229 -7.26 18.56 26.45
N ASP C 230 -5.97 18.79 26.68
CA ASP C 230 -5.01 19.19 25.62
C ASP C 230 -4.92 18.06 24.60
N ILE C 231 -4.94 16.82 25.08
CA ILE C 231 -4.76 15.58 24.27
C ILE C 231 -5.88 14.60 24.57
N THR C 232 -6.55 14.08 23.54
CA THR C 232 -7.46 12.92 23.65
C THR C 232 -6.89 11.79 22.79
N VAL C 233 -6.93 10.57 23.30
CA VAL C 233 -6.51 9.36 22.54
C VAL C 233 -7.69 8.40 22.57
N ASP C 234 -8.33 8.25 21.42
CA ASP C 234 -9.33 7.19 21.16
C ASP C 234 -8.56 5.92 20.83
N GLY C 235 -8.33 5.06 21.84
CA GLY C 235 -7.76 3.72 21.62
C GLY C 235 -8.82 2.65 21.29
N VAL C 236 -10.08 3.03 21.06
CA VAL C 236 -11.21 2.05 20.86
C VAL C 236 -11.79 2.20 19.44
N GLY C 237 -12.17 3.41 19.04
CA GLY C 237 -12.39 3.76 17.63
C GLY C 237 -13.75 3.34 17.11
N TYR C 238 -14.80 3.60 17.88
CA TYR C 238 -16.22 3.54 17.43
C TYR C 238 -16.73 4.96 17.24
N ASP C 239 -17.97 5.09 16.76
CA ASP C 239 -18.63 6.41 16.59
C ASP C 239 -18.74 7.12 17.95
N ALA C 240 -19.08 6.40 19.02
CA ALA C 240 -19.31 6.99 20.37
C ALA C 240 -18.00 7.52 20.95
N THR C 241 -16.89 6.82 20.73
CA THR C 241 -15.56 7.17 21.30
C THR C 241 -14.98 8.36 20.54
N ARG C 242 -15.25 8.45 19.24
CA ARG C 242 -14.86 9.59 18.38
C ARG C 242 -15.60 10.83 18.88
N ALA C 243 -16.91 10.69 19.10
CA ALA C 243 -17.80 11.75 19.62
C ALA C 243 -17.33 12.19 20.99
N ALA C 244 -16.87 11.25 21.83
CA ALA C 244 -16.42 11.54 23.21
C ALA C 244 -15.07 12.26 23.14
N ALA C 245 -14.19 11.82 22.24
CA ALA C 245 -12.85 12.41 22.09
C ALA C 245 -13.02 13.81 21.52
N SER C 246 -13.90 14.00 20.52
CA SER C 246 -14.16 15.33 19.88
C SER C 246 -14.58 16.33 20.96
N ALA C 247 -15.59 16.00 21.76
CA ALA C 247 -16.16 16.85 22.84
C ALA C 247 -15.12 17.13 23.93
N ALA C 248 -14.15 16.24 24.16
CA ALA C 248 -13.24 16.34 25.32
C ALA C 248 -11.88 16.96 24.95
N THR C 249 -11.68 17.35 23.70
CA THR C 249 -10.44 17.99 23.19
C THR C 249 -10.60 19.52 23.23
N ARG C 250 -9.63 20.23 23.81
CA ARG C 250 -9.71 21.71 23.98
C ARG C 250 -9.51 22.35 22.61
N PRO C 251 -9.98 23.59 22.40
CA PRO C 251 -9.70 24.28 21.14
C PRO C 251 -8.18 24.30 20.88
N GLY C 252 -7.77 23.92 19.66
CA GLY C 252 -6.36 23.89 19.25
C GLY C 252 -5.64 22.64 19.74
N GLY C 253 -6.35 21.75 20.43
CA GLY C 253 -5.81 20.51 20.98
C GLY C 253 -5.63 19.42 19.93
N LEU C 254 -5.21 18.25 20.42
CA LEU C 254 -4.87 17.05 19.64
C LEU C 254 -5.90 15.94 19.93
N LEU C 255 -6.40 15.32 18.87
CA LEU C 255 -7.22 14.10 18.93
C LEU C 255 -6.47 13.03 18.12
N LEU C 256 -5.80 12.12 18.82
CA LEU C 256 -5.23 10.89 18.24
C LEU C 256 -6.30 9.80 18.14
N HIS C 257 -6.44 9.19 16.95
CA HIS C 257 -7.40 8.09 16.69
C HIS C 257 -6.60 6.84 16.28
N ILE C 258 -6.48 5.86 17.18
CA ILE C 258 -5.67 4.63 16.97
C ILE C 258 -6.58 3.42 16.75
N GLY C 259 -7.64 3.24 17.57
CA GLY C 259 -8.53 2.08 17.55
C GLY C 259 -9.30 1.95 16.24
N LEU C 260 -9.71 0.74 15.87
CA LEU C 260 -10.47 0.43 14.62
C LEU C 260 -11.72 -0.37 14.96
N GLY C 261 -12.51 0.11 15.92
CA GLY C 261 -13.80 -0.49 16.28
C GLY C 261 -14.66 -0.70 15.05
N GLY C 262 -15.15 0.40 14.46
CA GLY C 262 -15.93 0.36 13.21
C GLY C 262 -16.75 1.62 13.03
N GLY C 263 -17.31 1.82 11.84
CA GLY C 263 -18.11 2.99 11.47
C GLY C 263 -17.21 4.12 11.03
N SER C 264 -17.78 5.11 10.36
CA SER C 264 -17.22 6.49 10.28
C SER C 264 -18.21 7.39 11.03
N ALA C 265 -18.01 8.70 10.98
CA ALA C 265 -18.75 9.70 11.79
C ALA C 265 -18.32 9.52 13.24
N GLY C 266 -19.03 10.17 14.16
CA GLY C 266 -18.60 10.26 15.56
C GLY C 266 -17.82 11.54 15.79
N LEU C 267 -16.86 11.84 14.90
CA LEU C 267 -16.14 13.14 14.89
C LEU C 267 -17.17 14.26 14.78
N ASP C 268 -17.03 15.26 15.64
CA ASP C 268 -17.77 16.54 15.58
C ASP C 268 -17.03 17.43 14.57
N ILE C 269 -17.42 17.34 13.30
CA ILE C 269 -16.73 18.05 12.19
C ILE C 269 -16.76 19.54 12.49
N ARG C 270 -17.92 20.03 12.91
CA ARG C 270 -18.12 21.47 13.12
C ARG C 270 -17.25 21.95 14.28
N ARG C 271 -17.08 21.16 15.33
CA ARG C 271 -16.27 21.56 16.50
C ARG C 271 -14.79 21.53 16.07
N ILE C 272 -14.38 20.47 15.37
CA ILE C 272 -12.98 20.31 14.90
C ILE C 272 -12.61 21.53 14.07
N THR C 273 -13.57 22.10 13.34
CA THR C 273 -13.34 23.30 12.49
C THR C 273 -13.34 24.56 13.34
N LEU C 274 -14.46 24.87 14.02
CA LEU C 274 -14.60 26.14 14.80
C LEU C 274 -13.59 26.19 15.94
N GLN C 275 -13.18 25.05 16.51
CA GLN C 275 -12.21 25.01 17.64
C GLN C 275 -10.83 24.52 17.17
N GLU C 276 -10.61 24.41 15.85
CA GLU C 276 -9.26 24.13 15.28
C GLU C 276 -8.58 22.99 16.04
N ILE C 277 -9.16 21.80 16.00
CA ILE C 277 -8.55 20.57 16.59
C ILE C 277 -7.70 19.87 15.54
N THR C 278 -6.48 19.49 15.88
CA THR C 278 -5.61 18.65 15.04
C THR C 278 -5.98 17.18 15.28
N VAL C 279 -6.60 16.54 14.30
CA VAL C 279 -6.98 15.09 14.36
C VAL C 279 -6.01 14.28 13.50
N ILE C 280 -5.35 13.31 14.11
CA ILE C 280 -4.41 12.38 13.42
C ILE C 280 -4.81 10.93 13.70
N GLY C 281 -5.17 10.22 12.63
CA GLY C 281 -5.25 8.75 12.64
C GLY C 281 -3.85 8.19 12.57
N THR C 282 -3.57 7.09 13.30
CA THR C 282 -2.22 6.51 13.42
C THR C 282 -2.27 5.04 13.04
N TYR C 283 -1.19 4.58 12.39
CA TYR C 283 -0.97 3.16 12.03
C TYR C 283 0.41 2.76 12.55
N THR C 284 0.44 1.68 13.33
CA THR C 284 1.68 1.02 13.80
C THR C 284 2.67 2.08 14.30
N TYR C 285 3.89 2.05 13.77
CA TYR C 285 5.09 2.67 14.38
C TYR C 285 6.21 2.62 13.35
N THR C 286 7.12 3.59 13.39
CA THR C 286 8.38 3.53 12.64
C THR C 286 9.28 2.52 13.34
N ALA C 287 10.22 1.94 12.61
CA ALA C 287 11.26 1.05 13.17
C ALA C 287 11.89 1.77 14.36
N GLN C 288 12.23 3.04 14.17
CA GLN C 288 12.89 3.91 15.18
C GLN C 288 11.98 4.01 16.41
N ASP C 289 10.66 4.13 16.20
CA ASP C 289 9.66 4.19 17.30
C ASP C 289 9.74 2.90 18.12
N PHE C 290 9.95 1.77 17.44
CA PHE C 290 10.06 0.43 18.05
C PHE C 290 11.32 0.38 18.91
N ARG C 291 12.47 0.77 18.36
CA ARG C 291 13.75 0.82 19.12
C ARG C 291 13.65 1.79 20.30
N ASP C 292 13.00 2.96 20.12
CA ASP C 292 12.81 3.95 21.22
C ASP C 292 11.96 3.31 22.31
N THR C 293 10.88 2.61 21.90
CA THR C 293 9.94 1.95 22.83
C THR C 293 10.70 0.91 23.65
N CYS C 294 11.55 0.10 22.99
CA CYS C 294 12.32 -1.00 23.64
C CYS C 294 13.23 -0.35 24.70
N ALA C 295 13.99 0.68 24.33
CA ALA C 295 14.89 1.42 25.24
C ALA C 295 14.09 1.92 26.46
N ALA C 296 12.92 2.52 26.25
CA ALA C 296 12.11 3.13 27.33
C ALA C 296 11.52 2.03 28.23
N MET C 297 11.23 0.86 27.67
CA MET C 297 10.72 -0.30 28.46
C MET C 297 11.86 -0.83 29.33
N PHE C 298 13.04 -1.00 28.74
CA PHE C 298 14.23 -1.60 29.39
C PHE C 298 14.82 -0.70 30.51
N ASP C 299 14.58 0.62 30.51
CA ASP C 299 15.10 1.52 31.59
C ASP C 299 13.96 1.85 32.57
N GLY C 300 12.76 1.32 32.36
CA GLY C 300 11.66 1.41 33.33
C GLY C 300 10.80 2.66 33.18
N ARG C 301 10.92 3.41 32.09
CA ARG C 301 10.12 4.66 31.87
C ARG C 301 8.63 4.32 31.59
N LEU C 302 8.28 3.05 31.35
CA LEU C 302 6.92 2.68 30.85
C LEU C 302 6.14 1.81 31.87
N GLY C 303 6.43 1.99 33.17
CA GLY C 303 5.73 1.30 34.27
C GLY C 303 6.13 -0.17 34.36
N GLY C 304 5.34 -0.97 35.07
CA GLY C 304 5.68 -2.36 35.38
C GLY C 304 5.85 -3.20 34.13
N LEU C 305 5.02 -2.95 33.10
CA LEU C 305 4.88 -3.76 31.86
C LEU C 305 4.49 -5.19 32.26
N ASP C 306 3.36 -5.26 32.95
CA ASP C 306 3.10 -6.18 34.07
C ASP C 306 1.61 -6.48 34.09
N TRP C 307 0.89 -5.87 33.14
CA TRP C 307 -0.58 -5.97 32.92
C TRP C 307 -0.84 -7.14 31.97
N THR C 308 -0.13 -8.25 32.19
CA THR C 308 -0.17 -9.46 31.35
C THR C 308 -0.69 -10.65 32.17
N GLU C 309 -1.39 -11.57 31.49
N GLU C 309 -1.39 -11.56 31.50
CA GLU C 309 -1.71 -12.94 31.98
CA GLU C 309 -1.68 -12.94 32.01
C GLU C 309 -1.25 -13.92 30.90
C GLU C 309 -1.28 -13.93 30.91
N SER C 310 -0.53 -14.98 31.29
CA SER C 310 0.05 -15.94 30.34
C SER C 310 -0.79 -17.22 30.28
N ARG C 311 -0.98 -17.76 29.07
CA ARG C 311 -1.62 -19.07 28.79
C ARG C 311 -0.71 -19.87 27.87
N PRO C 312 -0.77 -21.22 27.90
CA PRO C 312 0.00 -22.05 26.99
C PRO C 312 -0.53 -21.86 25.56
N LEU C 313 0.32 -21.97 24.55
CA LEU C 313 -0.11 -21.85 23.13
C LEU C 313 -1.18 -22.92 22.87
N SER C 314 -0.97 -24.13 23.40
CA SER C 314 -1.90 -25.29 23.33
C SER C 314 -3.32 -24.86 23.74
N ALA C 315 -3.45 -23.89 24.65
CA ALA C 315 -4.76 -23.38 25.14
C ALA C 315 -5.20 -22.12 24.38
N GLY C 316 -4.62 -21.84 23.20
CA GLY C 316 -4.93 -20.65 22.39
C GLY C 316 -6.42 -20.48 22.11
N ALA C 317 -7.14 -21.57 21.82
CA ALA C 317 -8.62 -21.55 21.62
C ALA C 317 -9.31 -20.96 22.85
N ASP C 318 -8.91 -21.37 24.06
CA ASP C 318 -9.45 -20.86 25.36
C ASP C 318 -9.13 -19.36 25.51
N ALA C 319 -7.90 -18.93 25.21
CA ALA C 319 -7.50 -17.51 25.32
C ALA C 319 -8.57 -16.70 24.61
N PHE C 320 -8.81 -17.03 23.34
CA PHE C 320 -9.73 -16.28 22.44
C PHE C 320 -11.15 -16.30 23.02
N ALA C 321 -11.68 -17.48 23.38
CA ALA C 321 -13.06 -17.64 23.92
C ALA C 321 -13.24 -16.73 25.14
N ASP C 322 -12.22 -16.65 26.00
CA ASP C 322 -12.25 -15.90 27.28
C ASP C 322 -12.26 -14.39 26.96
N ILE C 323 -11.51 -13.97 25.95
CA ILE C 323 -11.48 -12.55 25.50
C ILE C 323 -12.88 -12.16 24.98
N ARG C 324 -13.45 -13.00 24.12
CA ARG C 324 -14.79 -12.79 23.53
C ARG C 324 -15.82 -12.53 24.63
N ALA C 325 -15.91 -13.43 25.61
CA ALA C 325 -16.94 -13.42 26.67
C ALA C 325 -16.70 -12.28 27.67
N GLY C 326 -15.51 -11.65 27.64
CA GLY C 326 -15.07 -10.59 28.55
C GLY C 326 -14.73 -11.13 29.93
N ARG C 327 -14.04 -12.29 30.00
CA ARG C 327 -13.70 -12.98 31.28
C ARG C 327 -12.37 -12.44 31.81
N VAL C 328 -11.55 -11.83 30.94
CA VAL C 328 -10.09 -11.63 31.19
C VAL C 328 -9.87 -10.29 31.87
N PRO C 329 -9.44 -10.28 33.16
CA PRO C 329 -9.10 -9.03 33.85
C PRO C 329 -7.98 -8.23 33.16
N ALA C 330 -6.86 -8.88 32.79
CA ALA C 330 -5.70 -8.22 32.16
C ALA C 330 -6.08 -7.81 30.74
N PRO C 331 -5.54 -6.67 30.23
CA PRO C 331 -5.81 -6.23 28.87
C PRO C 331 -5.07 -7.06 27.81
N LYS C 332 -4.10 -7.89 28.22
CA LYS C 332 -3.21 -8.61 27.29
C LYS C 332 -3.02 -10.04 27.80
N ILE C 333 -3.27 -11.01 26.91
CA ILE C 333 -2.90 -12.43 27.13
C ILE C 333 -1.65 -12.68 26.30
N ILE C 334 -0.63 -13.26 26.94
CA ILE C 334 0.64 -13.69 26.29
C ILE C 334 0.59 -15.21 26.18
N LEU C 335 0.67 -15.72 24.96
CA LEU C 335 0.69 -17.17 24.72
C LEU C 335 2.13 -17.66 24.83
N LYS C 336 2.27 -18.87 25.38
CA LYS C 336 3.56 -19.52 25.71
C LYS C 336 3.67 -20.78 24.85
N PRO C 337 4.42 -20.75 23.74
N PRO C 337 4.42 -20.74 23.73
CA PRO C 337 4.68 -21.95 22.94
CA PRO C 337 4.69 -21.94 22.94
C PRO C 337 5.64 -22.92 23.66
C PRO C 337 5.66 -22.88 23.67
N HIS D 2 5.14 -41.96 18.48
CA HIS D 2 5.60 -40.87 19.40
C HIS D 2 7.02 -40.43 19.05
N HIS D 3 7.28 -39.12 19.10
CA HIS D 3 8.65 -38.53 18.97
C HIS D 3 9.52 -39.08 20.10
N HIS D 4 10.77 -39.48 19.79
CA HIS D 4 11.76 -40.02 20.75
C HIS D 4 13.09 -39.25 20.64
N HIS D 5 13.93 -39.35 21.68
CA HIS D 5 15.35 -38.91 21.70
C HIS D 5 16.25 -40.15 21.79
N HIS D 6 16.21 -41.02 20.76
CA HIS D 6 16.98 -42.29 20.68
C HIS D 6 18.49 -42.00 20.62
N SER D 7 18.87 -40.94 19.92
CA SER D 7 20.22 -40.30 19.98
C SER D 7 20.07 -38.88 20.55
N SER D 8 21.07 -38.41 21.28
CA SER D 8 21.09 -37.08 21.96
C SER D 8 22.39 -36.34 21.63
N GLY D 9 22.37 -35.02 21.80
CA GLY D 9 23.56 -34.15 21.71
C GLY D 9 23.78 -33.42 23.01
N GLY D 10 23.80 -32.08 22.97
CA GLY D 10 24.05 -31.21 24.12
C GLY D 10 22.80 -30.45 24.54
N MET D 11 22.85 -29.89 25.75
CA MET D 11 21.89 -28.90 26.27
C MET D 11 22.68 -27.87 27.08
N LYS D 12 22.09 -26.70 27.29
CA LYS D 12 22.69 -25.65 28.16
C LYS D 12 22.46 -26.03 29.61
N ALA D 13 23.45 -25.78 30.46
CA ALA D 13 23.31 -25.85 31.93
C ALA D 13 24.18 -24.80 32.61
N LEU D 14 23.70 -24.29 33.73
CA LEU D 14 24.48 -23.57 34.74
C LEU D 14 25.11 -24.59 35.69
N VAL D 15 26.43 -24.77 35.57
N VAL D 15 26.45 -24.73 35.58
CA VAL D 15 27.21 -25.73 36.43
CA VAL D 15 27.28 -25.67 36.39
C VAL D 15 28.01 -24.94 37.47
C VAL D 15 28.01 -24.90 37.48
N TYR D 16 28.01 -25.42 38.72
CA TYR D 16 28.86 -24.95 39.85
C TYR D 16 30.27 -25.52 39.67
N THR D 17 31.25 -24.69 39.28
CA THR D 17 32.63 -25.11 38.93
C THR D 17 33.65 -24.84 40.04
N GLY D 18 33.32 -23.95 40.98
CA GLY D 18 34.22 -23.55 42.08
C GLY D 18 33.50 -22.56 42.97
N VAL D 19 34.07 -22.24 44.13
CA VAL D 19 33.38 -21.38 45.14
C VAL D 19 32.97 -20.08 44.43
N ALA D 20 31.68 -19.77 44.46
CA ALA D 20 31.05 -18.55 43.89
C ALA D 20 31.27 -18.48 42.38
N GLN D 21 31.47 -19.62 41.71
CA GLN D 21 31.73 -19.69 40.24
C GLN D 21 30.67 -20.57 39.56
N LEU D 22 29.82 -19.94 38.74
CA LEU D 22 28.78 -20.63 37.92
C LEU D 22 29.06 -20.35 36.45
N ALA D 23 29.30 -21.40 35.68
CA ALA D 23 29.58 -21.36 34.23
C ALA D 23 28.37 -21.88 33.46
N PHE D 24 27.90 -21.09 32.50
CA PHE D 24 26.84 -21.44 31.51
C PHE D 24 27.52 -22.13 30.34
N ARG D 25 27.35 -23.45 30.20
N ARG D 25 27.33 -23.44 30.19
CA ARG D 25 28.05 -24.23 29.14
CA ARG D 25 28.04 -24.24 29.15
C ARG D 25 27.22 -25.44 28.69
C ARG D 25 27.18 -25.40 28.65
N ASP D 26 27.72 -26.13 27.66
CA ASP D 26 27.12 -27.35 27.06
C ASP D 26 27.44 -28.57 27.92
N VAL D 27 26.41 -29.32 28.32
CA VAL D 27 26.51 -30.64 29.00
C VAL D 27 25.65 -31.64 28.22
N PRO D 28 25.95 -32.95 28.31
CA PRO D 28 25.12 -33.98 27.67
C PRO D 28 23.67 -33.99 28.19
N GLU D 29 22.72 -34.09 27.26
CA GLU D 29 21.27 -34.26 27.56
C GLU D 29 21.08 -35.56 28.34
N PRO D 30 20.25 -35.59 29.40
CA PRO D 30 20.08 -36.80 30.18
C PRO D 30 19.35 -37.88 29.35
N VAL D 31 19.60 -39.15 29.70
CA VAL D 31 18.86 -40.33 29.16
C VAL D 31 17.85 -40.76 30.22
N PRO D 32 16.52 -40.69 29.95
CA PRO D 32 15.54 -41.17 30.90
C PRO D 32 15.81 -42.64 31.22
N ALA D 33 15.74 -43.02 32.50
CA ALA D 33 15.81 -44.42 32.98
C ALA D 33 14.60 -45.20 32.42
N ALA D 34 14.42 -46.45 32.87
CA ALA D 34 13.31 -47.35 32.49
C ALA D 34 11.98 -46.57 32.48
N GLY D 35 11.42 -46.23 33.65
CA GLY D 35 10.08 -45.60 33.78
C GLY D 35 10.13 -44.08 33.95
N ASP D 36 11.07 -43.40 33.27
CA ASP D 36 11.35 -41.95 33.45
C ASP D 36 10.95 -41.15 32.20
N HIS D 37 10.52 -39.90 32.39
CA HIS D 37 10.19 -38.92 31.32
C HIS D 37 11.30 -37.88 31.20
N LEU D 38 11.51 -37.35 29.99
CA LEU D 38 12.38 -36.18 29.70
C LEU D 38 11.56 -34.90 29.88
N ILE D 39 11.96 -34.04 30.80
CA ILE D 39 11.27 -32.74 31.09
C ILE D 39 12.12 -31.62 30.50
N ARG D 40 11.54 -30.86 29.58
CA ARG D 40 12.11 -29.57 29.13
C ARG D 40 11.79 -28.51 30.21
N ILE D 41 12.81 -28.05 30.94
CA ILE D 41 12.65 -27.11 32.09
C ILE D 41 12.30 -25.73 31.51
N ASP D 42 11.12 -25.23 31.85
CA ASP D 42 10.70 -23.83 31.61
C ASP D 42 11.26 -22.92 32.71
N SER D 43 10.98 -23.27 33.98
CA SER D 43 11.24 -22.43 35.17
C SER D 43 11.92 -23.29 36.23
N VAL D 44 13.03 -22.79 36.80
CA VAL D 44 13.74 -23.46 37.92
C VAL D 44 14.18 -22.39 38.92
N GLY D 45 13.60 -22.43 40.13
CA GLY D 45 13.82 -21.44 41.20
C GLY D 45 15.09 -21.70 41.95
N ILE D 46 15.72 -20.64 42.47
CA ILE D 46 16.97 -20.72 43.27
C ILE D 46 16.59 -20.85 44.75
N CYS D 47 17.19 -21.83 45.44
CA CYS D 47 16.89 -22.21 46.84
C CYS D 47 18.10 -21.95 47.76
N GLY D 48 17.83 -21.73 49.05
CA GLY D 48 18.87 -21.61 50.11
C GLY D 48 19.94 -22.70 50.02
N SER D 49 19.61 -23.91 49.59
CA SER D 49 20.56 -25.04 49.43
C SER D 49 21.48 -24.80 48.22
N ASP D 50 20.98 -24.18 47.16
CA ASP D 50 21.76 -23.76 45.97
C ASP D 50 22.76 -22.68 46.39
N MET D 51 22.30 -21.66 47.12
CA MET D 51 23.15 -20.55 47.63
C MET D 51 24.26 -21.15 48.48
N HIS D 52 23.89 -22.02 49.44
CA HIS D 52 24.77 -22.71 50.42
C HIS D 52 25.89 -23.47 49.68
N ALA D 53 25.55 -24.17 48.60
CA ALA D 53 26.50 -24.96 47.79
C ALA D 53 27.35 -24.02 46.94
N TYR D 54 26.81 -22.87 46.52
CA TYR D 54 27.49 -21.84 45.69
C TYR D 54 28.64 -21.20 46.50
N LEU D 55 28.39 -20.93 47.78
CA LEU D 55 29.37 -20.32 48.73
C LEU D 55 30.35 -21.37 49.28
N GLY D 56 30.35 -22.60 48.76
CA GLY D 56 31.28 -23.68 49.15
C GLY D 56 31.03 -24.20 50.55
N HIS D 57 29.88 -23.90 51.16
CA HIS D 57 29.48 -24.33 52.53
C HIS D 57 28.93 -25.76 52.51
N ASP D 58 28.45 -26.23 51.35
CA ASP D 58 27.77 -27.55 51.27
C ASP D 58 28.84 -28.63 51.07
N ASP D 59 28.76 -29.60 51.96
CA ASP D 59 29.81 -30.59 52.29
C ASP D 59 29.69 -31.69 51.22
N ARG D 60 28.43 -32.00 50.89
CA ARG D 60 27.95 -33.17 50.08
C ARG D 60 27.91 -32.82 48.59
N ARG D 61 27.83 -31.51 48.27
CA ARG D 61 27.65 -30.99 46.88
C ARG D 61 28.97 -30.37 46.40
N PRO D 62 29.93 -31.20 45.88
CA PRO D 62 31.24 -30.74 45.42
C PRO D 62 31.48 -30.80 43.90
N ALA D 63 32.74 -30.66 43.48
CA ALA D 63 33.23 -30.95 42.11
C ALA D 63 32.51 -30.02 41.12
N PRO D 64 32.46 -30.30 39.79
CA PRO D 64 31.44 -29.72 38.92
C PRO D 64 30.05 -30.31 39.23
N LEU D 65 29.02 -29.47 39.36
CA LEU D 65 27.67 -29.92 39.76
C LEU D 65 26.60 -28.98 39.19
N ILE D 66 25.51 -29.54 38.69
CA ILE D 66 24.30 -28.76 38.30
C ILE D 66 23.43 -28.66 39.54
N LEU D 67 23.19 -27.44 40.04
CA LEU D 67 22.32 -27.21 41.22
C LEU D 67 20.87 -27.07 40.72
N GLY D 68 19.96 -26.68 41.62
CA GLY D 68 18.56 -26.39 41.30
C GLY D 68 17.70 -27.63 41.47
N HIS D 69 16.62 -27.49 42.24
CA HIS D 69 15.66 -28.58 42.54
C HIS D 69 14.23 -28.05 42.54
N GLU D 70 13.98 -26.84 42.02
CA GLU D 70 12.62 -26.21 42.02
C GLU D 70 12.18 -26.00 40.57
N GLY D 71 11.93 -27.11 39.87
CA GLY D 71 11.72 -27.17 38.41
C GLY D 71 10.26 -27.42 38.03
N ALA D 72 9.78 -26.72 37.01
CA ALA D 72 8.52 -26.98 36.29
C ALA D 72 8.84 -26.91 34.80
N GLY D 73 8.05 -27.57 33.97
CA GLY D 73 8.38 -27.68 32.53
C GLY D 73 7.39 -28.53 31.79
N VAL D 74 7.83 -29.13 30.70
CA VAL D 74 6.93 -29.84 29.74
C VAL D 74 7.58 -31.17 29.36
N ILE D 75 6.79 -32.24 29.38
CA ILE D 75 7.26 -33.61 29.02
C ILE D 75 7.49 -33.62 27.50
N ILE D 76 8.64 -34.14 27.09
CA ILE D 76 9.07 -34.25 25.67
C ILE D 76 9.12 -35.74 25.29
N GLY D 77 8.40 -36.10 24.23
CA GLY D 77 8.37 -37.48 23.73
C GLY D 77 7.45 -38.34 24.58
N GLY D 78 7.05 -39.49 24.03
CA GLY D 78 6.14 -40.44 24.68
C GLY D 78 4.70 -39.97 24.62
N PRO D 79 3.76 -40.73 25.24
CA PRO D 79 2.33 -40.45 25.14
C PRO D 79 1.87 -39.21 25.92
N ARG D 80 2.75 -38.66 26.78
CA ARG D 80 2.47 -37.44 27.58
C ARG D 80 3.27 -36.26 27.02
N ASP D 81 3.80 -36.38 25.80
CA ASP D 81 4.50 -35.27 25.10
C ASP D 81 3.61 -34.03 25.15
N GLY D 82 4.20 -32.87 25.46
CA GLY D 82 3.50 -31.56 25.55
C GLY D 82 2.78 -31.37 26.87
N GLU D 83 2.75 -32.36 27.76
CA GLU D 83 2.06 -32.22 29.07
C GLU D 83 2.89 -31.27 29.94
N ARG D 84 2.23 -30.30 30.56
CA ARG D 84 2.84 -29.29 31.48
C ARG D 84 2.80 -29.87 32.89
N VAL D 85 3.96 -29.92 33.56
CA VAL D 85 4.14 -30.59 34.87
C VAL D 85 5.07 -29.74 35.73
N THR D 86 4.93 -29.88 37.05
CA THR D 86 5.91 -29.38 38.05
C THR D 86 6.50 -30.57 38.82
N ILE D 87 7.80 -30.50 39.12
CA ILE D 87 8.61 -31.67 39.54
C ILE D 87 8.77 -31.69 41.08
N ASN D 88 8.34 -32.78 41.71
CA ASN D 88 8.79 -33.20 43.06
C ASN D 88 10.20 -33.77 42.93
N PRO D 89 11.23 -33.06 43.42
CA PRO D 89 12.61 -33.52 43.24
C PRO D 89 13.04 -34.67 44.17
N LEU D 90 12.26 -34.98 45.22
CA LEU D 90 12.63 -36.03 46.23
C LEU D 90 12.11 -37.38 45.79
N VAL D 91 13.01 -38.30 45.46
CA VAL D 91 12.67 -39.70 45.04
C VAL D 91 12.83 -40.62 46.26
N THR D 92 11.76 -41.32 46.61
CA THR D 92 11.61 -42.13 47.84
C THR D 92 11.37 -43.61 47.51
N CYS D 93 11.87 -44.51 48.38
CA CYS D 93 11.99 -45.99 48.15
C CYS D 93 10.62 -46.67 48.23
N GLY D 94 9.64 -46.07 48.93
CA GLY D 94 8.24 -46.53 49.01
C GLY D 94 8.06 -47.71 49.96
N THR D 95 9.14 -48.35 50.42
CA THR D 95 9.11 -49.65 51.17
C THR D 95 9.75 -49.58 52.56
N CYS D 96 10.61 -48.61 52.87
CA CYS D 96 11.21 -48.40 54.23
C CYS D 96 10.10 -48.05 55.22
N PRO D 97 10.33 -48.26 56.54
CA PRO D 97 9.30 -47.97 57.54
C PRO D 97 8.77 -46.53 57.42
N ALA D 98 9.67 -45.55 57.23
CA ALA D 98 9.31 -44.13 57.01
C ALA D 98 8.25 -44.04 55.90
N CYS D 99 8.51 -44.61 54.72
CA CYS D 99 7.55 -44.58 53.58
C CYS D 99 6.22 -45.25 53.98
N VAL D 100 6.28 -46.45 54.56
CA VAL D 100 5.06 -47.29 54.74
C VAL D 100 4.09 -46.59 55.70
N SER D 101 4.57 -45.82 56.70
CA SER D 101 3.69 -45.01 57.58
C SER D 101 3.20 -43.73 56.88
N GLY D 102 3.76 -43.39 55.71
CA GLY D 102 3.33 -42.21 54.91
C GLY D 102 4.18 -40.98 55.21
N ARG D 103 5.41 -41.18 55.68
CA ARG D 103 6.40 -40.12 56.00
C ARG D 103 7.62 -40.32 55.10
N ASP D 104 7.38 -40.35 53.78
CA ASP D 104 8.41 -40.68 52.76
C ASP D 104 9.50 -39.59 52.79
N ASN D 105 9.17 -38.38 53.29
CA ASN D 105 10.16 -37.29 53.49
C ASN D 105 11.34 -37.80 54.34
N LEU D 106 11.10 -38.85 55.15
CA LEU D 106 12.15 -39.40 56.04
C LEU D 106 12.76 -40.69 55.48
N CYS D 107 12.43 -41.12 54.25
CA CYS D 107 12.95 -42.38 53.63
C CYS D 107 14.44 -42.51 53.94
N ALA D 108 14.90 -43.73 54.21
CA ALA D 108 16.29 -44.04 54.62
C ALA D 108 17.25 -43.83 53.44
N THR D 109 16.75 -43.93 52.20
CA THR D 109 17.55 -43.82 50.94
C THR D 109 17.01 -42.67 50.07
N ARG D 110 16.53 -41.60 50.72
CA ARG D 110 15.87 -40.44 50.03
C ARG D 110 16.92 -39.69 49.22
N GLN D 111 16.64 -39.50 47.93
CA GLN D 111 17.50 -38.73 47.01
C GLN D 111 16.70 -37.50 46.56
N ILE D 112 17.38 -36.38 46.38
CA ILE D 112 16.78 -35.15 45.79
C ILE D 112 17.58 -34.82 44.53
N ILE D 113 16.93 -34.17 43.57
CA ILE D 113 17.57 -33.54 42.39
C ILE D 113 18.53 -32.47 42.93
N SER D 114 19.74 -32.39 42.36
CA SER D 114 20.84 -31.45 42.73
C SER D 114 21.74 -32.05 43.82
N MET D 115 21.52 -33.32 44.16
CA MET D 115 22.17 -34.05 45.28
C MET D 115 22.75 -35.34 44.71
N PRO D 116 24.08 -35.44 44.47
CA PRO D 116 24.62 -36.58 43.70
C PRO D 116 24.16 -37.90 44.29
N PRO D 117 23.79 -38.93 43.46
CA PRO D 117 24.08 -38.96 42.02
C PRO D 117 23.09 -38.30 41.04
N ARG D 118 22.17 -37.47 41.55
N ARG D 118 22.17 -37.47 41.55
CA ARG D 118 21.11 -36.81 40.72
CA ARG D 118 21.09 -36.81 40.76
C ARG D 118 21.53 -35.37 40.40
C ARG D 118 21.53 -35.37 40.40
N ASP D 119 21.73 -35.09 39.10
CA ASP D 119 22.02 -33.73 38.58
C ASP D 119 20.84 -32.80 38.88
N GLY D 120 21.10 -31.50 38.99
CA GLY D 120 20.08 -30.49 39.31
C GLY D 120 19.34 -30.03 38.07
N ALA D 121 18.37 -29.14 38.26
CA ALA D 121 17.39 -28.69 37.23
C ALA D 121 17.80 -27.33 36.63
N PHE D 122 18.97 -26.78 37.00
CA PHE D 122 19.56 -25.55 36.39
C PHE D 122 20.06 -25.90 34.99
N ALA D 123 19.16 -26.36 34.10
CA ALA D 123 19.52 -26.88 32.76
C ALA D 123 18.24 -27.02 31.92
N GLN D 124 18.37 -27.18 30.61
CA GLN D 124 17.23 -27.11 29.68
C GLN D 124 16.38 -28.38 29.78
N TYR D 125 16.96 -29.48 30.24
CA TYR D 125 16.25 -30.79 30.36
C TYR D 125 16.68 -31.54 31.63
N VAL D 126 15.74 -32.29 32.21
N VAL D 126 15.74 -32.29 32.22
CA VAL D 126 15.97 -33.22 33.35
CA VAL D 126 15.97 -33.21 33.38
C VAL D 126 15.21 -34.52 33.06
C VAL D 126 15.19 -34.51 33.13
N ALA D 127 15.70 -35.64 33.63
CA ALA D 127 15.07 -36.97 33.54
C ALA D 127 14.45 -37.30 34.90
N MET D 128 13.16 -37.64 34.93
CA MET D 128 12.40 -37.81 36.20
C MET D 128 11.37 -38.92 36.09
N PRO D 129 11.23 -39.75 37.16
CA PRO D 129 10.15 -40.73 37.25
C PRO D 129 8.77 -40.06 37.16
N ALA D 130 7.82 -40.77 36.55
CA ALA D 130 6.41 -40.35 36.38
C ALA D 130 5.79 -39.94 37.72
N ARG D 131 6.09 -40.63 38.82
CA ARG D 131 5.39 -40.45 40.12
C ARG D 131 5.81 -39.12 40.77
N ASN D 132 6.94 -38.54 40.34
CA ASN D 132 7.46 -37.23 40.82
C ASN D 132 6.94 -36.07 39.97
N LEU D 133 5.94 -36.27 39.12
CA LEU D 133 5.42 -35.21 38.23
C LEU D 133 3.97 -34.97 38.61
N VAL D 134 3.59 -33.71 38.79
CA VAL D 134 2.18 -33.30 39.01
C VAL D 134 1.76 -32.43 37.82
N THR D 135 0.61 -32.74 37.24
CA THR D 135 0.11 -32.01 36.05
C THR D 135 -0.35 -30.64 36.51
N VAL D 136 -0.01 -29.63 35.71
CA VAL D 136 -0.28 -28.19 35.94
C VAL D 136 -1.41 -27.78 35.00
N PRO D 137 -2.60 -27.37 35.50
CA PRO D 137 -3.66 -26.92 34.61
C PRO D 137 -3.21 -25.71 33.76
N ASP D 138 -3.92 -25.48 32.65
CA ASP D 138 -3.56 -24.50 31.60
C ASP D 138 -3.61 -23.09 32.20
N ASP D 139 -4.50 -22.84 33.16
CA ASP D 139 -4.68 -21.50 33.78
C ASP D 139 -3.57 -21.19 34.80
N VAL D 140 -2.61 -22.09 35.02
CA VAL D 140 -1.51 -21.84 35.98
C VAL D 140 -0.20 -21.75 35.23
N PRO D 141 0.47 -20.58 35.23
CA PRO D 141 1.79 -20.48 34.61
C PRO D 141 2.84 -21.42 35.23
N LEU D 142 3.65 -22.05 34.38
CA LEU D 142 4.79 -22.91 34.81
C LEU D 142 5.67 -22.14 35.79
N GLU D 143 5.68 -20.82 35.69
CA GLU D 143 6.52 -19.96 36.55
C GLU D 143 5.95 -19.98 37.97
N LYS D 144 4.63 -20.04 38.14
CA LYS D 144 4.01 -20.18 39.48
C LYS D 144 4.12 -21.64 39.93
N ALA D 145 4.04 -22.59 39.01
CA ALA D 145 4.05 -24.03 39.33
C ALA D 145 5.45 -24.44 39.83
N ALA D 146 6.50 -23.74 39.40
CA ALA D 146 7.88 -23.99 39.87
C ALA D 146 8.06 -23.58 41.34
N LEU D 147 7.11 -22.87 41.94
CA LEU D 147 7.09 -22.58 43.41
C LEU D 147 6.53 -23.79 44.20
N ALA D 148 6.15 -24.89 43.54
CA ALA D 148 5.53 -26.06 44.20
C ALA D 148 6.41 -26.57 45.36
N GLU D 149 7.71 -26.74 45.10
N GLU D 149 7.70 -26.74 45.11
CA GLU D 149 8.66 -27.36 46.07
CA GLU D 149 8.66 -27.37 46.06
C GLU D 149 8.90 -26.47 47.28
C GLU D 149 8.92 -26.47 47.28
N PRO D 150 9.24 -25.16 47.13
CA PRO D 150 9.52 -24.32 48.29
C PRO D 150 8.26 -24.14 49.15
N VAL D 151 7.10 -24.01 48.50
CA VAL D 151 5.81 -23.90 49.22
C VAL D 151 5.55 -25.22 49.94
N ALA D 152 5.93 -26.36 49.35
CA ALA D 152 5.61 -27.71 49.88
C ALA D 152 6.44 -27.96 51.15
N VAL D 153 7.66 -27.43 51.21
CA VAL D 153 8.51 -27.50 52.42
C VAL D 153 7.72 -26.92 53.60
N SER D 154 7.26 -25.68 53.47
CA SER D 154 6.60 -24.96 54.58
C SER D 154 5.19 -25.52 54.80
N TRP D 155 4.52 -25.99 53.74
CA TRP D 155 3.18 -26.61 53.87
C TRP D 155 3.31 -27.84 54.77
N HIS D 156 4.31 -28.69 54.52
CA HIS D 156 4.56 -29.91 55.33
C HIS D 156 4.75 -29.50 56.79
N ALA D 157 5.66 -28.56 57.05
CA ALA D 157 5.94 -28.05 58.41
C ALA D 157 4.65 -27.68 59.12
N VAL D 158 3.82 -26.83 58.50
CA VAL D 158 2.59 -26.25 59.08
C VAL D 158 1.54 -27.34 59.36
N ARG D 159 1.30 -28.25 58.40
N ARG D 159 1.31 -28.27 58.42
CA ARG D 159 0.29 -29.34 58.52
CA ARG D 159 0.26 -29.30 58.59
C ARG D 159 0.73 -30.25 59.68
C ARG D 159 0.70 -30.31 59.67
N LEU D 160 1.99 -30.68 59.67
CA LEU D 160 2.56 -31.60 60.69
C LEU D 160 2.51 -30.94 62.06
N GLY D 161 3.01 -29.70 62.14
CA GLY D 161 2.93 -28.81 63.33
C GLY D 161 1.52 -28.74 63.88
N LEU D 162 0.57 -28.22 63.10
CA LEU D 162 -0.83 -28.07 63.54
C LEU D 162 -1.33 -29.40 64.10
N ALA D 163 -1.12 -30.51 63.39
CA ALA D 163 -1.64 -31.85 63.76
C ALA D 163 -0.97 -32.33 65.05
N SER D 164 0.21 -31.79 65.38
CA SER D 164 1.07 -32.24 66.51
C SER D 164 0.76 -31.42 67.77
N MET D 165 -0.02 -30.35 67.67
CA MET D 165 -0.26 -29.41 68.80
C MET D 165 -1.13 -30.12 69.84
N ALA D 166 -0.84 -29.87 71.12
CA ALA D 166 -1.47 -30.54 72.28
C ALA D 166 -2.75 -29.83 72.71
N ASP D 167 -3.21 -28.81 71.96
CA ASP D 167 -4.50 -28.11 72.19
C ASP D 167 -4.99 -27.48 70.88
N ALA D 168 -6.21 -26.94 70.86
CA ALA D 168 -6.93 -26.43 69.68
C ALA D 168 -6.83 -24.91 69.58
N ARG D 169 -5.90 -24.30 70.32
CA ARG D 169 -5.76 -22.82 70.38
C ARG D 169 -4.75 -22.41 69.32
N ARG D 170 -5.27 -21.93 68.19
CA ARG D 170 -4.56 -21.77 66.90
C ARG D 170 -4.77 -20.34 66.37
N ASP D 171 -4.91 -19.37 67.27
CA ASP D 171 -5.34 -17.97 66.92
C ASP D 171 -4.20 -17.23 66.24
N SER D 172 -2.97 -17.33 66.76
CA SER D 172 -1.82 -16.45 66.43
C SER D 172 -0.65 -17.25 65.87
N ALA D 173 -0.07 -16.79 64.76
CA ALA D 173 1.21 -17.31 64.26
C ALA D 173 2.18 -16.15 64.02
N LEU D 174 3.45 -16.37 64.37
CA LEU D 174 4.59 -15.49 64.02
C LEU D 174 5.53 -16.31 63.14
N VAL D 175 5.75 -15.85 61.91
CA VAL D 175 6.73 -16.43 60.96
C VAL D 175 7.94 -15.51 61.02
N ILE D 176 9.13 -16.08 61.26
CA ILE D 176 10.42 -15.34 61.33
C ILE D 176 11.16 -15.62 60.03
N GLY D 177 11.46 -14.56 59.28
CA GLY D 177 12.16 -14.64 57.99
C GLY D 177 11.25 -14.27 56.85
N GLY D 178 11.70 -13.33 56.01
CA GLY D 178 10.99 -12.84 54.82
C GLY D 178 11.43 -13.56 53.56
N GLY D 179 12.26 -14.60 53.69
CA GLY D 179 12.63 -15.50 52.58
C GLY D 179 11.45 -16.31 52.06
N ALA D 180 11.70 -17.15 51.06
CA ALA D 180 10.68 -18.03 50.42
C ALA D 180 10.01 -18.92 51.47
N ILE D 181 10.81 -19.47 52.40
CA ILE D 181 10.32 -20.39 53.47
C ILE D 181 9.30 -19.62 54.32
N GLY D 182 9.65 -18.42 54.76
CA GLY D 182 8.75 -17.59 55.59
C GLY D 182 7.42 -17.34 54.89
N VAL D 183 7.45 -16.85 53.65
CA VAL D 183 6.23 -16.53 52.86
C VAL D 183 5.41 -17.83 52.74
N ALA D 184 6.07 -18.93 52.38
CA ALA D 184 5.40 -20.24 52.19
C ALA D 184 4.68 -20.62 53.50
N ALA D 185 5.35 -20.46 54.64
CA ALA D 185 4.78 -20.72 55.98
C ALA D 185 3.59 -19.80 56.21
N ALA D 186 3.77 -18.50 55.96
CA ALA D 186 2.69 -17.51 56.17
C ALA D 186 1.44 -17.92 55.36
N ILE D 187 1.59 -18.22 54.06
CA ILE D 187 0.44 -18.51 53.15
C ILE D 187 -0.10 -19.89 53.49
N SER D 188 0.77 -20.86 53.79
CA SER D 188 0.32 -22.19 54.29
C SER D 188 -0.52 -22.02 55.57
N LEU D 189 -0.06 -21.22 56.53
CA LEU D 189 -0.78 -21.03 57.83
C LEU D 189 -2.17 -20.44 57.57
N GLN D 190 -2.30 -19.52 56.62
CA GLN D 190 -3.59 -18.83 56.32
C GLN D 190 -4.52 -19.77 55.54
N ALA D 191 -3.97 -20.57 54.64
CA ALA D 191 -4.72 -21.58 53.85
C ALA D 191 -5.20 -22.71 54.78
N GLN D 192 -4.44 -23.05 55.83
CA GLN D 192 -4.78 -24.17 56.74
C GLN D 192 -5.62 -23.69 57.93
N GLY D 193 -6.03 -22.41 57.97
CA GLY D 193 -7.13 -21.94 58.84
C GLY D 193 -6.68 -21.04 59.97
N VAL D 194 -5.39 -20.67 60.00
CA VAL D 194 -4.83 -19.66 60.94
C VAL D 194 -4.78 -18.33 60.19
N ALA D 195 -5.77 -17.47 60.41
CA ALA D 195 -5.96 -16.22 59.64
C ALA D 195 -4.97 -15.17 60.14
N ASP D 196 -4.80 -15.07 61.47
CA ASP D 196 -4.00 -14.00 62.11
C ASP D 196 -2.51 -14.37 62.03
N VAL D 197 -1.87 -14.11 60.89
CA VAL D 197 -0.44 -14.44 60.68
C VAL D 197 0.37 -13.14 60.59
N THR D 198 1.43 -13.03 61.37
CA THR D 198 2.47 -11.98 61.25
C THR D 198 3.76 -12.61 60.73
N LEU D 199 4.29 -12.14 59.61
CA LEU D 199 5.68 -12.42 59.17
C LEU D 199 6.56 -11.26 59.61
N VAL D 200 7.72 -11.57 60.18
CA VAL D 200 8.67 -10.56 60.73
C VAL D 200 9.98 -10.66 59.94
N GLU D 201 10.47 -9.52 59.46
CA GLU D 201 11.63 -9.42 58.55
C GLU D 201 12.28 -8.07 58.78
N PRO D 202 13.60 -8.01 59.12
CA PRO D 202 14.30 -6.72 59.27
C PRO D 202 14.41 -5.84 58.02
N ASN D 203 14.57 -6.46 56.84
CA ASN D 203 14.90 -5.79 55.56
C ASN D 203 13.70 -5.00 55.04
N ALA D 204 13.78 -3.67 55.09
CA ALA D 204 12.70 -2.75 54.63
C ALA D 204 12.31 -3.07 53.18
N MET D 205 13.30 -3.34 52.33
CA MET D 205 13.03 -3.59 50.88
C MET D 205 12.08 -4.79 50.76
N ARG D 206 12.38 -5.92 51.40
CA ARG D 206 11.50 -7.10 51.16
C ARG D 206 10.16 -6.88 51.84
N ARG D 207 10.14 -6.18 52.97
CA ARG D 207 8.86 -5.82 53.62
C ARG D 207 7.98 -5.13 52.57
N GLU D 208 8.49 -4.12 51.86
CA GLU D 208 7.69 -3.42 50.82
C GLU D 208 7.32 -4.40 49.70
N TYR D 209 8.28 -5.19 49.23
CA TYR D 209 7.99 -6.17 48.15
C TYR D 209 6.76 -6.98 48.59
N LEU D 210 6.85 -7.63 49.75
CA LEU D 210 5.85 -8.61 50.25
C LEU D 210 4.50 -7.90 50.45
N ALA D 211 4.49 -6.68 50.97
CA ALA D 211 3.25 -5.93 51.30
C ALA D 211 2.39 -5.67 50.06
N ARG D 212 2.95 -5.75 48.84
CA ARG D 212 2.20 -5.61 47.55
C ARG D 212 0.91 -6.43 47.63
N ASP D 213 1.03 -7.76 47.74
CA ASP D 213 -0.12 -8.71 47.70
C ASP D 213 -0.11 -9.64 48.91
N ALA D 214 0.47 -9.22 50.05
CA ALA D 214 0.45 -9.96 51.33
C ALA D 214 -0.97 -9.92 51.92
N ASN D 215 -1.60 -11.09 52.09
CA ASN D 215 -2.93 -11.19 52.76
C ASN D 215 -2.69 -11.29 54.28
N TYR D 216 -1.43 -11.44 54.70
CA TYR D 216 -1.02 -11.60 56.12
C TYR D 216 -0.24 -10.36 56.53
N THR D 217 -0.19 -10.09 57.83
CA THR D 217 0.51 -8.91 58.40
C THR D 217 2.02 -9.07 58.20
N ILE D 218 2.67 -8.01 57.77
CA ILE D 218 4.14 -7.92 57.67
C ILE D 218 4.60 -6.85 58.66
N ALA D 219 5.63 -7.17 59.46
CA ALA D 219 6.19 -6.29 60.50
C ALA D 219 7.69 -6.49 60.62
N THR D 220 8.32 -5.65 61.42
CA THR D 220 9.76 -5.71 61.80
C THR D 220 9.85 -6.34 63.18
N PRO D 221 11.04 -6.81 63.61
CA PRO D 221 11.18 -7.45 64.92
C PRO D 221 10.61 -6.60 66.05
N GLU D 222 10.70 -5.28 65.91
CA GLU D 222 10.55 -4.35 67.07
C GLU D 222 9.04 -4.17 67.32
N GLN D 223 8.21 -4.27 66.27
CA GLN D 223 6.74 -4.07 66.35
C GLN D 223 6.05 -5.26 67.04
N VAL D 224 6.76 -6.38 67.19
N VAL D 224 6.77 -6.38 67.19
CA VAL D 224 6.25 -7.64 67.84
CA VAL D 224 6.26 -7.63 67.84
C VAL D 224 7.07 -7.96 69.09
C VAL D 224 7.14 -7.99 69.04
N ALA D 225 7.90 -7.02 69.57
CA ALA D 225 8.76 -7.22 70.75
C ALA D 225 7.88 -7.53 71.98
N GLY D 226 8.18 -8.63 72.68
CA GLY D 226 7.47 -9.01 73.91
C GLY D 226 6.11 -9.68 73.67
N ARG D 227 5.73 -9.92 72.41
N ARG D 227 5.74 -9.93 72.41
CA ARG D 227 4.46 -10.63 72.07
CA ARG D 227 4.45 -10.61 72.06
C ARG D 227 4.71 -12.13 72.08
C ARG D 227 4.68 -12.12 72.03
N VAL D 228 3.63 -12.90 72.28
CA VAL D 228 3.66 -14.38 72.28
C VAL D 228 2.52 -14.83 71.37
N PHE D 229 2.71 -15.96 70.70
CA PHE D 229 1.80 -16.50 69.66
C PHE D 229 1.57 -17.97 69.94
N ASP D 230 0.44 -18.49 69.48
CA ASP D 230 0.13 -19.93 69.57
C ASP D 230 1.18 -20.72 68.78
N ILE D 231 1.58 -20.19 67.62
CA ILE D 231 2.50 -20.86 66.64
C ILE D 231 3.63 -19.92 66.27
N THR D 232 4.86 -20.44 66.28
CA THR D 232 6.06 -19.73 65.73
C THR D 232 6.69 -20.65 64.69
N VAL D 233 7.12 -20.06 63.58
CA VAL D 233 7.86 -20.74 62.48
C VAL D 233 9.19 -20.02 62.31
N ASP D 234 10.28 -20.66 62.68
CA ASP D 234 11.62 -20.11 62.40
C ASP D 234 12.02 -20.53 60.98
N GLY D 235 11.76 -19.69 59.98
CA GLY D 235 12.14 -19.93 58.57
C GLY D 235 13.58 -19.55 58.26
N VAL D 236 14.41 -19.26 59.27
CA VAL D 236 15.80 -18.72 59.07
C VAL D 236 16.80 -19.65 59.74
N GLY D 237 16.60 -19.95 61.03
CA GLY D 237 17.34 -21.01 61.74
C GLY D 237 18.77 -20.60 62.05
N TYR D 238 18.94 -19.45 62.70
CA TYR D 238 20.16 -19.10 63.48
C TYR D 238 19.86 -19.20 64.98
N ASP D 239 20.90 -19.25 65.81
CA ASP D 239 20.75 -19.18 67.29
C ASP D 239 19.78 -18.03 67.64
N ALA D 240 19.99 -16.84 67.07
CA ALA D 240 19.20 -15.63 67.39
C ALA D 240 17.73 -15.91 67.08
N THR D 241 17.46 -16.56 65.94
CA THR D 241 16.07 -16.81 65.49
C THR D 241 15.43 -17.89 66.35
N ARG D 242 16.23 -18.86 66.79
CA ARG D 242 15.77 -19.93 67.71
C ARG D 242 15.41 -19.29 69.06
N ALA D 243 16.26 -18.39 69.57
CA ALA D 243 16.04 -17.62 70.81
C ALA D 243 14.77 -16.80 70.71
N ALA D 244 14.57 -16.14 69.56
CA ALA D 244 13.41 -15.28 69.30
C ALA D 244 12.13 -16.14 69.29
N ALA D 245 12.16 -17.25 68.56
CA ALA D 245 11.03 -18.20 68.48
C ALA D 245 10.70 -18.72 69.88
N SER D 246 11.70 -19.09 70.65
CA SER D 246 11.54 -19.58 72.05
C SER D 246 10.74 -18.57 72.87
N ALA D 247 11.19 -17.31 72.91
CA ALA D 247 10.56 -16.24 73.71
C ALA D 247 9.13 -15.95 73.23
N ALA D 248 8.85 -16.08 71.91
CA ALA D 248 7.58 -15.61 71.30
C ALA D 248 6.52 -16.74 71.23
N THR D 249 6.86 -17.97 71.62
CA THR D 249 5.90 -19.10 71.68
C THR D 249 5.21 -19.09 73.05
N ARG D 250 3.87 -19.05 73.04
CA ARG D 250 3.01 -19.09 74.25
C ARG D 250 3.19 -20.44 74.92
N PRO D 251 2.99 -20.55 76.26
CA PRO D 251 3.11 -21.83 76.96
C PRO D 251 2.14 -22.87 76.38
N GLY D 252 2.64 -24.07 76.07
CA GLY D 252 1.83 -25.12 75.42
C GLY D 252 1.80 -24.98 73.90
N GLY D 253 2.58 -24.04 73.36
CA GLY D 253 2.52 -23.62 71.94
C GLY D 253 3.42 -24.43 71.06
N LEU D 254 3.43 -24.11 69.76
CA LEU D 254 4.23 -24.83 68.74
C LEU D 254 5.37 -23.93 68.27
N LEU D 255 6.57 -24.49 68.18
CA LEU D 255 7.76 -23.86 67.55
C LEU D 255 8.21 -24.76 66.40
N LEU D 256 7.90 -24.34 65.17
CA LEU D 256 8.37 -25.07 63.95
C LEU D 256 9.73 -24.51 63.53
N HIS D 257 10.71 -25.38 63.39
CA HIS D 257 12.10 -25.04 63.01
C HIS D 257 12.41 -25.61 61.63
N ILE D 258 12.32 -24.79 60.57
CA ILE D 258 12.56 -25.20 59.15
C ILE D 258 13.97 -24.75 58.71
N GLY D 259 14.28 -23.46 58.84
CA GLY D 259 15.54 -22.86 58.34
C GLY D 259 16.76 -23.60 58.87
N LEU D 260 17.86 -23.57 58.11
CA LEU D 260 19.12 -24.29 58.43
C LEU D 260 20.31 -23.32 58.40
N GLY D 261 20.09 -22.09 58.87
CA GLY D 261 21.10 -21.02 58.95
C GLY D 261 22.40 -21.54 59.52
N GLY D 262 22.40 -21.92 60.79
CA GLY D 262 23.60 -22.44 61.49
C GLY D 262 23.46 -22.29 63.00
N GLY D 263 24.44 -22.82 63.74
CA GLY D 263 24.46 -22.78 65.21
C GLY D 263 23.88 -24.05 65.78
N SER D 264 24.27 -24.41 67.00
CA SER D 264 23.86 -25.64 67.72
C SER D 264 23.09 -25.28 69.00
N ALA D 265 22.69 -24.02 69.16
CA ALA D 265 22.03 -23.49 70.38
C ALA D 265 20.91 -22.54 69.97
N GLY D 266 20.48 -21.66 70.88
CA GLY D 266 19.46 -20.65 70.60
C GLY D 266 18.16 -21.00 71.28
N LEU D 267 17.82 -22.28 71.36
CA LEU D 267 16.62 -22.73 72.10
C LEU D 267 16.80 -22.43 73.59
N ASP D 268 15.78 -21.79 74.19
CA ASP D 268 15.67 -21.60 75.66
C ASP D 268 15.11 -22.91 76.22
N ILE D 269 16.01 -23.82 76.60
CA ILE D 269 15.62 -25.18 77.07
C ILE D 269 14.69 -25.01 78.27
N ARG D 270 15.01 -24.11 79.20
CA ARG D 270 14.26 -23.90 80.47
C ARG D 270 12.84 -23.48 80.14
N ARG D 271 12.67 -22.48 79.27
CA ARG D 271 11.32 -21.99 78.88
C ARG D 271 10.54 -23.16 78.24
N ILE D 272 11.18 -23.90 77.35
CA ILE D 272 10.51 -25.01 76.60
C ILE D 272 10.07 -26.07 77.59
N THR D 273 10.81 -26.27 78.70
CA THR D 273 10.46 -27.29 79.70
C THR D 273 9.39 -26.72 80.64
N LEU D 274 9.67 -25.62 81.32
CA LEU D 274 8.73 -25.04 82.32
C LEU D 274 7.44 -24.55 81.67
N GLN D 275 7.47 -24.21 80.38
CA GLN D 275 6.26 -23.74 79.67
C GLN D 275 5.78 -24.78 78.66
N GLU D 276 6.39 -25.96 78.63
CA GLU D 276 5.89 -27.13 77.84
C GLU D 276 5.60 -26.71 76.39
N ILE D 277 6.65 -26.38 75.65
CA ILE D 277 6.57 -25.99 74.22
C ILE D 277 6.85 -27.23 73.36
N THR D 278 6.03 -27.45 72.34
CA THR D 278 6.26 -28.51 71.33
C THR D 278 7.18 -27.91 70.27
N VAL D 279 8.43 -28.38 70.22
CA VAL D 279 9.43 -27.99 69.19
C VAL D 279 9.55 -29.10 68.15
N ILE D 280 9.30 -28.79 66.88
CA ILE D 280 9.36 -29.79 65.78
C ILE D 280 10.25 -29.24 64.66
N GLY D 281 11.43 -29.82 64.48
CA GLY D 281 12.24 -29.65 63.27
C GLY D 281 11.56 -30.36 62.10
N THR D 282 11.59 -29.76 60.91
CA THR D 282 10.92 -30.31 59.69
C THR D 282 11.93 -30.50 58.56
N TYR D 283 11.68 -31.51 57.73
CA TYR D 283 12.45 -31.81 56.50
C TYR D 283 11.49 -31.95 55.34
N THR D 284 11.68 -31.11 54.32
CA THR D 284 10.98 -31.21 53.02
C THR D 284 9.48 -31.45 53.26
N TYR D 285 8.95 -32.54 52.71
CA TYR D 285 7.50 -32.72 52.47
C TYR D 285 7.30 -34.18 52.08
N THR D 286 6.13 -34.73 52.41
CA THR D 286 5.68 -36.04 51.91
C THR D 286 5.24 -35.83 50.46
N ALA D 287 5.30 -36.88 49.64
CA ALA D 287 4.76 -36.89 48.28
C ALA D 287 3.31 -36.40 48.32
N GLN D 288 2.55 -36.77 49.36
CA GLN D 288 1.13 -36.35 49.51
C GLN D 288 1.05 -34.85 49.83
N ASP D 289 2.05 -34.31 50.54
CA ASP D 289 2.14 -32.86 50.87
C ASP D 289 2.38 -32.09 49.56
N PHE D 290 3.33 -32.54 48.75
CA PHE D 290 3.61 -31.95 47.42
C PHE D 290 2.30 -31.86 46.61
N ARG D 291 1.57 -32.97 46.51
CA ARG D 291 0.32 -33.06 45.71
C ARG D 291 -0.76 -32.15 46.32
N ASP D 292 -0.91 -32.17 47.64
CA ASP D 292 -1.87 -31.29 48.36
C ASP D 292 -1.51 -29.82 48.09
N THR D 293 -0.21 -29.49 48.12
CA THR D 293 0.31 -28.11 47.93
C THR D 293 -0.09 -27.65 46.52
N CYS D 294 0.32 -28.42 45.50
CA CYS D 294 -0.02 -28.16 44.08
C CYS D 294 -1.53 -27.87 44.02
N ALA D 295 -2.36 -28.73 44.63
CA ALA D 295 -3.83 -28.64 44.61
C ALA D 295 -4.28 -27.29 45.18
N ALA D 296 -3.68 -26.88 46.30
CA ALA D 296 -4.01 -25.63 47.03
C ALA D 296 -3.52 -24.40 46.25
N MET D 297 -2.40 -24.52 45.53
CA MET D 297 -1.90 -23.43 44.64
C MET D 297 -2.91 -23.26 43.51
N PHE D 298 -3.19 -24.35 42.78
CA PHE D 298 -3.97 -24.32 41.50
C PHE D 298 -5.39 -23.82 41.74
N ASP D 299 -5.96 -23.99 42.94
CA ASP D 299 -7.38 -23.59 43.20
C ASP D 299 -7.40 -22.27 43.94
N GLY D 300 -6.24 -21.64 44.12
CA GLY D 300 -6.13 -20.24 44.57
C GLY D 300 -6.16 -20.08 46.08
N ARG D 301 -5.87 -21.13 46.85
CA ARG D 301 -5.91 -21.08 48.33
C ARG D 301 -4.62 -20.43 48.87
N LEU D 302 -3.54 -20.42 48.08
CA LEU D 302 -2.20 -19.94 48.53
C LEU D 302 -1.86 -18.57 47.91
N GLY D 303 -2.86 -17.77 47.55
CA GLY D 303 -2.68 -16.38 47.10
C GLY D 303 -2.08 -16.28 45.71
N GLY D 304 -1.68 -15.08 45.31
CA GLY D 304 -1.34 -14.72 43.91
C GLY D 304 -0.07 -15.39 43.41
N LEU D 305 0.87 -15.73 44.30
CA LEU D 305 2.14 -16.46 43.98
C LEU D 305 3.01 -15.67 42.98
N ASP D 306 3.01 -14.33 43.07
CA ASP D 306 3.95 -13.46 42.31
C ASP D 306 5.31 -13.32 42.99
N TRP D 307 5.52 -13.80 44.21
CA TRP D 307 6.67 -13.31 45.01
C TRP D 307 7.99 -13.78 44.37
N THR D 308 8.07 -13.57 43.04
CA THR D 308 9.06 -14.13 42.09
C THR D 308 9.55 -13.02 41.15
N GLU D 309 10.83 -13.08 40.76
N GLU D 309 10.82 -13.10 40.72
CA GLU D 309 11.37 -12.36 39.57
CA GLU D 309 11.36 -12.34 39.56
C GLU D 309 12.17 -13.37 38.73
C GLU D 309 12.20 -13.31 38.73
N SER D 310 12.07 -13.25 37.40
CA SER D 310 12.65 -14.23 36.45
C SER D 310 13.98 -13.71 35.91
N ARG D 311 14.85 -14.64 35.51
CA ARG D 311 16.10 -14.37 34.77
C ARG D 311 16.43 -15.52 33.86
N PRO D 312 17.17 -15.26 32.75
CA PRO D 312 17.61 -16.31 31.85
C PRO D 312 18.63 -17.18 32.59
N LEU D 313 18.66 -18.47 32.27
CA LEU D 313 19.66 -19.40 32.84
C LEU D 313 21.07 -18.90 32.49
N SER D 314 21.23 -18.29 31.31
CA SER D 314 22.51 -17.73 30.80
C SER D 314 23.00 -16.65 31.77
N ALA D 315 22.10 -16.03 32.52
CA ALA D 315 22.42 -14.97 33.50
C ALA D 315 22.33 -15.51 34.94
N GLY D 316 22.48 -16.82 35.11
CA GLY D 316 22.32 -17.45 36.43
C GLY D 316 23.36 -16.93 37.42
N ALA D 317 24.63 -16.97 37.04
CA ALA D 317 25.79 -16.56 37.85
C ALA D 317 25.53 -15.17 38.45
N ASP D 318 25.16 -14.27 37.54
CA ASP D 318 24.93 -12.84 37.81
C ASP D 318 23.82 -12.74 38.85
N ALA D 319 22.77 -13.57 38.69
CA ALA D 319 21.58 -13.63 39.56
C ALA D 319 21.97 -14.08 40.98
N PHE D 320 22.96 -14.96 41.09
CA PHE D 320 23.47 -15.47 42.39
C PHE D 320 24.15 -14.32 43.15
N ALA D 321 25.00 -13.56 42.43
CA ALA D 321 25.68 -12.36 42.95
C ALA D 321 24.63 -11.38 43.51
N ASP D 322 23.53 -11.15 42.79
CA ASP D 322 22.45 -10.21 43.20
C ASP D 322 21.78 -10.67 44.51
N ILE D 323 21.55 -11.98 44.71
CA ILE D 323 20.99 -12.51 46.00
C ILE D 323 22.05 -12.29 47.09
N ARG D 324 23.31 -12.64 46.79
CA ARG D 324 24.44 -12.53 47.75
C ARG D 324 24.51 -11.08 48.28
N ALA D 325 24.64 -10.10 47.38
CA ALA D 325 24.67 -8.64 47.67
C ALA D 325 23.35 -8.18 48.32
N GLY D 326 22.35 -9.06 48.43
CA GLY D 326 21.05 -8.76 49.06
C GLY D 326 20.34 -7.60 48.36
N ARG D 327 20.21 -7.67 47.03
CA ARG D 327 19.53 -6.65 46.20
C ARG D 327 18.37 -7.21 45.40
N VAL D 328 17.84 -8.38 45.77
CA VAL D 328 16.65 -8.94 45.07
C VAL D 328 15.46 -8.63 45.97
N PRO D 329 14.60 -7.67 45.58
CA PRO D 329 13.35 -7.40 46.31
C PRO D 329 12.44 -8.64 46.48
N ALA D 330 12.35 -9.48 45.45
CA ALA D 330 11.57 -10.73 45.50
C ALA D 330 12.31 -11.76 46.36
N PRO D 331 11.56 -12.57 47.15
CA PRO D 331 12.16 -13.67 47.91
C PRO D 331 12.55 -14.90 47.07
N LYS D 332 12.19 -14.94 45.79
CA LYS D 332 12.52 -16.09 44.90
C LYS D 332 12.98 -15.58 43.54
N ILE D 333 14.14 -16.05 43.06
CA ILE D 333 14.53 -15.88 41.64
C ILE D 333 14.23 -17.19 40.90
N ILE D 334 13.51 -17.07 39.80
CA ILE D 334 13.24 -18.21 38.87
C ILE D 334 14.14 -18.06 37.66
N LEU D 335 14.99 -19.05 37.40
CA LEU D 335 15.83 -19.09 36.17
C LEU D 335 15.00 -19.71 35.04
N LYS D 336 15.29 -19.28 33.81
CA LYS D 336 14.55 -19.60 32.56
C LYS D 336 15.53 -20.18 31.55
N PRO D 337 15.65 -21.52 31.46
N PRO D 337 15.67 -21.53 31.47
CA PRO D 337 16.50 -22.16 30.45
CA PRO D 337 16.46 -22.16 30.42
C PRO D 337 15.94 -21.97 29.02
C PRO D 337 15.74 -22.08 29.06
ZN ZN E . -22.24 28.29 -59.85
ZN ZN F . -25.79 10.14 -23.58
ZN ZN G . -25.36 23.03 -40.07
ZN ZN H . -1.83 8.33 -43.73
ZN ZN I . 18.25 1.99 -9.33
ZN ZN J . 11.12 2.93 -28.05
ZN ZN K . 9.06 1.31 1.83
ZN ZN L . -0.41 -5.88 17.82
ZN ZN M . 11.31 -45.04 51.78
ZN ZN N . 13.88 -25.60 47.56
#